data_1D1R
#
_entry.id   1D1R
#
_cell.length_a   1.000
_cell.length_b   1.000
_cell.length_c   1.000
_cell.angle_alpha   90.00
_cell.angle_beta   90.00
_cell.angle_gamma   90.00
#
_symmetry.space_group_name_H-M   'P 1'
#
_entity_poly.entity_id   1
_entity_poly.type   'polypeptide(L)'
_entity_poly.pdbx_seq_one_letter_code
;MSDSNSRLVYSTETGRIDEPKAAPVRPKGDGVVRIQRQTSGRKGKGVCLITGVDLDDAELTKLAAELKKKCGCGGAVKDG
VIEIQGDKRDLLKSLLEAKGMKVKLAGGLEHHHHHH
;
_entity_poly.pdbx_strand_id   A
#
# COMPACT_ATOMS: atom_id res chain seq x y z
N LYS A 28 -16.96 8.26 -9.79
CA LYS A 28 -17.60 8.22 -8.43
C LYS A 28 -16.62 7.60 -7.42
N GLY A 29 -15.54 8.27 -7.15
CA GLY A 29 -14.55 7.72 -6.18
C GLY A 29 -13.56 8.82 -5.79
N ASP A 30 -12.80 9.31 -6.73
CA ASP A 30 -11.81 10.38 -6.41
C ASP A 30 -10.73 9.81 -5.49
N GLY A 31 -9.85 8.99 -6.01
CA GLY A 31 -8.78 8.41 -5.16
C GLY A 31 -8.43 7.01 -5.67
N VAL A 32 -7.17 6.76 -5.94
CA VAL A 32 -6.77 5.42 -6.44
C VAL A 32 -5.54 4.94 -5.67
N VAL A 33 -5.63 3.82 -5.01
CA VAL A 33 -4.47 3.31 -4.24
C VAL A 33 -3.70 2.28 -5.09
N ARG A 34 -2.40 2.36 -5.11
CA ARG A 34 -1.61 1.40 -5.92
C ARG A 34 -0.49 0.80 -5.06
N ILE A 35 -0.44 -0.50 -4.95
CA ILE A 35 0.62 -1.14 -4.12
C ILE A 35 1.62 -1.86 -5.04
N GLN A 36 2.88 -1.55 -4.90
CA GLN A 36 3.90 -2.21 -5.77
C GLN A 36 4.93 -2.93 -4.88
N ARG A 37 5.65 -3.86 -5.44
CA ARG A 37 6.66 -4.60 -4.63
C ARG A 37 7.99 -4.65 -5.39
N GLN A 38 8.94 -3.86 -4.99
CA GLN A 38 10.25 -3.85 -5.69
C GLN A 38 11.17 -4.91 -5.07
N THR A 39 11.00 -6.14 -5.46
CA THR A 39 11.86 -7.22 -4.89
C THR A 39 13.22 -7.19 -5.57
N SER A 40 14.07 -8.16 -5.29
CA SER A 40 15.42 -8.18 -5.92
C SER A 40 15.76 -9.61 -6.32
N GLY A 41 14.79 -10.45 -6.49
CA GLY A 41 15.06 -11.87 -6.88
C GLY A 41 13.87 -12.74 -6.50
N ARG A 42 14.09 -14.02 -6.33
CA ARG A 42 12.96 -14.93 -5.97
C ARG A 42 12.55 -14.65 -4.52
N LYS A 43 13.34 -15.09 -3.57
CA LYS A 43 12.98 -14.86 -2.14
C LYS A 43 14.24 -14.48 -1.37
N GLY A 44 14.30 -13.29 -0.84
CA GLY A 44 15.51 -12.87 -0.07
C GLY A 44 15.25 -11.51 0.58
N LYS A 45 14.60 -10.62 -0.12
CA LYS A 45 14.33 -9.27 0.47
C LYS A 45 13.32 -8.53 -0.42
N GLY A 46 12.12 -8.34 0.07
CA GLY A 46 11.10 -7.62 -0.74
C GLY A 46 10.66 -6.35 0.00
N VAL A 47 10.28 -5.33 -0.73
CA VAL A 47 9.85 -4.07 -0.05
C VAL A 47 8.47 -3.67 -0.57
N CYS A 48 7.75 -2.88 0.18
CA CYS A 48 6.39 -2.46 -0.27
C CYS A 48 6.27 -0.94 -0.18
N LEU A 49 5.94 -0.28 -1.25
CA LEU A 49 5.81 1.20 -1.21
C LEU A 49 4.36 1.59 -1.48
N ILE A 50 3.75 2.32 -0.59
CA ILE A 50 2.33 2.74 -0.80
C ILE A 50 2.27 4.23 -1.16
N THR A 51 1.76 4.54 -2.31
CA THR A 51 1.67 5.97 -2.73
C THR A 51 0.61 6.12 -3.82
N GLY A 52 0.09 7.31 -3.99
CA GLY A 52 -0.95 7.52 -5.04
C GLY A 52 -2.30 7.76 -4.37
N VAL A 53 -2.46 7.29 -3.16
CA VAL A 53 -3.77 7.50 -2.45
C VAL A 53 -4.17 8.97 -2.55
N ASP A 54 -4.97 9.31 -3.53
CA ASP A 54 -5.40 10.73 -3.68
C ASP A 54 -6.53 11.04 -2.69
N LEU A 55 -6.19 11.39 -1.48
CA LEU A 55 -7.25 11.70 -0.47
C LEU A 55 -6.76 12.81 0.45
N ASP A 56 -7.63 13.39 1.23
CA ASP A 56 -7.21 14.47 2.16
C ASP A 56 -5.91 14.06 2.87
N ASP A 57 -5.10 15.01 3.23
CA ASP A 57 -3.82 14.68 3.91
C ASP A 57 -4.12 13.95 5.23
N ALA A 58 -4.94 14.52 6.06
CA ALA A 58 -5.27 13.86 7.35
C ALA A 58 -5.82 12.45 7.10
N GLU A 59 -6.62 12.30 6.08
CA GLU A 59 -7.19 10.96 5.77
C GLU A 59 -6.06 9.98 5.45
N LEU A 60 -5.06 10.42 4.74
CA LEU A 60 -3.93 9.51 4.39
C LEU A 60 -3.29 8.97 5.67
N THR A 61 -3.09 9.83 6.64
CA THR A 61 -2.46 9.38 7.92
C THR A 61 -3.34 8.31 8.57
N LYS A 62 -4.63 8.40 8.42
CA LYS A 62 -5.54 7.40 9.04
C LYS A 62 -5.42 6.07 8.29
N LEU A 63 -5.22 6.12 7.00
CA LEU A 63 -5.09 4.86 6.21
C LEU A 63 -3.82 4.12 6.63
N ALA A 64 -2.68 4.74 6.48
CA ALA A 64 -1.41 4.07 6.87
C ALA A 64 -1.47 3.66 8.35
N ALA A 65 -2.13 4.44 9.16
CA ALA A 65 -2.22 4.09 10.61
C ALA A 65 -3.04 2.81 10.78
N GLU A 66 -4.03 2.60 9.95
CA GLU A 66 -4.87 1.37 10.07
C GLU A 66 -4.05 0.15 9.68
N LEU A 67 -3.31 0.25 8.60
CA LEU A 67 -2.49 -0.92 8.14
C LEU A 67 -1.42 -1.23 9.21
N LYS A 68 -0.83 -0.22 9.78
CA LYS A 68 0.22 -0.45 10.81
C LYS A 68 -0.43 -0.89 12.12
N LYS A 69 -1.72 -0.95 12.17
CA LYS A 69 -2.41 -1.37 13.43
C LYS A 69 -2.30 -2.88 13.61
N LYS A 70 -2.64 -3.63 12.59
CA LYS A 70 -2.56 -5.12 12.72
C LYS A 70 -2.01 -5.73 11.43
N CYS A 71 -0.79 -5.43 11.09
CA CYS A 71 -0.21 -6.00 9.83
C CYS A 71 1.15 -6.66 10.14
N GLY A 72 1.72 -6.38 11.28
CA GLY A 72 3.03 -7.00 11.61
C GLY A 72 4.16 -6.03 11.26
N CYS A 73 4.38 -5.05 12.12
CA CYS A 73 5.44 -4.01 11.91
C CYS A 73 4.76 -2.65 11.64
N GLY A 74 4.86 -1.74 12.56
CA GLY A 74 4.22 -0.41 12.36
C GLY A 74 4.91 0.35 11.22
N GLY A 75 4.23 0.52 10.13
CA GLY A 75 4.83 1.26 8.98
C GLY A 75 4.67 2.76 9.19
N ALA A 76 5.59 3.54 8.71
CA ALA A 76 5.48 5.02 8.90
C ALA A 76 5.11 5.68 7.56
N VAL A 77 4.75 6.94 7.60
CA VAL A 77 4.38 7.64 6.34
C VAL A 77 5.51 8.61 5.96
N LYS A 78 5.53 9.05 4.73
CA LYS A 78 6.60 10.00 4.31
C LYS A 78 6.05 10.92 3.21
N ASP A 79 5.37 11.96 3.59
CA ASP A 79 4.81 12.90 2.58
C ASP A 79 4.14 12.11 1.45
N GLY A 80 3.06 11.43 1.75
CA GLY A 80 2.36 10.65 0.70
C GLY A 80 3.14 9.38 0.38
N VAL A 81 4.15 9.07 1.14
CA VAL A 81 4.94 7.85 0.87
C VAL A 81 4.98 6.98 2.12
N ILE A 82 4.14 5.97 2.18
CA ILE A 82 4.12 5.08 3.37
C ILE A 82 5.03 3.88 3.12
N GLU A 83 5.99 3.66 4.00
CA GLU A 83 6.91 2.50 3.81
C GLU A 83 6.35 1.28 4.55
N ILE A 84 6.17 0.19 3.85
CA ILE A 84 5.64 -1.04 4.52
C ILE A 84 6.56 -2.22 4.21
N GLN A 85 7.21 -2.75 5.22
CA GLN A 85 8.12 -3.90 4.98
C GLN A 85 7.34 -5.21 5.02
N GLY A 86 7.10 -5.81 3.88
CA GLY A 86 6.34 -7.09 3.86
C GLY A 86 5.82 -7.35 2.44
N ASP A 87 5.91 -8.56 1.98
CA ASP A 87 5.43 -8.87 0.61
C ASP A 87 4.01 -9.45 0.68
N LYS A 88 3.06 -8.65 1.13
CA LYS A 88 1.66 -9.16 1.23
C LYS A 88 0.79 -8.43 0.21
N ARG A 89 1.31 -8.13 -0.94
CA ARG A 89 0.51 -7.42 -1.97
C ARG A 89 -0.89 -8.05 -2.05
N ASP A 90 -0.98 -9.34 -1.87
CA ASP A 90 -2.31 -10.00 -1.93
C ASP A 90 -3.25 -9.36 -0.91
N LEU A 91 -2.83 -9.27 0.32
CA LEU A 91 -3.69 -8.65 1.37
C LEU A 91 -3.90 -7.17 1.05
N LEU A 92 -2.96 -6.57 0.36
CA LEU A 92 -3.10 -5.13 0.03
C LEU A 92 -4.33 -4.92 -0.88
N LYS A 93 -4.47 -5.75 -1.88
CA LYS A 93 -5.64 -5.61 -2.80
C LYS A 93 -6.93 -5.81 -2.00
N SER A 94 -6.89 -6.60 -0.98
CA SER A 94 -8.12 -6.83 -0.16
C SER A 94 -8.47 -5.56 0.61
N LEU A 95 -7.68 -5.20 1.57
CA LEU A 95 -7.98 -3.96 2.35
C LEU A 95 -8.37 -2.83 1.40
N LEU A 96 -7.77 -2.79 0.23
CA LEU A 96 -8.12 -1.71 -0.74
C LEU A 96 -9.57 -1.87 -1.18
N GLU A 97 -9.97 -3.07 -1.54
CA GLU A 97 -11.37 -3.29 -1.98
C GLU A 97 -12.31 -3.09 -0.79
N ALA A 98 -11.77 -2.95 0.40
CA ALA A 98 -12.64 -2.76 1.60
C ALA A 98 -13.27 -1.36 1.54
N LYS A 99 -12.56 -0.40 1.00
CA LYS A 99 -13.12 0.98 0.93
C LYS A 99 -13.99 1.10 -0.33
N GLY A 100 -13.72 0.32 -1.33
CA GLY A 100 -14.52 0.40 -2.58
C GLY A 100 -13.85 1.36 -3.56
N MET A 101 -12.61 1.68 -3.33
CA MET A 101 -11.90 2.61 -4.25
C MET A 101 -11.27 1.82 -5.40
N LYS A 102 -10.51 2.47 -6.24
CA LYS A 102 -9.88 1.75 -7.38
C LYS A 102 -8.49 1.25 -6.96
N VAL A 103 -7.93 0.34 -7.70
CA VAL A 103 -6.58 -0.19 -7.34
C VAL A 103 -5.75 -0.37 -8.61
N LYS A 104 -4.45 -0.41 -8.49
CA LYS A 104 -3.60 -0.59 -9.69
C LYS A 104 -2.59 -1.71 -9.43
N LEU A 105 -3.06 -2.91 -9.19
CA LEU A 105 -2.12 -4.04 -8.92
C LEU A 105 -0.99 -4.01 -9.95
N ALA A 106 0.15 -3.47 -9.58
CA ALA A 106 1.28 -3.41 -10.53
C ALA A 106 1.83 -4.82 -10.78
N GLY A 107 2.61 -4.99 -11.80
CA GLY A 107 3.17 -6.35 -12.09
C GLY A 107 4.02 -6.30 -13.36
N GLY A 108 4.40 -7.43 -13.88
CA GLY A 108 5.23 -7.44 -15.11
C GLY A 108 6.10 -8.70 -15.14
N LEU A 109 6.61 -9.06 -16.28
CA LEU A 109 7.46 -10.28 -16.37
C LEU A 109 8.91 -9.87 -16.64
N GLU A 110 9.82 -10.30 -15.81
CA GLU A 110 11.25 -9.93 -16.03
C GLU A 110 12.14 -11.13 -15.71
N LYS A 28 -19.23 10.18 -6.42
CA LYS A 28 -18.40 10.76 -7.51
C LYS A 28 -16.97 10.99 -7.00
N GLY A 29 -16.32 9.95 -6.56
CA GLY A 29 -14.92 10.10 -6.06
C GLY A 29 -14.38 8.73 -5.65
N ASP A 30 -13.96 7.93 -6.59
CA ASP A 30 -13.42 6.59 -6.26
C ASP A 30 -11.90 6.67 -6.10
N GLY A 31 -11.38 6.15 -5.02
CA GLY A 31 -9.90 6.20 -4.81
C GLY A 31 -9.25 5.00 -5.50
N VAL A 32 -7.97 5.07 -5.74
CA VAL A 32 -7.27 3.94 -6.41
C VAL A 32 -5.86 3.78 -5.82
N VAL A 33 -5.71 2.88 -4.89
CA VAL A 33 -4.37 2.68 -4.27
C VAL A 33 -3.66 1.50 -4.94
N ARG A 34 -2.37 1.58 -5.09
CA ARG A 34 -1.63 0.45 -5.75
C ARG A 34 -0.48 0.01 -4.84
N ILE A 35 -0.37 -1.28 -4.61
CA ILE A 35 0.73 -1.78 -3.74
C ILE A 35 1.54 -2.84 -4.50
N GLN A 36 2.73 -2.51 -4.92
CA GLN A 36 3.56 -3.49 -5.66
C GLN A 36 4.79 -3.85 -4.82
N ARG A 37 5.68 -4.63 -5.36
CA ARG A 37 6.90 -5.01 -4.60
C ARG A 37 8.13 -4.84 -5.48
N GLN A 38 9.04 -3.98 -5.09
CA GLN A 38 10.26 -3.76 -5.92
C GLN A 38 11.40 -4.63 -5.37
N THR A 39 12.08 -5.34 -6.23
CA THR A 39 13.20 -6.20 -5.77
C THR A 39 14.52 -5.71 -6.38
N SER A 40 15.61 -5.92 -5.69
CA SER A 40 16.92 -5.47 -6.23
C SER A 40 17.74 -6.68 -6.67
N GLY A 41 17.09 -7.78 -6.97
CA GLY A 41 17.83 -8.99 -7.40
C GLY A 41 17.20 -10.23 -6.76
N ARG A 42 17.70 -11.39 -7.08
CA ARG A 42 17.12 -12.64 -6.49
C ARG A 42 17.44 -12.68 -4.99
N LYS A 43 16.44 -12.65 -4.16
CA LYS A 43 16.69 -12.68 -2.69
C LYS A 43 15.36 -12.92 -1.95
N GLY A 44 15.42 -13.35 -0.73
CA GLY A 44 14.17 -13.61 0.03
C GLY A 44 13.60 -12.28 0.54
N LYS A 45 14.46 -11.38 0.97
CA LYS A 45 13.97 -10.07 1.47
C LYS A 45 13.15 -9.38 0.37
N GLY A 46 12.30 -8.46 0.75
CA GLY A 46 11.48 -7.75 -0.27
C GLY A 46 10.84 -6.51 0.36
N VAL A 47 10.47 -5.54 -0.43
CA VAL A 47 9.86 -4.31 0.12
C VAL A 47 8.58 -3.99 -0.65
N CYS A 48 7.75 -3.13 -0.13
CA CYS A 48 6.48 -2.79 -0.83
C CYS A 48 6.29 -1.26 -0.83
N LEU A 49 5.93 -0.71 -1.95
CA LEU A 49 5.73 0.77 -2.01
C LEU A 49 4.24 1.07 -2.20
N ILE A 50 3.74 2.07 -1.53
CA ILE A 50 2.30 2.42 -1.67
C ILE A 50 2.17 3.91 -2.00
N THR A 51 1.81 4.24 -3.21
CA THR A 51 1.66 5.66 -3.59
C THR A 51 0.64 5.79 -4.72
N GLY A 52 0.07 6.95 -4.89
CA GLY A 52 -0.93 7.14 -5.98
C GLY A 52 -2.33 7.17 -5.37
N VAL A 53 -2.43 7.37 -4.09
CA VAL A 53 -3.78 7.42 -3.45
C VAL A 53 -4.46 8.75 -3.80
N ASP A 54 -5.69 8.70 -4.25
CA ASP A 54 -6.41 9.95 -4.59
C ASP A 54 -7.42 10.28 -3.49
N LEU A 55 -7.01 10.97 -2.47
CA LEU A 55 -7.95 11.31 -1.37
C LEU A 55 -7.80 12.80 -1.01
N ASP A 56 -8.42 13.22 0.06
CA ASP A 56 -8.30 14.66 0.46
C ASP A 56 -6.91 14.92 1.04
N ASP A 57 -6.65 14.39 2.20
CA ASP A 57 -5.31 14.60 2.84
C ASP A 57 -5.30 14.01 4.24
N ALA A 58 -6.12 14.53 5.11
CA ALA A 58 -6.15 13.99 6.51
C ALA A 58 -6.64 12.53 6.48
N GLU A 59 -7.48 12.20 5.55
CA GLU A 59 -8.00 10.80 5.48
C GLU A 59 -6.85 9.85 5.13
N LEU A 60 -5.93 10.29 4.32
CA LEU A 60 -4.79 9.41 3.95
C LEU A 60 -3.96 9.11 5.20
N THR A 61 -3.78 10.07 6.06
CA THR A 61 -2.98 9.83 7.30
C THR A 61 -3.62 8.71 8.11
N LYS A 62 -4.90 8.79 8.35
CA LYS A 62 -5.58 7.73 9.14
C LYS A 62 -5.42 6.38 8.44
N LEU A 63 -5.45 6.37 7.13
CA LEU A 63 -5.30 5.09 6.38
C LEU A 63 -3.95 4.46 6.73
N ALA A 64 -2.89 5.19 6.58
CA ALA A 64 -1.54 4.63 6.90
C ALA A 64 -1.50 4.20 8.37
N ALA A 65 -2.22 4.88 9.22
CA ALA A 65 -2.22 4.52 10.66
C ALA A 65 -2.84 3.13 10.83
N GLU A 66 -3.92 2.87 10.14
CA GLU A 66 -4.57 1.54 10.25
C GLU A 66 -3.76 0.49 9.49
N LEU A 67 -2.92 0.93 8.59
CA LEU A 67 -2.10 -0.04 7.81
C LEU A 67 -1.00 -0.62 8.71
N LYS A 68 -0.23 0.23 9.33
CA LYS A 68 0.85 -0.26 10.23
C LYS A 68 0.25 -0.99 11.42
N LYS A 69 -0.99 -0.72 11.73
CA LYS A 69 -1.64 -1.38 12.90
C LYS A 69 -1.62 -2.90 12.71
N LYS A 70 -1.74 -3.37 11.51
CA LYS A 70 -1.74 -4.85 11.28
C LYS A 70 -0.59 -5.23 10.35
N CYS A 71 0.44 -4.42 10.29
CA CYS A 71 1.59 -4.76 9.40
C CYS A 71 2.79 -5.20 10.25
N GLY A 72 2.86 -4.74 11.47
CA GLY A 72 3.99 -5.13 12.36
C GLY A 72 5.31 -4.67 11.73
N CYS A 73 5.42 -3.41 11.42
CA CYS A 73 6.68 -2.90 10.81
C CYS A 73 6.53 -1.41 10.48
N GLY A 74 7.42 -0.60 10.98
CA GLY A 74 7.32 0.87 10.70
C GLY A 74 8.52 1.31 9.84
N GLY A 75 8.43 1.11 8.56
CA GLY A 75 9.57 1.51 7.67
C GLY A 75 9.57 3.03 7.48
N ALA A 76 8.45 3.59 7.08
CA ALA A 76 8.39 5.07 6.88
C ALA A 76 7.02 5.46 6.34
N VAL A 77 6.34 6.35 7.01
CA VAL A 77 4.99 6.76 6.53
C VAL A 77 4.94 8.29 6.42
N LYS A 78 4.63 8.80 5.25
CA LYS A 78 4.57 10.28 5.07
C LYS A 78 3.26 10.66 4.36
N ASP A 79 2.67 11.77 4.72
CA ASP A 79 1.41 12.18 4.05
C ASP A 79 1.65 12.33 2.55
N GLY A 80 1.11 11.45 1.76
CA GLY A 80 1.31 11.53 0.29
C GLY A 80 2.00 10.26 -0.20
N VAL A 81 2.93 9.75 0.56
CA VAL A 81 3.64 8.51 0.13
C VAL A 81 3.85 7.60 1.35
N ILE A 82 3.55 6.33 1.22
CA ILE A 82 3.74 5.40 2.37
C ILE A 82 4.68 4.27 1.96
N GLU A 83 5.43 3.75 2.89
CA GLU A 83 6.37 2.65 2.54
C GLU A 83 6.30 1.55 3.61
N ILE A 84 6.23 0.32 3.20
CA ILE A 84 6.15 -0.79 4.19
C ILE A 84 7.39 -1.69 4.04
N GLN A 85 7.85 -2.28 5.11
CA GLN A 85 9.03 -3.17 5.02
C GLN A 85 8.61 -4.63 5.21
N GLY A 86 8.88 -5.48 4.26
CA GLY A 86 8.48 -6.91 4.38
C GLY A 86 7.75 -7.35 3.12
N ASP A 87 7.66 -8.64 2.89
CA ASP A 87 6.96 -9.13 1.67
C ASP A 87 5.59 -9.67 2.06
N LYS A 88 4.55 -8.97 1.70
CA LYS A 88 3.17 -9.43 2.04
C LYS A 88 2.16 -8.79 1.10
N ARG A 89 2.56 -8.53 -0.11
CA ARG A 89 1.61 -7.90 -1.08
C ARG A 89 0.33 -8.72 -1.16
N ASP A 90 0.42 -10.00 -0.90
CA ASP A 90 -0.79 -10.87 -0.96
C ASP A 90 -1.82 -10.36 0.05
N LEU A 91 -1.43 -10.17 1.28
CA LEU A 91 -2.39 -9.68 2.31
C LEU A 91 -2.72 -8.22 2.04
N LEU A 92 -1.85 -7.52 1.36
CA LEU A 92 -2.11 -6.08 1.06
C LEU A 92 -3.35 -5.97 0.16
N LYS A 93 -3.41 -6.75 -0.88
CA LYS A 93 -4.60 -6.69 -1.79
C LYS A 93 -5.85 -7.07 -1.01
N SER A 94 -5.71 -7.79 0.06
CA SER A 94 -6.89 -8.19 0.86
C SER A 94 -7.38 -7.00 1.69
N LEU A 95 -6.58 -6.56 2.63
CA LEU A 95 -6.99 -5.40 3.47
C LEU A 95 -7.53 -4.28 2.57
N LEU A 96 -6.96 -4.11 1.41
CA LEU A 96 -7.43 -3.04 0.49
C LEU A 96 -8.81 -3.41 -0.05
N GLU A 97 -8.99 -4.64 -0.45
CA GLU A 97 -10.32 -5.05 -0.99
C GLU A 97 -11.39 -4.88 0.09
N ALA A 98 -10.99 -4.80 1.34
CA ALA A 98 -11.98 -4.63 2.43
C ALA A 98 -12.70 -3.29 2.26
N LYS A 99 -12.02 -2.31 1.74
CA LYS A 99 -12.67 -0.97 1.54
C LYS A 99 -13.44 -0.97 0.22
N GLY A 100 -13.14 -1.89 -0.65
CA GLY A 100 -13.86 -1.93 -1.96
C GLY A 100 -13.34 -0.82 -2.86
N MET A 101 -12.13 -0.37 -2.64
CA MET A 101 -11.57 0.72 -3.49
C MET A 101 -11.09 0.12 -4.82
N LYS A 102 -10.58 0.94 -5.69
CA LYS A 102 -10.08 0.43 -7.01
C LYS A 102 -8.58 0.22 -6.93
N VAL A 103 -8.15 -0.94 -6.51
CA VAL A 103 -6.68 -1.22 -6.42
C VAL A 103 -6.15 -1.61 -7.80
N LYS A 104 -4.85 -1.59 -7.97
CA LYS A 104 -4.28 -1.96 -9.30
C LYS A 104 -3.19 -3.01 -9.11
N LEU A 105 -3.29 -3.80 -8.07
CA LEU A 105 -2.26 -4.85 -7.82
C LEU A 105 -0.87 -4.26 -8.03
N ALA A 106 0.10 -5.08 -8.29
CA ALA A 106 1.49 -4.56 -8.50
C ALA A 106 1.76 -4.44 -10.01
N GLY A 107 1.20 -5.32 -10.79
CA GLY A 107 1.43 -5.27 -12.26
C GLY A 107 0.09 -5.39 -12.99
N GLY A 108 -0.20 -4.49 -13.87
CA GLY A 108 -1.49 -4.56 -14.62
C GLY A 108 -1.21 -4.82 -16.10
N LEU A 109 -0.04 -4.46 -16.57
CA LEU A 109 0.30 -4.69 -18.00
C LEU A 109 1.75 -5.16 -18.11
N GLU A 110 1.96 -6.38 -18.52
CA GLU A 110 3.36 -6.90 -18.65
C GLU A 110 3.33 -8.29 -19.28
N LYS A 28 -12.60 10.49 -11.74
CA LYS A 28 -11.17 10.89 -11.55
C LYS A 28 -10.94 11.33 -10.11
N GLY A 29 -11.52 10.63 -9.17
CA GLY A 29 -11.34 11.01 -7.74
C GLY A 29 -12.20 10.10 -6.86
N ASP A 30 -11.88 8.83 -6.81
CA ASP A 30 -12.69 7.91 -5.97
C ASP A 30 -11.80 7.33 -4.86
N GLY A 31 -10.79 6.58 -5.22
CA GLY A 31 -9.89 6.00 -4.19
C GLY A 31 -9.07 4.86 -4.81
N VAL A 32 -7.77 4.90 -4.66
CA VAL A 32 -6.93 3.82 -5.25
C VAL A 32 -5.68 3.63 -4.38
N VAL A 33 -5.13 2.44 -4.37
CA VAL A 33 -3.92 2.18 -3.54
C VAL A 33 -2.94 1.32 -4.34
N ARG A 34 -1.74 1.81 -4.55
CA ARG A 34 -0.75 1.02 -5.32
C ARG A 34 0.03 0.11 -4.38
N ILE A 35 -0.18 -1.17 -4.47
CA ILE A 35 0.55 -2.13 -3.57
C ILE A 35 1.47 -3.01 -4.41
N GLN A 36 2.75 -2.80 -4.32
CA GLN A 36 3.70 -3.63 -5.11
C GLN A 36 4.83 -4.14 -4.20
N ARG A 37 5.93 -4.54 -4.77
CA ARG A 37 7.06 -5.04 -3.93
C ARG A 37 8.36 -4.34 -4.36
N GLN A 38 9.11 -3.84 -3.42
CA GLN A 38 10.39 -3.15 -3.77
C GLN A 38 11.54 -3.79 -3.00
N THR A 39 12.00 -4.94 -3.43
CA THR A 39 13.12 -5.61 -2.72
C THR A 39 14.40 -5.47 -3.54
N SER A 40 14.42 -4.56 -4.47
CA SER A 40 15.64 -4.38 -5.31
C SER A 40 16.86 -4.17 -4.41
N GLY A 41 18.01 -4.57 -4.84
CA GLY A 41 19.23 -4.38 -4.01
C GLY A 41 19.15 -5.29 -2.79
N ARG A 42 20.27 -5.58 -2.17
CA ARG A 42 20.25 -6.46 -0.97
C ARG A 42 20.22 -5.60 0.30
N LYS A 43 19.12 -5.62 1.01
CA LYS A 43 19.03 -4.81 2.26
C LYS A 43 17.71 -5.13 2.98
N GLY A 44 17.25 -6.35 2.86
CA GLY A 44 15.98 -6.71 3.54
C GLY A 44 15.31 -7.86 2.78
N LYS A 45 14.45 -8.59 3.43
CA LYS A 45 13.76 -9.73 2.75
C LYS A 45 12.76 -9.17 1.74
N GLY A 46 11.98 -8.21 2.13
CA GLY A 46 10.98 -7.62 1.19
C GLY A 46 10.15 -6.56 1.90
N VAL A 47 9.78 -5.52 1.22
CA VAL A 47 8.97 -4.44 1.86
C VAL A 47 7.82 -4.05 0.93
N CYS A 48 6.79 -3.45 1.46
CA CYS A 48 5.64 -3.04 0.61
C CYS A 48 5.57 -1.52 0.54
N LEU A 49 5.88 -0.95 -0.59
CA LEU A 49 5.82 0.53 -0.72
C LEU A 49 4.46 0.95 -1.26
N ILE A 50 3.81 1.89 -0.61
CA ILE A 50 2.48 2.34 -1.10
C ILE A 50 2.53 3.84 -1.40
N THR A 51 2.37 4.21 -2.63
CA THR A 51 2.40 5.66 -2.99
C THR A 51 1.35 5.95 -4.06
N GLY A 52 0.45 5.03 -4.29
CA GLY A 52 -0.60 5.24 -5.33
C GLY A 52 -1.88 5.75 -4.65
N VAL A 53 -1.77 6.25 -3.45
CA VAL A 53 -2.99 6.75 -2.74
C VAL A 53 -3.30 8.16 -3.21
N ASP A 54 -4.31 8.33 -4.01
CA ASP A 54 -4.66 9.70 -4.49
C ASP A 54 -5.83 10.24 -3.69
N LEU A 55 -5.56 10.88 -2.57
CA LEU A 55 -6.67 11.43 -1.75
C LEU A 55 -6.38 12.91 -1.43
N ASP A 56 -7.13 13.48 -0.54
CA ASP A 56 -6.90 14.91 -0.19
C ASP A 56 -5.75 15.01 0.82
N ASP A 57 -5.93 14.49 2.00
CA ASP A 57 -4.86 14.55 3.03
C ASP A 57 -5.35 13.88 4.31
N ALA A 58 -6.50 14.24 4.79
CA ALA A 58 -7.02 13.61 6.03
C ALA A 58 -7.49 12.19 5.74
N GLU A 59 -8.02 11.96 4.57
CA GLU A 59 -8.48 10.59 4.22
C GLU A 59 -7.27 9.67 4.03
N LEU A 60 -6.15 10.21 3.65
CA LEU A 60 -4.94 9.37 3.45
C LEU A 60 -4.49 8.82 4.80
N THR A 61 -4.24 9.68 5.76
CA THR A 61 -3.80 9.21 7.10
C THR A 61 -4.86 8.28 7.69
N LYS A 62 -6.11 8.58 7.48
CA LYS A 62 -7.18 7.71 8.03
C LYS A 62 -7.01 6.27 7.50
N LEU A 63 -7.10 6.10 6.22
CA LEU A 63 -6.95 4.73 5.64
C LEU A 63 -5.67 4.08 6.19
N ALA A 64 -4.58 4.78 6.17
CA ALA A 64 -3.31 4.21 6.70
C ALA A 64 -3.54 3.63 8.09
N ALA A 65 -4.29 4.31 8.91
CA ALA A 65 -4.54 3.80 10.29
C ALA A 65 -5.43 2.55 10.22
N GLU A 66 -6.34 2.51 9.28
CA GLU A 66 -7.23 1.32 9.16
C GLU A 66 -6.42 0.11 8.73
N LEU A 67 -5.37 0.32 7.99
CA LEU A 67 -4.53 -0.83 7.53
C LEU A 67 -3.60 -1.26 8.67
N LYS A 68 -3.14 -0.33 9.46
CA LYS A 68 -2.24 -0.69 10.59
C LYS A 68 -3.07 -1.30 11.72
N LYS A 69 -4.36 -1.24 11.63
CA LYS A 69 -5.22 -1.81 12.70
C LYS A 69 -5.09 -3.34 12.69
N LYS A 70 -5.08 -3.93 11.54
CA LYS A 70 -4.95 -5.41 11.45
C LYS A 70 -3.53 -5.79 11.04
N CYS A 71 -2.66 -4.82 10.94
CA CYS A 71 -1.26 -5.12 10.53
C CYS A 71 -0.46 -5.61 11.75
N GLY A 72 -0.29 -4.76 12.73
CA GLY A 72 0.48 -5.19 13.93
C GLY A 72 1.95 -4.83 13.74
N CYS A 73 2.24 -3.93 12.84
CA CYS A 73 3.66 -3.53 12.60
C CYS A 73 3.70 -2.38 11.60
N GLY A 74 3.68 -1.17 12.07
CA GLY A 74 3.71 -0.01 11.13
C GLY A 74 5.15 0.49 10.99
N GLY A 75 5.44 1.18 9.92
CA GLY A 75 6.82 1.70 9.72
C GLY A 75 6.79 3.24 9.68
N ALA A 76 6.57 3.80 8.52
CA ALA A 76 6.53 5.28 8.41
C ALA A 76 5.32 5.68 7.56
N VAL A 77 4.50 6.57 8.05
CA VAL A 77 3.30 7.00 7.28
C VAL A 77 3.26 8.52 7.19
N LYS A 78 3.99 9.08 6.26
CA LYS A 78 3.98 10.58 6.11
C LYS A 78 2.95 10.98 5.07
N ASP A 79 2.46 12.18 5.13
CA ASP A 79 1.44 12.63 4.14
C ASP A 79 2.06 12.64 2.74
N GLY A 80 1.72 11.68 1.93
CA GLY A 80 2.29 11.64 0.55
C GLY A 80 2.86 10.24 0.27
N VAL A 81 3.26 9.53 1.30
CA VAL A 81 3.83 8.18 1.09
C VAL A 81 3.53 7.30 2.30
N ILE A 82 3.42 6.01 2.10
CA ILE A 82 3.13 5.10 3.24
C ILE A 82 3.90 3.79 3.04
N GLU A 83 4.76 3.44 3.97
CA GLU A 83 5.54 2.18 3.83
C GLU A 83 5.10 1.18 4.89
N ILE A 84 4.80 -0.03 4.50
CA ILE A 84 4.37 -1.06 5.50
C ILE A 84 5.25 -2.30 5.36
N GLN A 85 5.52 -2.97 6.44
CA GLN A 85 6.37 -4.19 6.37
C GLN A 85 5.49 -5.44 6.38
N GLY A 86 5.44 -6.16 5.29
CA GLY A 86 4.59 -7.38 5.24
C GLY A 86 5.06 -8.27 4.09
N ASP A 87 5.38 -7.69 2.97
CA ASP A 87 5.84 -8.50 1.81
C ASP A 87 4.79 -9.58 1.51
N LYS A 88 3.59 -9.19 1.19
CA LYS A 88 2.54 -10.19 0.88
C LYS A 88 1.52 -9.58 -0.09
N ARG A 89 1.94 -9.29 -1.30
CA ARG A 89 1.00 -8.69 -2.28
C ARG A 89 -0.21 -9.62 -2.46
N ASP A 90 -0.02 -10.89 -2.27
CA ASP A 90 -1.16 -11.85 -2.43
C ASP A 90 -2.32 -11.41 -1.52
N LEU A 91 -2.05 -11.22 -0.26
CA LEU A 91 -3.13 -10.80 0.67
C LEU A 91 -3.55 -9.36 0.36
N LEU A 92 -2.60 -8.50 0.10
CA LEU A 92 -2.94 -7.08 -0.22
C LEU A 92 -3.94 -7.05 -1.37
N LYS A 93 -3.94 -8.05 -2.20
CA LYS A 93 -4.89 -8.07 -3.35
C LYS A 93 -6.32 -8.15 -2.82
N SER A 94 -6.67 -9.22 -2.16
CA SER A 94 -8.04 -9.36 -1.61
C SER A 94 -8.28 -8.28 -0.56
N LEU A 95 -7.25 -7.63 -0.12
CA LEU A 95 -7.41 -6.56 0.91
C LEU A 95 -8.07 -5.34 0.27
N LEU A 96 -7.48 -4.81 -0.76
CA LEU A 96 -8.09 -3.62 -1.43
C LEU A 96 -9.36 -4.03 -2.17
N GLU A 97 -9.41 -5.25 -2.65
CA GLU A 97 -10.61 -5.71 -3.38
C GLU A 97 -11.81 -5.75 -2.43
N ALA A 98 -11.55 -5.73 -1.15
CA ALA A 98 -12.68 -5.76 -0.18
C ALA A 98 -13.50 -4.47 -0.30
N LYS A 99 -12.85 -3.37 -0.54
CA LYS A 99 -13.59 -2.08 -0.68
C LYS A 99 -14.14 -1.96 -2.10
N GLY A 100 -13.41 -2.45 -3.07
CA GLY A 100 -13.90 -2.36 -4.48
C GLY A 100 -13.05 -1.33 -5.24
N MET A 101 -11.91 -0.99 -4.73
CA MET A 101 -11.05 0.01 -5.42
C MET A 101 -10.09 -0.71 -6.37
N LYS A 102 -9.43 0.01 -7.23
CA LYS A 102 -8.48 -0.65 -8.18
C LYS A 102 -7.14 -0.85 -7.48
N VAL A 103 -6.34 -1.77 -7.97
CA VAL A 103 -5.01 -2.01 -7.34
C VAL A 103 -3.95 -2.18 -8.43
N LYS A 104 -2.93 -1.37 -8.38
CA LYS A 104 -1.86 -1.48 -9.42
C LYS A 104 -0.69 -2.29 -8.87
N LEU A 105 -0.74 -3.59 -9.03
CA LEU A 105 0.37 -4.44 -8.52
C LEU A 105 1.71 -3.79 -8.86
N ALA A 106 1.81 -3.17 -10.01
CA ALA A 106 3.09 -2.53 -10.39
C ALA A 106 4.15 -3.61 -10.65
N GLY A 107 4.16 -4.17 -11.83
CA GLY A 107 5.17 -5.22 -12.14
C GLY A 107 5.09 -5.60 -13.62
N GLY A 108 6.00 -5.11 -14.42
CA GLY A 108 5.96 -5.44 -15.87
C GLY A 108 4.80 -4.70 -16.53
N LEU A 109 4.69 -4.79 -17.83
CA LEU A 109 3.58 -4.10 -18.54
C LEU A 109 3.19 -4.89 -19.79
N GLU A 110 1.94 -4.90 -20.13
CA GLU A 110 1.50 -5.65 -21.34
C GLU A 110 1.70 -4.78 -22.58
N LYS A 28 -20.42 4.99 -7.28
CA LYS A 28 -19.34 5.93 -7.70
C LYS A 28 -18.02 5.49 -7.07
N GLY A 29 -17.03 6.35 -7.07
CA GLY A 29 -15.72 5.99 -6.47
C GLY A 29 -15.23 7.13 -5.58
N ASP A 30 -14.26 6.87 -4.75
CA ASP A 30 -13.75 7.93 -3.84
C ASP A 30 -12.58 7.37 -3.01
N GLY A 31 -11.39 7.84 -3.27
CA GLY A 31 -10.22 7.33 -2.49
C GLY A 31 -9.83 5.93 -2.99
N VAL A 32 -8.64 5.79 -3.51
CA VAL A 32 -8.21 4.47 -4.01
C VAL A 32 -6.71 4.27 -3.72
N VAL A 33 -6.37 3.24 -3.01
CA VAL A 33 -4.93 2.99 -2.70
C VAL A 33 -4.39 1.91 -3.62
N ARG A 34 -3.21 2.10 -4.17
CA ARG A 34 -2.63 1.08 -5.07
C ARG A 34 -1.55 0.30 -4.33
N ILE A 35 -1.68 -0.99 -4.27
CA ILE A 35 -0.65 -1.81 -3.56
C ILE A 35 -0.18 -2.95 -4.46
N GLN A 36 1.05 -2.91 -4.90
CA GLN A 36 1.57 -3.99 -5.78
C GLN A 36 2.97 -4.40 -5.33
N ARG A 37 3.10 -5.58 -4.80
CA ARG A 37 4.44 -6.04 -4.33
C ARG A 37 5.34 -6.29 -5.54
N GLN A 38 6.32 -5.46 -5.74
CA GLN A 38 7.24 -5.64 -6.90
C GLN A 38 8.49 -6.40 -6.45
N THR A 39 8.96 -7.32 -7.25
CA THR A 39 10.17 -8.10 -6.87
C THR A 39 11.33 -7.71 -7.79
N SER A 40 12.54 -8.03 -7.40
CA SER A 40 13.71 -7.68 -8.26
C SER A 40 14.45 -8.95 -8.65
N GLY A 41 14.40 -9.96 -7.83
CA GLY A 41 15.10 -11.23 -8.15
C GLY A 41 15.10 -12.15 -6.92
N ARG A 42 15.11 -13.44 -7.14
CA ARG A 42 15.11 -14.38 -5.97
C ARG A 42 13.75 -14.33 -5.28
N LYS A 43 13.43 -15.35 -4.53
CA LYS A 43 12.11 -15.36 -3.82
C LYS A 43 12.31 -14.93 -2.36
N GLY A 44 13.32 -14.15 -2.10
CA GLY A 44 13.56 -13.70 -0.70
C GLY A 44 13.41 -12.18 -0.61
N LYS A 45 13.62 -11.50 -1.70
CA LYS A 45 13.48 -10.02 -1.68
C LYS A 45 12.02 -9.63 -1.94
N GLY A 46 11.65 -8.43 -1.62
CA GLY A 46 10.25 -8.00 -1.85
C GLY A 46 10.00 -6.66 -1.15
N VAL A 47 9.28 -5.77 -1.78
CA VAL A 47 9.00 -4.45 -1.15
C VAL A 47 7.62 -3.96 -1.58
N CYS A 48 6.97 -3.19 -0.75
CA CYS A 48 5.62 -2.68 -1.10
C CYS A 48 5.69 -1.16 -1.35
N LEU A 49 5.23 -0.72 -2.48
CA LEU A 49 5.27 0.74 -2.78
C LEU A 49 3.85 1.30 -2.84
N ILE A 50 3.44 2.00 -1.83
CA ILE A 50 2.06 2.57 -1.83
C ILE A 50 2.05 3.88 -2.63
N THR A 51 1.28 3.95 -3.67
CA THR A 51 1.23 5.20 -4.49
C THR A 51 -0.06 5.22 -5.31
N GLY A 52 -0.36 6.33 -5.92
CA GLY A 52 -1.61 6.42 -6.74
C GLY A 52 -2.80 6.74 -5.84
N VAL A 53 -2.55 7.34 -4.71
CA VAL A 53 -3.67 7.68 -3.78
C VAL A 53 -4.18 9.09 -4.09
N ASP A 54 -5.45 9.24 -4.31
CA ASP A 54 -6.01 10.59 -4.63
C ASP A 54 -6.93 11.03 -3.47
N LEU A 55 -6.38 11.49 -2.39
CA LEU A 55 -7.21 11.94 -1.25
C LEU A 55 -6.65 13.24 -0.69
N ASP A 56 -7.16 13.68 0.44
CA ASP A 56 -6.65 14.94 1.03
C ASP A 56 -5.14 14.84 1.28
N ASP A 57 -4.44 15.93 1.24
CA ASP A 57 -2.97 15.89 1.46
C ASP A 57 -2.69 15.29 2.85
N ALA A 58 -3.26 15.84 3.88
CA ALA A 58 -3.02 15.30 5.24
C ALA A 58 -3.71 13.93 5.38
N GLU A 59 -4.68 13.66 4.57
CA GLU A 59 -5.39 12.35 4.66
C GLU A 59 -4.39 11.22 4.38
N LEU A 60 -3.54 11.39 3.41
CA LEU A 60 -2.56 10.32 3.07
C LEU A 60 -1.65 10.07 4.29
N THR A 61 -0.99 11.09 4.77
CA THR A 61 -0.09 10.92 5.94
C THR A 61 -0.83 10.14 7.03
N LYS A 62 -2.11 10.37 7.18
CA LYS A 62 -2.89 9.65 8.23
C LYS A 62 -2.87 8.16 7.93
N LEU A 63 -3.45 7.75 6.83
CA LEU A 63 -3.46 6.30 6.49
C LEU A 63 -2.08 5.69 6.72
N ALA A 64 -1.05 6.40 6.35
CA ALA A 64 0.33 5.86 6.55
C ALA A 64 0.55 5.53 8.02
N ALA A 65 0.42 6.49 8.89
CA ALA A 65 0.63 6.24 10.35
C ALA A 65 -0.34 5.14 10.81
N GLU A 66 -1.38 4.88 10.05
CA GLU A 66 -2.35 3.83 10.47
C GLU A 66 -1.77 2.44 10.23
N LEU A 67 -1.17 2.24 9.09
CA LEU A 67 -0.59 0.88 8.79
C LEU A 67 0.75 0.71 9.50
N LYS A 68 1.44 1.79 9.77
CA LYS A 68 2.76 1.67 10.45
C LYS A 68 2.54 1.26 11.92
N LYS A 69 1.31 1.21 12.35
CA LYS A 69 1.04 0.81 13.76
C LYS A 69 1.59 -0.59 14.00
N LYS A 70 1.39 -1.47 13.07
CA LYS A 70 1.89 -2.87 13.25
C LYS A 70 2.19 -3.49 11.89
N CYS A 71 2.81 -2.75 11.02
CA CYS A 71 3.14 -3.30 9.67
C CYS A 71 4.37 -4.21 9.80
N GLY A 72 5.21 -3.94 10.75
CA GLY A 72 6.43 -4.78 10.93
C GLY A 72 7.66 -3.87 10.90
N CYS A 73 7.56 -2.77 10.22
CA CYS A 73 8.71 -1.82 10.13
C CYS A 73 8.45 -0.83 8.99
N GLY A 74 7.95 0.33 9.31
CA GLY A 74 7.67 1.33 8.24
C GLY A 74 8.98 1.98 7.79
N GLY A 75 9.35 1.79 6.56
CA GLY A 75 10.62 2.39 6.06
C GLY A 75 10.51 3.91 6.11
N ALA A 76 10.02 4.53 5.07
CA ALA A 76 9.88 6.00 5.05
C ALA A 76 8.49 6.40 4.55
N VAL A 77 8.06 7.59 4.83
CA VAL A 77 6.71 8.03 4.38
C VAL A 77 6.82 9.41 3.72
N LYS A 78 6.09 9.62 2.66
CA LYS A 78 6.15 10.95 1.97
C LYS A 78 4.79 11.25 1.35
N ASP A 79 4.36 12.49 1.39
CA ASP A 79 3.04 12.84 0.80
C ASP A 79 3.05 12.53 -0.69
N GLY A 80 2.64 11.35 -1.06
CA GLY A 80 2.62 10.98 -2.51
C GLY A 80 3.20 9.57 -2.69
N VAL A 81 4.21 9.24 -1.92
CA VAL A 81 4.81 7.89 -2.05
C VAL A 81 5.15 7.35 -0.66
N ILE A 82 4.84 6.11 -0.40
CA ILE A 82 5.13 5.53 0.95
C ILE A 82 5.84 4.19 0.78
N GLU A 83 6.90 3.97 1.52
CA GLU A 83 7.63 2.67 1.41
C GLU A 83 7.30 1.80 2.61
N ILE A 84 6.75 0.63 2.38
CA ILE A 84 6.40 -0.27 3.52
C ILE A 84 7.12 -1.61 3.34
N GLN A 85 8.30 -1.74 3.89
CA GLN A 85 9.04 -3.02 3.75
C GLN A 85 8.17 -4.17 4.25
N GLY A 86 8.03 -5.22 3.47
CA GLY A 86 7.21 -6.38 3.91
C GLY A 86 6.84 -7.22 2.69
N ASP A 87 5.76 -7.95 2.77
CA ASP A 87 5.35 -8.81 1.62
C ASP A 87 4.03 -9.50 1.94
N LYS A 88 2.95 -8.77 1.99
CA LYS A 88 1.64 -9.39 2.31
C LYS A 88 0.54 -8.71 1.49
N ARG A 89 0.74 -8.56 0.21
CA ARG A 89 -0.29 -7.91 -0.64
C ARG A 89 -1.66 -8.52 -0.34
N ASP A 90 -1.69 -9.76 0.07
CA ASP A 90 -3.00 -10.41 0.38
C ASP A 90 -3.69 -9.65 1.51
N LEU A 91 -3.03 -9.49 2.62
CA LEU A 91 -3.65 -8.76 3.76
C LEU A 91 -3.90 -7.30 3.35
N LEU A 92 -3.08 -6.77 2.47
CA LEU A 92 -3.27 -5.35 2.04
C LEU A 92 -4.64 -5.20 1.37
N LYS A 93 -5.00 -6.13 0.52
CA LYS A 93 -6.32 -6.03 -0.16
C LYS A 93 -7.44 -6.12 0.88
N SER A 94 -7.21 -6.81 1.96
CA SER A 94 -8.27 -6.92 3.01
C SER A 94 -8.43 -5.58 3.72
N LEU A 95 -7.45 -5.17 4.47
CA LEU A 95 -7.55 -3.87 5.18
C LEU A 95 -8.08 -2.80 4.22
N LEU A 96 -7.70 -2.88 2.98
CA LEU A 96 -8.19 -1.86 2.00
C LEU A 96 -9.71 -1.94 1.88
N GLU A 97 -10.23 -3.12 1.63
CA GLU A 97 -11.70 -3.26 1.51
C GLU A 97 -12.37 -2.89 2.84
N ALA A 98 -11.61 -2.86 3.90
CA ALA A 98 -12.20 -2.50 5.22
C ALA A 98 -12.74 -1.07 5.16
N LYS A 99 -12.06 -0.20 4.48
CA LYS A 99 -12.54 1.21 4.38
C LYS A 99 -13.58 1.33 3.26
N GLY A 100 -13.55 0.44 2.32
CA GLY A 100 -14.54 0.49 1.21
C GLY A 100 -13.94 1.27 0.03
N MET A 101 -12.64 1.48 0.04
CA MET A 101 -12.00 2.23 -1.07
C MET A 101 -11.68 1.27 -2.21
N LYS A 102 -11.63 1.76 -3.42
CA LYS A 102 -11.32 0.87 -4.58
C LYS A 102 -9.81 0.67 -4.67
N VAL A 103 -9.38 -0.46 -5.15
CA VAL A 103 -7.92 -0.72 -5.28
C VAL A 103 -7.62 -1.38 -6.62
N LYS A 104 -6.43 -1.20 -7.13
CA LYS A 104 -6.09 -1.81 -8.44
C LYS A 104 -4.88 -2.75 -8.26
N LEU A 105 -5.14 -3.97 -7.90
CA LEU A 105 -4.01 -4.94 -7.70
C LEU A 105 -3.10 -4.92 -8.94
N ALA A 106 -2.00 -4.24 -8.86
CA ALA A 106 -1.08 -4.18 -10.04
C ALA A 106 -0.09 -5.35 -9.97
N GLY A 107 0.73 -5.50 -10.97
CA GLY A 107 1.72 -6.62 -10.97
C GLY A 107 2.13 -6.95 -12.41
N GLY A 108 2.41 -8.19 -12.69
CA GLY A 108 2.81 -8.57 -14.07
C GLY A 108 3.55 -9.91 -14.04
N LEU A 109 3.03 -10.90 -14.71
CA LEU A 109 3.70 -12.23 -14.72
C LEU A 109 4.46 -12.41 -16.02
N GLU A 110 4.03 -11.76 -17.08
CA GLU A 110 4.74 -11.89 -18.37
C GLU A 110 4.46 -10.66 -19.23
N LYS A 28 -19.30 9.81 -6.97
CA LYS A 28 -18.46 8.83 -7.71
C LYS A 28 -17.95 7.75 -6.74
N GLY A 29 -17.60 6.61 -7.24
CA GLY A 29 -17.10 5.52 -6.35
C GLY A 29 -15.87 4.86 -6.98
N ASP A 30 -14.86 5.61 -7.26
CA ASP A 30 -13.63 5.03 -7.88
C ASP A 30 -12.51 4.96 -6.84
N GLY A 31 -12.24 3.78 -6.33
CA GLY A 31 -11.16 3.65 -5.32
C GLY A 31 -10.04 2.76 -5.87
N VAL A 32 -8.82 3.18 -5.73
CA VAL A 32 -7.69 2.35 -6.25
C VAL A 32 -6.42 2.66 -5.45
N VAL A 33 -5.57 1.68 -5.24
CA VAL A 33 -4.33 1.92 -4.47
C VAL A 33 -3.13 1.41 -5.27
N ARG A 34 -2.00 2.05 -5.15
CA ARG A 34 -0.80 1.60 -5.91
C ARG A 34 0.14 0.86 -4.97
N ILE A 35 0.12 -0.45 -5.00
CA ILE A 35 1.01 -1.24 -4.10
C ILE A 35 2.16 -1.82 -4.93
N GLN A 36 3.35 -1.30 -4.77
CA GLN A 36 4.50 -1.83 -5.54
C GLN A 36 5.73 -1.93 -4.63
N ARG A 37 6.48 -2.99 -4.74
CA ARG A 37 7.68 -3.14 -3.87
C ARG A 37 8.91 -2.58 -4.59
N GLN A 38 9.63 -1.71 -3.96
CA GLN A 38 10.84 -1.12 -4.60
C GLN A 38 12.09 -1.56 -3.84
N THR A 39 12.58 -2.74 -4.09
CA THR A 39 13.79 -3.22 -3.38
C THR A 39 14.89 -2.16 -3.46
N SER A 40 15.87 -2.23 -2.61
CA SER A 40 16.97 -1.23 -2.64
C SER A 40 18.28 -1.89 -2.19
N GLY A 41 18.50 -3.12 -2.55
CA GLY A 41 19.75 -3.81 -2.14
C GLY A 41 19.51 -5.32 -2.06
N ARG A 42 20.54 -6.09 -1.92
CA ARG A 42 20.36 -7.58 -1.84
C ARG A 42 20.57 -8.04 -0.40
N LYS A 43 19.92 -7.40 0.53
CA LYS A 43 20.07 -7.79 1.96
C LYS A 43 18.69 -7.93 2.61
N GLY A 44 17.80 -8.65 1.97
CA GLY A 44 16.45 -8.82 2.55
C GLY A 44 15.82 -7.45 2.83
N LYS A 45 15.97 -6.52 1.94
CA LYS A 45 15.40 -5.17 2.15
C LYS A 45 14.09 -5.04 1.37
N GLY A 46 13.00 -5.44 1.95
CA GLY A 46 11.69 -5.34 1.24
C GLY A 46 10.90 -4.15 1.77
N VAL A 47 10.40 -3.31 0.90
CA VAL A 47 9.61 -2.13 1.36
C VAL A 47 8.48 -1.86 0.38
N CYS A 48 7.42 -1.25 0.82
CA CYS A 48 6.28 -0.96 -0.09
C CYS A 48 5.95 0.53 -0.03
N LEU A 49 5.94 1.18 -1.16
CA LEU A 49 5.62 2.65 -1.18
C LEU A 49 4.21 2.86 -1.73
N ILE A 50 3.29 3.27 -0.91
CA ILE A 50 1.90 3.49 -1.40
C ILE A 50 1.70 4.99 -1.68
N THR A 51 1.42 5.34 -2.90
CA THR A 51 1.20 6.76 -3.25
C THR A 51 0.32 6.88 -4.50
N GLY A 52 -0.49 5.89 -4.74
CA GLY A 52 -1.37 5.93 -5.94
C GLY A 52 -2.84 5.87 -5.49
N VAL A 53 -3.13 6.35 -4.31
CA VAL A 53 -4.54 6.32 -3.83
C VAL A 53 -5.26 7.58 -4.28
N ASP A 54 -6.40 7.43 -4.91
CA ASP A 54 -7.15 8.63 -5.37
C ASP A 54 -8.49 8.71 -4.63
N LEU A 55 -8.50 9.25 -3.44
CA LEU A 55 -9.76 9.35 -2.67
C LEU A 55 -9.75 10.63 -1.84
N ASP A 56 -10.72 10.80 -0.98
CA ASP A 56 -10.76 12.03 -0.13
C ASP A 56 -9.50 12.10 0.72
N ASP A 57 -9.23 13.22 1.33
CA ASP A 57 -8.01 13.35 2.17
C ASP A 57 -8.24 12.63 3.50
N ALA A 58 -9.33 12.91 4.16
CA ALA A 58 -9.61 12.25 5.46
C ALA A 58 -9.92 10.77 5.21
N GLU A 59 -10.44 10.45 4.05
CA GLU A 59 -10.77 9.03 3.75
C GLU A 59 -9.47 8.23 3.58
N LEU A 60 -8.47 8.83 2.98
CA LEU A 60 -7.19 8.12 2.79
C LEU A 60 -6.54 7.85 4.14
N THR A 61 -6.69 8.74 5.07
CA THR A 61 -6.08 8.53 6.42
C THR A 61 -6.77 7.36 7.12
N LYS A 62 -8.03 7.15 6.85
CA LYS A 62 -8.76 6.02 7.49
C LYS A 62 -8.28 4.70 6.89
N LEU A 63 -8.24 4.60 5.60
CA LEU A 63 -7.79 3.34 4.95
C LEU A 63 -6.40 2.97 5.47
N ALA A 64 -5.49 3.91 5.48
CA ALA A 64 -4.13 3.61 5.99
C ALA A 64 -4.19 3.21 7.46
N ALA A 65 -5.09 3.81 8.20
CA ALA A 65 -5.20 3.44 9.64
C ALA A 65 -5.55 1.96 9.78
N GLU A 66 -6.51 1.50 9.03
CA GLU A 66 -6.90 0.06 9.13
C GLU A 66 -5.81 -0.80 8.48
N LEU A 67 -4.98 -0.21 7.64
CA LEU A 67 -3.90 -1.00 6.99
C LEU A 67 -2.85 -1.36 8.03
N LYS A 68 -2.20 -0.37 8.59
CA LYS A 68 -1.15 -0.65 9.62
C LYS A 68 -1.79 -1.36 10.82
N LYS A 69 -3.09 -1.39 10.89
CA LYS A 69 -3.76 -2.06 12.03
C LYS A 69 -3.48 -3.57 11.98
N LYS A 70 -3.71 -4.18 10.84
CA LYS A 70 -3.45 -5.65 10.73
C LYS A 70 -2.26 -5.89 9.80
N CYS A 71 -1.32 -4.99 9.77
CA CYS A 71 -0.14 -5.17 8.88
C CYS A 71 1.02 -5.77 9.68
N GLY A 72 0.91 -5.78 10.97
CA GLY A 72 2.02 -6.37 11.80
C GLY A 72 3.02 -5.28 12.18
N CYS A 73 3.23 -4.31 11.32
CA CYS A 73 4.20 -3.23 11.65
C CYS A 73 4.28 -2.24 10.49
N GLY A 74 3.81 -1.04 10.68
CA GLY A 74 3.85 -0.02 9.58
C GLY A 74 5.15 0.79 9.67
N GLY A 75 5.12 2.03 9.23
CA GLY A 75 6.35 2.86 9.28
C GLY A 75 5.98 4.36 9.26
N ALA A 76 5.75 4.91 8.10
CA ALA A 76 5.40 6.36 8.03
C ALA A 76 3.96 6.52 7.52
N VAL A 77 3.11 7.09 8.32
CA VAL A 77 1.69 7.28 7.89
C VAL A 77 1.42 8.76 7.64
N LYS A 78 1.04 9.12 6.44
CA LYS A 78 0.76 10.55 6.14
C LYS A 78 -0.24 10.62 4.98
N ASP A 79 -1.04 11.64 4.94
CA ASP A 79 -2.03 11.77 3.82
C ASP A 79 -1.29 12.11 2.53
N GLY A 80 -1.02 11.12 1.72
CA GLY A 80 -0.30 11.38 0.44
C GLY A 80 0.95 10.51 0.34
N VAL A 81 1.32 9.87 1.41
CA VAL A 81 2.54 9.01 1.37
C VAL A 81 2.46 7.97 2.49
N ILE A 82 2.23 6.73 2.15
CA ILE A 82 2.15 5.67 3.19
C ILE A 82 3.24 4.63 2.97
N GLU A 83 4.27 4.66 3.77
CA GLU A 83 5.38 3.67 3.60
C GLU A 83 5.12 2.46 4.49
N ILE A 84 4.85 1.32 3.90
CA ILE A 84 4.59 0.11 4.72
C ILE A 84 5.87 -0.75 4.77
N GLN A 85 6.71 -0.52 5.74
CA GLN A 85 7.97 -1.31 5.84
C GLN A 85 7.62 -2.79 6.00
N GLY A 86 7.80 -3.56 4.96
CA GLY A 86 7.48 -5.01 5.05
C GLY A 86 7.19 -5.57 3.65
N ASP A 87 7.43 -6.83 3.44
CA ASP A 87 7.17 -7.43 2.10
C ASP A 87 6.01 -8.41 2.19
N LYS A 88 4.82 -7.99 1.87
CA LYS A 88 3.65 -8.91 1.95
C LYS A 88 2.72 -8.65 0.76
N ARG A 89 3.25 -8.58 -0.43
CA ARG A 89 2.40 -8.33 -1.63
C ARG A 89 1.21 -9.29 -1.61
N ASP A 90 1.38 -10.46 -1.09
CA ASP A 90 0.25 -11.44 -1.05
C ASP A 90 -0.88 -10.86 -0.19
N LEU A 91 -0.63 -10.60 1.06
CA LEU A 91 -1.70 -10.04 1.93
C LEU A 91 -2.20 -8.72 1.34
N LEU A 92 -1.39 -8.08 0.54
CA LEU A 92 -1.82 -6.79 -0.06
C LEU A 92 -2.93 -7.04 -1.08
N LYS A 93 -2.77 -8.01 -1.92
CA LYS A 93 -3.82 -8.31 -2.93
C LYS A 93 -5.12 -8.69 -2.22
N SER A 94 -5.02 -9.21 -1.03
CA SER A 94 -6.24 -9.61 -0.27
C SER A 94 -6.94 -8.35 0.27
N LEU A 95 -6.27 -7.61 1.11
CA LEU A 95 -6.90 -6.37 1.68
C LEU A 95 -7.42 -5.50 0.53
N LEU A 96 -6.80 -5.56 -0.61
CA LEU A 96 -7.25 -4.73 -1.76
C LEU A 96 -8.57 -5.29 -2.31
N GLU A 97 -8.62 -6.58 -2.54
CA GLU A 97 -9.87 -7.19 -3.08
C GLU A 97 -10.95 -7.14 -2.00
N ALA A 98 -10.59 -6.85 -0.79
CA ALA A 98 -11.61 -6.78 0.30
C ALA A 98 -12.63 -5.68 -0.01
N LYS A 99 -12.19 -4.63 -0.65
CA LYS A 99 -13.14 -3.52 -0.98
C LYS A 99 -13.84 -3.84 -2.30
N GLY A 100 -13.25 -4.68 -3.11
CA GLY A 100 -13.90 -5.02 -4.41
C GLY A 100 -13.66 -3.89 -5.41
N MET A 101 -12.62 -3.11 -5.22
CA MET A 101 -12.35 -1.99 -6.15
C MET A 101 -11.27 -2.42 -7.15
N LYS A 102 -10.60 -1.47 -7.76
CA LYS A 102 -9.54 -1.82 -8.75
C LYS A 102 -8.16 -1.61 -8.11
N VAL A 103 -7.13 -2.15 -8.71
CA VAL A 103 -5.78 -1.97 -8.14
C VAL A 103 -4.75 -1.87 -9.28
N LYS A 104 -3.61 -1.29 -9.01
CA LYS A 104 -2.58 -1.15 -10.08
C LYS A 104 -1.31 -1.89 -9.66
N LEU A 105 -1.36 -3.19 -9.60
CA LEU A 105 -0.16 -3.97 -9.19
C LEU A 105 1.04 -3.51 -10.02
N ALA A 106 1.84 -2.63 -9.49
CA ALA A 106 3.03 -2.15 -10.25
C ALA A 106 4.23 -3.05 -9.96
N GLY A 107 5.02 -3.36 -10.94
CA GLY A 107 6.20 -4.23 -10.72
C GLY A 107 6.05 -5.51 -11.55
N GLY A 108 7.05 -6.34 -11.56
CA GLY A 108 6.96 -7.61 -12.34
C GLY A 108 8.14 -8.52 -11.97
N LEU A 109 8.23 -9.66 -12.60
CA LEU A 109 9.34 -10.60 -12.28
C LEU A 109 10.64 -10.10 -12.94
N GLU A 110 11.61 -9.74 -12.15
CA GLU A 110 12.89 -9.25 -12.73
C GLU A 110 13.99 -9.31 -11.68
N LYS A 28 -15.18 13.95 -4.40
CA LYS A 28 -16.03 12.77 -4.07
C LYS A 28 -15.12 11.59 -3.69
N GLY A 29 -14.48 11.66 -2.56
CA GLY A 29 -13.59 10.54 -2.14
C GLY A 29 -13.12 10.78 -0.70
N ASP A 30 -13.25 9.78 0.13
CA ASP A 30 -12.82 9.94 1.56
C ASP A 30 -12.18 8.64 2.05
N GLY A 31 -11.00 8.34 1.59
CA GLY A 31 -10.33 7.09 2.03
C GLY A 31 -9.93 6.26 0.80
N VAL A 32 -9.12 6.81 -0.05
CA VAL A 32 -8.70 6.05 -1.27
C VAL A 32 -7.23 5.65 -1.13
N VAL A 33 -6.96 4.38 -0.98
CA VAL A 33 -5.54 3.92 -0.84
C VAL A 33 -4.95 3.67 -2.23
N ARG A 34 -3.69 3.95 -2.39
CA ARG A 34 -3.05 3.73 -3.73
C ARG A 34 -2.04 2.58 -3.63
N ILE A 35 -2.39 1.42 -4.11
CA ILE A 35 -1.47 0.27 -4.04
C ILE A 35 -0.81 0.06 -5.41
N GLN A 36 0.45 0.41 -5.53
CA GLN A 36 1.14 0.23 -6.83
C GLN A 36 2.59 -0.20 -6.59
N ARG A 37 3.07 -1.16 -7.33
CA ARG A 37 4.48 -1.61 -7.14
C ARG A 37 5.39 -0.91 -8.15
N GLN A 38 6.67 -1.00 -7.96
CA GLN A 38 7.62 -0.33 -8.90
C GLN A 38 8.93 -1.12 -8.95
N THR A 39 9.65 -1.03 -10.04
CA THR A 39 10.93 -1.77 -10.15
C THR A 39 12.09 -0.78 -10.25
N SER A 40 12.47 -0.18 -9.16
CA SER A 40 13.59 0.81 -9.20
C SER A 40 14.37 0.75 -7.88
N GLY A 41 15.52 0.14 -7.89
CA GLY A 41 16.32 0.05 -6.64
C GLY A 41 17.22 -1.18 -6.69
N ARG A 42 18.44 -1.06 -6.26
CA ARG A 42 19.37 -2.23 -6.29
C ARG A 42 19.38 -2.91 -4.92
N LYS A 43 18.33 -2.73 -4.16
CA LYS A 43 18.28 -3.37 -2.81
C LYS A 43 16.96 -4.12 -2.66
N GLY A 44 16.41 -4.61 -3.73
CA GLY A 44 15.12 -5.35 -3.66
C GLY A 44 14.46 -5.37 -5.03
N LYS A 45 13.92 -6.49 -5.43
CA LYS A 45 13.25 -6.57 -6.76
C LYS A 45 11.74 -6.78 -6.56
N GLY A 46 10.94 -5.87 -7.05
CA GLY A 46 9.47 -6.02 -6.89
C GLY A 46 9.06 -5.56 -5.49
N VAL A 47 8.81 -4.30 -5.31
CA VAL A 47 8.41 -3.79 -3.98
C VAL A 47 7.08 -3.04 -4.09
N CYS A 48 6.45 -2.74 -2.98
CA CYS A 48 5.16 -2.02 -3.03
C CYS A 48 5.10 -0.98 -1.91
N LEU A 49 4.72 0.23 -2.22
CA LEU A 49 4.64 1.28 -1.17
C LEU A 49 3.22 1.86 -1.13
N ILE A 50 2.83 2.39 -0.01
CA ILE A 50 1.46 2.97 0.10
C ILE A 50 1.56 4.44 0.52
N THR A 51 1.11 5.34 -0.32
CA THR A 51 1.19 6.79 0.03
C THR A 51 -0.08 7.50 -0.46
N GLY A 52 -1.10 6.75 -0.82
CA GLY A 52 -2.35 7.38 -1.30
C GLY A 52 -3.42 7.29 -0.21
N VAL A 53 -3.23 6.43 0.75
CA VAL A 53 -4.23 6.30 1.84
C VAL A 53 -4.67 7.68 2.31
N ASP A 54 -5.79 8.15 1.84
CA ASP A 54 -6.27 9.50 2.26
C ASP A 54 -7.10 9.37 3.54
N LEU A 55 -6.46 9.43 4.67
CA LEU A 55 -7.20 9.33 5.95
C LEU A 55 -6.46 10.10 7.05
N ASP A 56 -6.86 9.94 8.28
CA ASP A 56 -6.18 10.67 9.39
C ASP A 56 -4.83 10.01 9.67
N ASP A 57 -4.08 10.55 10.60
CA ASP A 57 -2.75 9.96 10.91
C ASP A 57 -2.94 8.72 11.79
N ALA A 58 -3.97 8.71 12.59
CA ALA A 58 -4.20 7.52 13.47
C ALA A 58 -4.76 6.37 12.63
N GLU A 59 -5.77 6.63 11.84
CA GLU A 59 -6.36 5.55 11.00
C GLU A 59 -5.30 5.01 10.04
N LEU A 60 -4.40 5.85 9.60
CA LEU A 60 -3.34 5.39 8.67
C LEU A 60 -2.44 4.38 9.37
N THR A 61 -2.03 4.67 10.57
CA THR A 61 -1.15 3.72 11.31
C THR A 61 -1.91 2.42 11.57
N LYS A 62 -3.19 2.50 11.78
CA LYS A 62 -3.98 1.25 12.03
C LYS A 62 -3.98 0.39 10.77
N LEU A 63 -4.22 0.97 9.64
CA LEU A 63 -4.24 0.17 8.38
C LEU A 63 -2.87 -0.49 8.18
N ALA A 64 -1.83 0.29 8.13
CA ALA A 64 -0.47 -0.31 7.94
C ALA A 64 -0.17 -1.29 9.07
N ALA A 65 -0.82 -1.13 10.19
CA ALA A 65 -0.58 -2.06 11.34
C ALA A 65 -1.15 -3.44 10.99
N GLU A 66 -2.31 -3.49 10.40
CA GLU A 66 -2.90 -4.82 10.05
C GLU A 66 -2.20 -5.38 8.81
N LEU A 67 -1.71 -4.52 7.94
CA LEU A 67 -1.02 -5.02 6.72
C LEU A 67 0.29 -5.70 7.11
N LYS A 68 1.11 -5.05 7.88
CA LYS A 68 2.39 -5.67 8.30
C LYS A 68 2.12 -6.86 9.21
N LYS A 69 0.92 -7.00 9.67
CA LYS A 69 0.58 -8.14 10.56
C LYS A 69 0.48 -9.43 9.74
N LYS A 70 -0.13 -9.35 8.59
CA LYS A 70 -0.27 -10.57 7.73
C LYS A 70 1.11 -11.00 7.23
N CYS A 71 2.07 -10.11 7.25
CA CYS A 71 3.43 -10.47 6.76
C CYS A 71 4.25 -11.04 7.92
N GLY A 72 4.17 -10.44 9.08
CA GLY A 72 4.94 -10.96 10.25
C GLY A 72 6.20 -10.12 10.44
N CYS A 73 6.63 -9.42 9.42
CA CYS A 73 7.85 -8.58 9.56
C CYS A 73 8.24 -8.02 8.18
N GLY A 74 8.57 -6.76 8.13
CA GLY A 74 8.95 -6.15 6.82
C GLY A 74 8.11 -4.90 6.56
N GLY A 75 6.87 -4.91 6.99
CA GLY A 75 5.99 -3.74 6.77
C GLY A 75 6.47 -2.56 7.64
N ALA A 76 7.21 -1.66 7.07
CA ALA A 76 7.71 -0.50 7.85
C ALA A 76 6.96 0.76 7.40
N VAL A 77 6.51 1.57 8.32
CA VAL A 77 5.77 2.81 7.94
C VAL A 77 6.70 4.02 8.06
N LYS A 78 6.36 5.10 7.40
CA LYS A 78 7.22 6.31 7.46
C LYS A 78 6.32 7.55 7.51
N ASP A 79 5.57 7.71 8.56
CA ASP A 79 4.67 8.90 8.67
C ASP A 79 3.83 9.01 7.39
N GLY A 80 2.93 8.10 7.18
CA GLY A 80 2.07 8.17 5.96
C GLY A 80 2.74 7.38 4.82
N VAL A 81 4.05 7.31 4.82
CA VAL A 81 4.76 6.57 3.75
C VAL A 81 4.96 5.11 4.17
N ILE A 82 4.02 4.25 3.85
CA ILE A 82 4.17 2.82 4.23
C ILE A 82 5.06 2.11 3.23
N GLU A 83 5.68 1.03 3.62
CA GLU A 83 6.56 0.28 2.67
C GLU A 83 6.55 -1.21 3.02
N ILE A 84 6.00 -2.03 2.17
CA ILE A 84 5.96 -3.48 2.46
C ILE A 84 6.48 -4.27 1.25
N GLN A 85 7.66 -4.82 1.34
CA GLN A 85 8.22 -5.59 0.20
C GLN A 85 7.20 -6.66 -0.23
N GLY A 86 7.18 -6.99 -1.49
CA GLY A 86 6.22 -8.02 -1.97
C GLY A 86 5.70 -7.66 -3.35
N ASP A 87 5.31 -8.62 -4.14
CA ASP A 87 4.80 -8.32 -5.51
C ASP A 87 3.52 -9.11 -5.75
N LYS A 88 2.39 -8.61 -5.32
CA LYS A 88 1.11 -9.34 -5.53
C LYS A 88 -0.03 -8.33 -5.69
N ARG A 89 0.12 -7.39 -6.57
CA ARG A 89 -0.96 -6.37 -6.77
C ARG A 89 -2.30 -7.09 -6.88
N ASP A 90 -2.32 -8.28 -7.40
CA ASP A 90 -3.61 -9.02 -7.53
C ASP A 90 -4.27 -9.13 -6.15
N LEU A 91 -3.57 -9.66 -5.19
CA LEU A 91 -4.16 -9.79 -3.82
C LEU A 91 -4.46 -8.40 -3.26
N LEU A 92 -3.52 -7.52 -3.32
CA LEU A 92 -3.75 -6.14 -2.79
C LEU A 92 -5.09 -5.61 -3.31
N LYS A 93 -5.47 -6.02 -4.49
CA LYS A 93 -6.76 -5.53 -5.05
C LYS A 93 -7.91 -5.96 -4.14
N SER A 94 -8.12 -7.23 -3.97
CA SER A 94 -9.23 -7.70 -3.10
C SER A 94 -8.96 -7.23 -1.66
N LEU A 95 -7.76 -6.84 -1.36
CA LEU A 95 -7.45 -6.38 0.02
C LEU A 95 -8.08 -5.00 0.25
N LEU A 96 -7.96 -4.12 -0.71
CA LEU A 96 -8.56 -2.77 -0.54
C LEU A 96 -10.09 -2.85 -0.68
N GLU A 97 -10.56 -3.67 -1.59
CA GLU A 97 -12.03 -3.80 -1.78
C GLU A 97 -12.64 -4.51 -0.56
N ALA A 98 -11.84 -5.22 0.18
CA ALA A 98 -12.37 -5.93 1.38
C ALA A 98 -13.07 -4.93 2.31
N LYS A 99 -12.62 -3.71 2.30
CA LYS A 99 -13.25 -2.68 3.17
C LYS A 99 -14.40 -2.00 2.42
N GLY A 100 -14.35 -1.99 1.12
CA GLY A 100 -15.43 -1.35 0.33
C GLY A 100 -15.03 0.09 -0.01
N MET A 101 -13.75 0.35 -0.12
CA MET A 101 -13.31 1.74 -0.45
C MET A 101 -12.75 1.76 -1.88
N LYS A 102 -12.31 2.91 -2.33
CA LYS A 102 -11.75 2.99 -3.70
C LYS A 102 -10.26 2.69 -3.67
N VAL A 103 -9.67 2.37 -4.80
CA VAL A 103 -8.21 2.06 -4.83
C VAL A 103 -7.66 2.35 -6.23
N LYS A 104 -6.53 2.99 -6.31
CA LYS A 104 -5.95 3.29 -7.65
C LYS A 104 -4.72 2.41 -7.87
N LEU A 105 -4.85 1.40 -8.69
CA LEU A 105 -3.69 0.51 -8.96
C LEU A 105 -2.44 1.35 -9.27
N ALA A 106 -2.64 2.55 -9.73
CA ALA A 106 -1.47 3.42 -10.04
C ALA A 106 -0.42 2.61 -10.81
N GLY A 107 -0.73 2.21 -12.01
CA GLY A 107 0.25 1.41 -12.80
C GLY A 107 0.79 2.27 -13.96
N GLY A 108 1.51 1.67 -14.86
CA GLY A 108 2.06 2.44 -16.00
C GLY A 108 3.46 1.93 -16.35
N LEU A 109 3.98 2.30 -17.49
CA LEU A 109 5.33 1.83 -17.89
C LEU A 109 5.35 0.29 -17.93
N GLU A 110 4.98 -0.27 -19.05
CA GLU A 110 4.97 -1.76 -19.17
C GLU A 110 4.46 -2.16 -20.55
N LYS A 28 -14.37 10.29 -12.55
CA LYS A 28 -14.64 8.83 -12.62
C LYS A 28 -13.69 8.09 -11.66
N GLY A 29 -13.79 8.37 -10.39
CA GLY A 29 -12.90 7.68 -9.42
C GLY A 29 -13.22 8.16 -8.00
N ASP A 30 -12.94 7.36 -7.01
CA ASP A 30 -13.24 7.77 -5.61
C ASP A 30 -12.27 7.07 -4.66
N GLY A 31 -10.99 7.15 -4.93
CA GLY A 31 -10.00 6.49 -4.05
C GLY A 31 -9.34 5.33 -4.79
N VAL A 32 -8.03 5.32 -4.86
CA VAL A 32 -7.33 4.21 -5.57
C VAL A 32 -6.05 3.86 -4.82
N VAL A 33 -6.11 2.89 -3.94
CA VAL A 33 -4.88 2.49 -3.18
C VAL A 33 -4.17 1.36 -3.93
N ARG A 34 -3.03 1.63 -4.50
CA ARG A 34 -2.29 0.57 -5.24
C ARG A 34 -1.29 -0.11 -4.28
N ILE A 35 -1.28 -1.42 -4.25
CA ILE A 35 -0.33 -2.12 -3.35
C ILE A 35 0.50 -3.11 -4.18
N GLN A 36 1.80 -3.05 -4.06
CA GLN A 36 2.66 -3.98 -4.84
C GLN A 36 3.97 -4.22 -4.08
N ARG A 37 4.94 -4.82 -4.71
CA ARG A 37 6.23 -5.09 -4.03
C ARG A 37 7.39 -4.76 -4.97
N GLN A 38 8.22 -3.82 -4.59
CA GLN A 38 9.38 -3.45 -5.46
C GLN A 38 10.59 -4.29 -5.08
N THR A 39 11.09 -5.08 -5.99
CA THR A 39 12.28 -5.93 -5.69
C THR A 39 13.51 -5.35 -6.38
N SER A 40 14.60 -6.05 -6.36
CA SER A 40 15.83 -5.53 -7.02
C SER A 40 16.95 -6.58 -6.91
N GLY A 41 17.21 -7.06 -5.73
CA GLY A 41 18.28 -8.08 -5.56
C GLY A 41 17.65 -9.43 -5.21
N ARG A 42 18.46 -10.41 -4.90
CA ARG A 42 17.91 -11.75 -4.55
C ARG A 42 18.70 -12.33 -3.39
N LYS A 43 18.78 -11.62 -2.29
CA LYS A 43 19.53 -12.14 -1.12
C LYS A 43 19.09 -11.38 0.13
N GLY A 44 17.86 -10.93 0.18
CA GLY A 44 17.38 -10.19 1.37
C GLY A 44 15.86 -10.26 1.44
N LYS A 45 15.21 -9.13 1.47
CA LYS A 45 13.71 -9.12 1.54
C LYS A 45 13.17 -8.12 0.52
N GLY A 46 12.00 -7.60 0.76
CA GLY A 46 11.41 -6.62 -0.19
C GLY A 46 10.68 -5.52 0.58
N VAL A 47 9.85 -4.77 -0.08
CA VAL A 47 9.11 -3.67 0.62
C VAL A 47 7.80 -3.38 -0.13
N CYS A 48 6.77 -3.02 0.59
CA CYS A 48 5.48 -2.72 -0.08
C CYS A 48 5.42 -1.22 -0.44
N LEU A 49 5.06 -0.92 -1.66
CA LEU A 49 4.99 0.51 -2.07
C LEU A 49 3.55 0.87 -2.46
N ILE A 50 2.93 1.74 -1.74
CA ILE A 50 1.53 2.13 -2.07
C ILE A 50 1.46 3.63 -2.35
N THR A 51 1.23 4.00 -3.58
CA THR A 51 1.16 5.45 -3.92
C THR A 51 0.09 5.67 -4.98
N GLY A 52 -0.35 6.89 -5.15
CA GLY A 52 -1.41 7.18 -6.17
C GLY A 52 -2.77 7.28 -5.49
N VAL A 53 -2.78 7.56 -4.21
CA VAL A 53 -4.09 7.67 -3.49
C VAL A 53 -4.72 9.03 -3.79
N ASP A 54 -5.82 9.04 -4.49
CA ASP A 54 -6.49 10.33 -4.82
C ASP A 54 -7.61 10.60 -3.82
N LEU A 55 -7.27 10.89 -2.59
CA LEU A 55 -8.32 11.17 -1.58
C LEU A 55 -7.92 12.39 -0.73
N ASP A 56 -8.81 12.84 0.11
CA ASP A 56 -8.47 14.03 0.95
C ASP A 56 -7.10 13.83 1.59
N ASP A 57 -6.58 14.85 2.21
CA ASP A 57 -5.24 14.72 2.86
C ASP A 57 -5.37 13.95 4.16
N ALA A 58 -6.41 14.20 4.91
CA ALA A 58 -6.59 13.47 6.20
C ALA A 58 -6.80 11.97 5.92
N GLU A 59 -7.37 11.64 4.79
CA GLU A 59 -7.59 10.20 4.47
C GLU A 59 -6.25 9.49 4.37
N LEU A 60 -5.29 10.08 3.69
CA LEU A 60 -3.96 9.44 3.56
C LEU A 60 -3.42 9.09 4.94
N THR A 61 -3.58 9.97 5.89
CA THR A 61 -3.07 9.68 7.26
C THR A 61 -3.96 8.64 7.91
N LYS A 62 -5.19 8.55 7.51
CA LYS A 62 -6.12 7.54 8.12
C LYS A 62 -5.60 6.14 7.81
N LEU A 63 -5.48 5.79 6.56
CA LEU A 63 -4.99 4.44 6.19
C LEU A 63 -3.53 4.29 6.65
N ALA A 64 -2.79 5.36 6.66
CA ALA A 64 -1.37 5.28 7.10
C ALA A 64 -1.30 4.72 8.52
N ALA A 65 -2.07 5.26 9.42
CA ALA A 65 -2.04 4.76 10.83
C ALA A 65 -2.70 3.39 10.89
N GLU A 66 -3.63 3.11 10.01
CA GLU A 66 -4.31 1.78 10.02
C GLU A 66 -3.30 0.68 9.72
N LEU A 67 -2.32 0.94 8.91
CA LEU A 67 -1.31 -0.11 8.58
C LEU A 67 -0.18 -0.08 9.60
N LYS A 68 0.18 1.07 10.10
CA LYS A 68 1.28 1.15 11.09
C LYS A 68 0.89 0.39 12.37
N LYS A 69 -0.37 0.11 12.53
CA LYS A 69 -0.81 -0.62 13.76
C LYS A 69 -0.43 -2.11 13.63
N LYS A 70 -0.37 -2.61 12.43
CA LYS A 70 0.00 -4.04 12.25
C LYS A 70 1.49 -4.23 12.55
N CYS A 71 2.35 -3.69 11.73
CA CYS A 71 3.81 -3.83 11.98
C CYS A 71 4.17 -3.11 13.28
N GLY A 72 3.87 -1.85 13.37
CA GLY A 72 4.19 -1.09 14.61
C GLY A 72 5.63 -0.60 14.55
N CYS A 73 6.25 -0.67 13.40
CA CYS A 73 7.66 -0.21 13.27
C CYS A 73 8.22 -0.71 11.93
N GLY A 74 8.77 0.17 11.14
CA GLY A 74 9.34 -0.25 9.83
C GLY A 74 8.51 0.36 8.69
N GLY A 75 7.42 1.01 9.01
CA GLY A 75 6.59 1.62 7.94
C GLY A 75 6.71 3.14 8.02
N ALA A 76 7.07 3.78 6.95
CA ALA A 76 7.21 5.27 6.98
C ALA A 76 6.09 5.92 6.15
N VAL A 77 5.30 6.75 6.77
CA VAL A 77 4.20 7.42 6.02
C VAL A 77 4.74 8.69 5.37
N LYS A 78 4.60 8.83 4.08
CA LYS A 78 5.10 10.05 3.40
C LYS A 78 3.93 10.75 2.71
N ASP A 79 3.97 12.06 2.67
CA ASP A 79 2.85 12.80 2.01
C ASP A 79 2.88 12.54 0.50
N GLY A 80 2.03 11.67 0.03
CA GLY A 80 2.01 11.37 -1.44
C GLY A 80 2.69 10.01 -1.68
N VAL A 81 3.35 9.48 -0.69
CA VAL A 81 4.03 8.17 -0.86
C VAL A 81 3.90 7.35 0.43
N ILE A 82 3.32 6.20 0.36
CA ILE A 82 3.16 5.36 1.59
C ILE A 82 4.19 4.22 1.55
N GLU A 83 5.04 4.14 2.54
CA GLU A 83 6.05 3.06 2.57
C GLU A 83 5.66 2.02 3.63
N ILE A 84 5.45 0.79 3.22
CA ILE A 84 5.06 -0.26 4.21
C ILE A 84 6.14 -1.34 4.26
N GLN A 85 6.13 -2.16 5.27
CA GLN A 85 7.14 -3.25 5.38
C GLN A 85 6.45 -4.60 5.50
N GLY A 86 6.89 -5.57 4.75
CA GLY A 86 6.25 -6.92 4.83
C GLY A 86 6.05 -7.48 3.43
N ASP A 87 5.73 -8.74 3.32
CA ASP A 87 5.52 -9.35 1.98
C ASP A 87 4.26 -10.21 2.00
N LYS A 88 3.10 -9.61 1.86
CA LYS A 88 1.84 -10.41 1.86
C LYS A 88 0.86 -9.81 0.84
N ARG A 89 1.30 -9.62 -0.37
CA ARG A 89 0.39 -9.05 -1.40
C ARG A 89 -0.97 -9.77 -1.35
N ASP A 90 -0.99 -10.99 -0.89
CA ASP A 90 -2.27 -11.73 -0.80
C ASP A 90 -3.19 -11.04 0.19
N LEU A 91 -2.77 -10.91 1.43
CA LEU A 91 -3.62 -10.24 2.44
C LEU A 91 -3.97 -8.83 1.97
N LEU A 92 -2.98 -8.08 1.55
CA LEU A 92 -3.25 -6.69 1.07
C LEU A 92 -4.35 -6.72 0.02
N LYS A 93 -4.40 -7.76 -0.77
CA LYS A 93 -5.46 -7.85 -1.82
C LYS A 93 -6.84 -7.82 -1.15
N SER A 94 -7.11 -8.75 -0.28
CA SER A 94 -8.44 -8.77 0.40
C SER A 94 -8.57 -7.55 1.30
N LEU A 95 -7.50 -6.83 1.51
CA LEU A 95 -7.57 -5.61 2.36
C LEU A 95 -8.25 -4.48 1.60
N LEU A 96 -7.69 -4.10 0.48
CA LEU A 96 -8.31 -3.00 -0.32
C LEU A 96 -9.63 -3.49 -0.93
N GLU A 97 -9.78 -4.77 -1.08
CA GLU A 97 -11.04 -5.31 -1.67
C GLU A 97 -12.17 -5.20 -0.64
N ALA A 98 -11.83 -5.21 0.62
CA ALA A 98 -12.89 -5.10 1.66
C ALA A 98 -13.47 -3.68 1.67
N LYS A 99 -12.73 -2.73 1.16
CA LYS A 99 -13.24 -1.33 1.13
C LYS A 99 -13.91 -1.06 -0.22
N GLY A 100 -14.08 -2.07 -1.02
CA GLY A 100 -14.71 -1.86 -2.36
C GLY A 100 -14.11 -0.63 -3.04
N MET A 101 -12.85 -0.38 -2.82
CA MET A 101 -12.19 0.80 -3.45
C MET A 101 -11.68 0.41 -4.83
N LYS A 102 -10.96 1.29 -5.48
CA LYS A 102 -10.43 0.97 -6.83
C LYS A 102 -8.96 0.59 -6.72
N VAL A 103 -8.66 -0.57 -6.19
CA VAL A 103 -7.25 -1.00 -6.05
C VAL A 103 -6.81 -1.73 -7.33
N LYS A 104 -5.58 -1.59 -7.71
CA LYS A 104 -5.09 -2.28 -8.94
C LYS A 104 -4.10 -3.38 -8.56
N LEU A 105 -4.27 -3.95 -7.40
CA LEU A 105 -3.34 -5.04 -6.97
C LEU A 105 -1.89 -4.62 -7.27
N ALA A 106 -1.03 -5.57 -7.44
CA ALA A 106 0.39 -5.23 -7.74
C ALA A 106 0.69 -5.49 -9.22
N GLY A 107 0.03 -4.77 -10.10
CA GLY A 107 0.26 -4.97 -11.56
C GLY A 107 1.67 -4.49 -11.91
N GLY A 108 2.13 -4.81 -13.10
CA GLY A 108 3.49 -4.36 -13.51
C GLY A 108 3.69 -4.64 -15.00
N LEU A 109 4.67 -4.02 -15.60
CA LEU A 109 4.92 -4.25 -17.06
C LEU A 109 6.16 -3.47 -17.49
N GLU A 110 7.30 -3.84 -17.01
CA GLU A 110 8.55 -3.11 -17.41
C GLU A 110 9.54 -4.09 -18.02
N LYS A 28 -18.78 7.18 -9.35
CA LYS A 28 -18.15 5.84 -9.26
C LYS A 28 -16.68 5.98 -8.85
N GLY A 29 -15.90 6.65 -9.65
CA GLY A 29 -14.46 6.82 -9.30
C GLY A 29 -14.31 7.90 -8.23
N ASP A 30 -13.93 7.53 -7.04
CA ASP A 30 -13.77 8.53 -5.96
C ASP A 30 -12.32 8.54 -5.47
N GLY A 31 -11.69 7.40 -5.45
CA GLY A 31 -10.27 7.36 -5.00
C GLY A 31 -9.61 6.07 -5.50
N VAL A 32 -8.34 6.12 -5.78
CA VAL A 32 -7.64 4.90 -6.29
C VAL A 32 -6.34 4.69 -5.49
N VAL A 33 -5.97 3.46 -5.26
CA VAL A 33 -4.73 3.18 -4.49
C VAL A 33 -3.68 2.58 -5.42
N ARG A 34 -2.44 2.56 -5.00
CA ARG A 34 -1.37 1.98 -5.86
C ARG A 34 -0.38 1.21 -4.99
N ILE A 35 -0.34 -0.09 -5.12
CA ILE A 35 0.62 -0.89 -4.30
C ILE A 35 1.48 -1.76 -5.22
N GLN A 36 2.76 -1.54 -5.22
CA GLN A 36 3.66 -2.35 -6.09
C GLN A 36 5.02 -2.52 -5.42
N ARG A 37 5.23 -3.63 -4.77
CA ARG A 37 6.54 -3.86 -4.08
C ARG A 37 7.67 -3.71 -5.10
N GLN A 38 8.63 -2.86 -4.82
CA GLN A 38 9.76 -2.68 -5.77
C GLN A 38 11.04 -3.25 -5.15
N THR A 39 11.21 -4.54 -5.19
CA THR A 39 12.44 -5.16 -4.60
C THR A 39 13.67 -4.43 -5.13
N SER A 40 14.71 -4.37 -4.35
CA SER A 40 15.95 -3.67 -4.81
C SER A 40 17.00 -4.72 -5.23
N GLY A 41 16.78 -5.96 -4.88
CA GLY A 41 17.76 -7.01 -5.24
C GLY A 41 17.02 -8.25 -5.79
N ARG A 42 17.69 -9.09 -6.50
CA ARG A 42 17.03 -10.30 -7.06
C ARG A 42 16.51 -11.17 -5.91
N LYS A 43 15.21 -11.38 -5.86
CA LYS A 43 14.65 -12.22 -4.77
C LYS A 43 15.10 -11.66 -3.42
N GLY A 44 14.75 -12.33 -2.35
CA GLY A 44 15.16 -11.84 -1.00
C GLY A 44 14.01 -11.05 -0.36
N LYS A 45 14.32 -10.00 0.34
CA LYS A 45 13.24 -9.19 0.99
C LYS A 45 12.77 -8.12 0.01
N GLY A 46 11.61 -7.56 0.24
CA GLY A 46 11.09 -6.51 -0.67
C GLY A 46 10.32 -5.46 0.14
N VAL A 47 10.27 -4.26 -0.33
CA VAL A 47 9.52 -3.19 0.41
C VAL A 47 8.21 -2.88 -0.31
N CYS A 48 7.33 -2.17 0.32
CA CYS A 48 6.03 -1.84 -0.34
C CYS A 48 5.78 -0.33 -0.25
N LEU A 49 5.80 0.35 -1.37
CA LEU A 49 5.56 1.81 -1.35
C LEU A 49 4.06 2.10 -1.47
N ILE A 50 3.58 3.11 -0.80
CA ILE A 50 2.13 3.44 -0.87
C ILE A 50 1.95 4.91 -1.24
N THR A 51 1.52 5.18 -2.44
CA THR A 51 1.34 6.60 -2.87
C THR A 51 0.29 6.66 -3.99
N GLY A 52 -0.37 7.78 -4.12
CA GLY A 52 -1.39 7.90 -5.19
C GLY A 52 -2.78 8.11 -4.56
N VAL A 53 -2.97 7.59 -3.37
CA VAL A 53 -4.29 7.75 -2.70
C VAL A 53 -4.75 9.20 -2.83
N ASP A 54 -5.77 9.45 -3.61
CA ASP A 54 -6.26 10.84 -3.77
C ASP A 54 -7.35 11.12 -2.73
N LEU A 55 -6.97 11.32 -1.50
CA LEU A 55 -7.98 11.60 -0.45
C LEU A 55 -7.80 13.03 0.08
N ASP A 56 -8.49 13.39 1.12
CA ASP A 56 -8.36 14.76 1.67
C ASP A 56 -7.01 14.91 2.37
N ASP A 57 -6.84 14.26 3.48
CA ASP A 57 -5.53 14.36 4.21
C ASP A 57 -5.58 13.48 5.46
N ALA A 58 -6.67 13.51 6.18
CA ALA A 58 -6.77 12.68 7.41
C ALA A 58 -7.04 11.22 7.02
N GLU A 59 -7.71 11.00 5.93
CA GLU A 59 -8.00 9.60 5.50
C GLU A 59 -6.69 8.85 5.30
N LEU A 60 -5.74 9.45 4.65
CA LEU A 60 -4.43 8.76 4.43
C LEU A 60 -3.91 8.22 5.76
N THR A 61 -3.82 9.07 6.75
CA THR A 61 -3.32 8.60 8.08
C THR A 61 -4.19 7.45 8.58
N LYS A 62 -5.48 7.54 8.40
CA LYS A 62 -6.39 6.46 8.87
C LYS A 62 -5.93 5.12 8.27
N LEU A 63 -5.62 5.10 7.00
CA LEU A 63 -5.18 3.83 6.37
C LEU A 63 -3.85 3.38 7.00
N ALA A 64 -2.92 4.29 7.16
CA ALA A 64 -1.61 3.91 7.76
C ALA A 64 -1.85 3.13 9.05
N ALA A 65 -2.76 3.58 9.87
CA ALA A 65 -3.04 2.87 11.15
C ALA A 65 -3.71 1.53 10.85
N GLU A 66 -4.55 1.48 9.85
CA GLU A 66 -5.23 0.19 9.52
C GLU A 66 -4.20 -0.83 9.04
N LEU A 67 -3.06 -0.39 8.60
CA LEU A 67 -2.02 -1.34 8.12
C LEU A 67 -1.15 -1.78 9.30
N LYS A 68 -0.75 -0.86 10.14
CA LYS A 68 0.09 -1.22 11.31
C LYS A 68 -0.69 -2.14 12.26
N LYS A 69 -1.99 -2.10 12.21
CA LYS A 69 -2.80 -2.95 13.11
C LYS A 69 -2.52 -4.43 12.81
N LYS A 70 -1.93 -4.72 11.69
CA LYS A 70 -1.64 -6.16 11.36
C LYS A 70 -0.34 -6.25 10.56
N CYS A 71 0.52 -5.29 10.68
CA CYS A 71 1.80 -5.33 9.92
C CYS A 71 2.95 -5.67 10.86
N GLY A 72 2.79 -5.41 12.14
CA GLY A 72 3.87 -5.72 13.10
C GLY A 72 4.75 -4.48 13.30
N CYS A 73 4.56 -3.48 12.47
CA CYS A 73 5.38 -2.25 12.61
C CYS A 73 5.07 -1.31 11.45
N GLY A 74 4.88 -0.04 11.73
CA GLY A 74 4.57 0.92 10.63
C GLY A 74 5.82 1.17 9.79
N GLY A 75 6.70 2.03 10.25
CA GLY A 75 7.94 2.32 9.48
C GLY A 75 8.00 3.80 9.15
N ALA A 76 7.83 4.16 7.90
CA ALA A 76 7.87 5.60 7.51
C ALA A 76 6.45 6.10 7.24
N VAL A 77 6.08 7.21 7.80
CA VAL A 77 4.71 7.74 7.56
C VAL A 77 4.78 9.25 7.30
N LYS A 78 4.77 9.65 6.06
CA LYS A 78 4.82 11.10 5.74
C LYS A 78 3.41 11.57 5.36
N ASP A 79 3.07 12.79 5.68
CA ASP A 79 1.70 13.29 5.33
C ASP A 79 1.54 13.31 3.81
N GLY A 80 0.99 12.26 3.24
CA GLY A 80 0.80 12.23 1.76
C GLY A 80 1.36 10.93 1.20
N VAL A 81 2.30 10.33 1.86
CA VAL A 81 2.88 9.05 1.36
C VAL A 81 3.21 8.13 2.54
N ILE A 82 3.30 6.85 2.29
CA ILE A 82 3.61 5.91 3.39
C ILE A 82 4.50 4.78 2.86
N GLU A 83 5.38 4.28 3.68
CA GLU A 83 6.29 3.17 3.22
C GLU A 83 6.25 2.04 4.24
N ILE A 84 5.97 0.84 3.81
CA ILE A 84 5.93 -0.31 4.76
C ILE A 84 7.05 -1.30 4.41
N GLN A 85 7.46 -2.10 5.35
CA GLN A 85 8.55 -3.08 5.07
C GLN A 85 8.00 -4.50 5.22
N GLY A 86 7.41 -5.03 4.18
CA GLY A 86 6.86 -6.41 4.26
C GLY A 86 6.59 -6.94 2.85
N ASP A 87 6.36 -8.22 2.71
CA ASP A 87 6.09 -8.79 1.38
C ASP A 87 4.70 -9.41 1.35
N LYS A 88 3.70 -8.69 1.80
CA LYS A 88 2.33 -9.25 1.80
C LYS A 88 1.51 -8.59 0.69
N ARG A 89 2.12 -8.33 -0.44
CA ARG A 89 1.39 -7.70 -1.57
C ARG A 89 0.05 -8.41 -1.77
N ASP A 90 0.02 -9.71 -1.59
CA ASP A 90 -1.24 -10.46 -1.78
C ASP A 90 -2.31 -9.90 -0.83
N LEU A 91 -2.02 -9.83 0.44
CA LEU A 91 -3.01 -9.30 1.41
C LEU A 91 -3.25 -7.81 1.13
N LEU A 92 -2.36 -7.18 0.41
CA LEU A 92 -2.54 -5.73 0.10
C LEU A 92 -3.67 -5.57 -0.92
N LYS A 93 -3.69 -6.38 -1.94
CA LYS A 93 -4.76 -6.26 -2.97
C LYS A 93 -6.10 -6.62 -2.35
N SER A 94 -6.10 -7.53 -1.41
CA SER A 94 -7.39 -7.93 -0.77
C SER A 94 -7.93 -6.76 0.06
N LEU A 95 -7.20 -6.35 1.06
CA LEU A 95 -7.68 -5.21 1.90
C LEU A 95 -8.04 -4.03 1.00
N LEU A 96 -7.38 -3.88 -0.11
CA LEU A 96 -7.69 -2.76 -1.04
C LEU A 96 -9.10 -2.93 -1.59
N GLU A 97 -9.43 -4.11 -2.05
CA GLU A 97 -10.78 -4.35 -2.61
C GLU A 97 -11.81 -4.29 -1.48
N ALA A 98 -11.38 -4.34 -0.25
CA ALA A 98 -12.33 -4.30 0.89
C ALA A 98 -12.87 -2.87 1.04
N LYS A 99 -12.25 -1.92 0.40
CA LYS A 99 -12.72 -0.51 0.51
C LYS A 99 -13.54 -0.16 -0.73
N GLY A 100 -13.21 -0.73 -1.85
CA GLY A 100 -13.98 -0.42 -3.10
C GLY A 100 -13.19 0.57 -3.95
N MET A 101 -11.93 0.75 -3.67
CA MET A 101 -11.10 1.70 -4.46
C MET A 101 -10.51 0.97 -5.67
N LYS A 102 -10.18 1.71 -6.71
CA LYS A 102 -9.60 1.05 -7.92
C LYS A 102 -8.08 0.92 -7.74
N VAL A 103 -7.63 -0.23 -7.34
CA VAL A 103 -6.16 -0.42 -7.15
C VAL A 103 -5.51 -0.73 -8.51
N LYS A 104 -4.35 -0.19 -8.74
CA LYS A 104 -3.67 -0.44 -10.05
C LYS A 104 -2.42 -1.30 -9.81
N LEU A 105 -2.60 -2.58 -9.61
CA LEU A 105 -1.43 -3.47 -9.38
C LEU A 105 -0.34 -3.16 -10.40
N ALA A 106 0.62 -2.35 -10.05
CA ALA A 106 1.70 -2.01 -11.01
C ALA A 106 2.85 -3.02 -10.85
N GLY A 107 2.89 -4.02 -11.68
CA GLY A 107 3.99 -5.03 -11.59
C GLY A 107 3.82 -6.08 -12.68
N GLY A 108 4.86 -6.81 -12.98
CA GLY A 108 4.76 -7.85 -14.04
C GLY A 108 5.84 -8.91 -13.83
N LEU A 109 5.76 -10.00 -14.54
CA LEU A 109 6.79 -11.06 -14.38
C LEU A 109 8.04 -10.71 -15.20
N GLU A 110 9.04 -10.15 -14.57
CA GLU A 110 10.28 -9.79 -15.32
C GLU A 110 11.45 -10.63 -14.83
N LYS A 28 -16.27 2.16 -4.63
CA LYS A 28 -17.48 1.46 -5.14
C LYS A 28 -17.65 1.77 -6.63
N GLY A 29 -17.36 2.97 -7.05
CA GLY A 29 -17.51 3.32 -8.48
C GLY A 29 -16.16 3.20 -9.18
N ASP A 30 -15.20 3.98 -8.78
CA ASP A 30 -13.85 3.91 -9.41
C ASP A 30 -12.77 3.87 -8.32
N GLY A 31 -12.45 2.69 -7.84
CA GLY A 31 -11.42 2.59 -6.77
C GLY A 31 -10.52 1.38 -7.05
N VAL A 32 -9.24 1.59 -7.17
CA VAL A 32 -8.31 0.46 -7.45
C VAL A 32 -6.97 0.72 -6.76
N VAL A 33 -6.71 0.05 -5.66
CA VAL A 33 -5.43 0.25 -4.95
C VAL A 33 -4.40 -0.78 -5.45
N ARG A 34 -3.14 -0.43 -5.40
CA ARG A 34 -2.09 -1.39 -5.88
C ARG A 34 -1.10 -1.66 -4.74
N ILE A 35 -1.09 -2.86 -4.23
CA ILE A 35 -0.15 -3.18 -3.11
C ILE A 35 0.72 -4.37 -3.52
N GLN A 36 2.00 -4.15 -3.66
CA GLN A 36 2.91 -5.27 -4.06
C GLN A 36 4.30 -5.03 -3.48
N ARG A 37 5.29 -5.69 -4.00
CA ARG A 37 6.67 -5.50 -3.47
C ARG A 37 7.60 -5.08 -4.61
N GLN A 38 8.48 -4.16 -4.37
CA GLN A 38 9.42 -3.70 -5.44
C GLN A 38 10.86 -4.05 -5.04
N THR A 39 11.14 -5.30 -4.85
CA THR A 39 12.53 -5.70 -4.46
C THR A 39 13.50 -5.27 -5.55
N SER A 40 14.67 -4.83 -5.18
CA SER A 40 15.67 -4.39 -6.19
C SER A 40 16.87 -5.33 -6.16
N GLY A 41 17.70 -5.24 -5.16
CA GLY A 41 18.89 -6.13 -5.08
C GLY A 41 20.03 -5.41 -4.35
N ARG A 42 19.93 -5.29 -3.05
CA ARG A 42 21.01 -4.60 -2.29
C ARG A 42 20.67 -4.59 -0.80
N LYS A 43 19.53 -4.04 -0.45
CA LYS A 43 19.14 -4.01 0.99
C LYS A 43 19.02 -5.44 1.52
N GLY A 44 18.20 -6.24 0.90
CA GLY A 44 18.04 -7.64 1.37
C GLY A 44 16.58 -7.89 1.77
N LYS A 45 16.06 -7.08 2.65
CA LYS A 45 14.65 -7.27 3.09
C LYS A 45 13.71 -6.93 1.92
N GLY A 46 12.42 -6.92 2.17
CA GLY A 46 11.46 -6.59 1.09
C GLY A 46 10.84 -5.23 1.36
N VAL A 47 10.48 -4.51 0.33
CA VAL A 47 9.87 -3.16 0.53
C VAL A 47 8.47 -3.14 -0.09
N CYS A 48 7.56 -2.43 0.51
CA CYS A 48 6.18 -2.37 -0.04
C CYS A 48 5.91 -0.97 -0.58
N LEU A 49 5.24 -0.87 -1.69
CA LEU A 49 4.94 0.47 -2.28
C LEU A 49 3.46 0.55 -2.63
N ILE A 50 2.76 1.49 -2.04
CA ILE A 50 1.30 1.63 -2.34
C ILE A 50 1.09 2.78 -3.31
N THR A 51 0.46 2.52 -4.43
CA THR A 51 0.22 3.62 -5.42
C THR A 51 -0.93 3.21 -6.34
N GLY A 52 -1.55 4.18 -6.98
CA GLY A 52 -2.67 3.86 -7.90
C GLY A 52 -4.00 4.27 -7.25
N VAL A 53 -4.05 4.25 -5.94
CA VAL A 53 -5.32 4.64 -5.25
C VAL A 53 -5.87 5.92 -5.89
N ASP A 54 -7.04 5.85 -6.46
CA ASP A 54 -7.63 7.06 -7.08
C ASP A 54 -8.85 7.51 -6.27
N LEU A 55 -8.64 8.06 -5.11
CA LEU A 55 -9.78 8.52 -4.28
C LEU A 55 -9.59 9.99 -3.90
N ASP A 56 -10.39 10.50 -3.02
CA ASP A 56 -10.25 11.93 -2.61
C ASP A 56 -8.82 12.17 -2.10
N ASP A 57 -8.31 13.35 -2.31
CA ASP A 57 -6.93 13.65 -1.83
C ASP A 57 -6.86 13.49 -0.31
N ALA A 58 -7.92 13.80 0.37
CA ALA A 58 -7.92 13.67 1.86
C ALA A 58 -8.09 12.21 2.24
N GLU A 59 -8.76 11.44 1.42
CA GLU A 59 -8.96 10.00 1.73
C GLU A 59 -7.61 9.27 1.62
N LEU A 60 -6.74 9.73 0.77
CA LEU A 60 -5.42 9.06 0.62
C LEU A 60 -4.61 9.22 1.91
N THR A 61 -4.37 10.44 2.32
CA THR A 61 -3.60 10.67 3.57
C THR A 61 -4.29 9.98 4.73
N LYS A 62 -5.56 9.67 4.59
CA LYS A 62 -6.29 9.00 5.69
C LYS A 62 -5.91 7.52 5.73
N LEU A 63 -5.85 6.88 4.60
CA LEU A 63 -5.49 5.43 4.59
C LEU A 63 -4.00 5.28 4.92
N ALA A 64 -3.20 6.27 4.60
CA ALA A 64 -1.75 6.17 4.91
C ALA A 64 -1.54 6.32 6.42
N ALA A 65 -2.08 7.36 7.01
CA ALA A 65 -1.91 7.56 8.48
C ALA A 65 -2.48 6.35 9.23
N GLU A 66 -3.67 5.94 8.88
CA GLU A 66 -4.28 4.77 9.58
C GLU A 66 -3.32 3.58 9.49
N LEU A 67 -2.79 3.33 8.33
CA LEU A 67 -1.84 2.18 8.18
C LEU A 67 -0.65 2.39 9.12
N LYS A 68 -0.22 3.61 9.29
CA LYS A 68 0.93 3.88 10.18
C LYS A 68 0.58 3.44 11.61
N LYS A 69 -0.64 3.67 12.00
CA LYS A 69 -1.05 3.26 13.39
C LYS A 69 -0.82 1.76 13.55
N LYS A 70 -0.83 1.03 12.46
CA LYS A 70 -0.61 -0.44 12.55
C LYS A 70 0.59 -0.81 11.69
N CYS A 71 1.70 -0.14 11.86
CA CYS A 71 2.91 -0.45 11.04
C CYS A 71 4.14 -0.52 11.95
N GLY A 72 4.50 0.57 12.56
CA GLY A 72 5.69 0.57 13.45
C GLY A 72 6.71 1.57 12.93
N CYS A 73 6.33 2.39 11.98
CA CYS A 73 7.28 3.40 11.42
C CYS A 73 6.68 4.01 10.16
N GLY A 74 6.62 5.31 10.09
CA GLY A 74 6.06 5.96 8.87
C GLY A 74 7.18 6.31 7.90
N GLY A 75 7.36 5.53 6.87
CA GLY A 75 8.43 5.83 5.89
C GLY A 75 8.11 7.12 5.14
N ALA A 76 7.76 7.01 3.89
CA ALA A 76 7.43 8.24 3.11
C ALA A 76 5.93 8.23 2.77
N VAL A 77 5.21 9.24 3.19
CA VAL A 77 3.75 9.28 2.89
C VAL A 77 3.44 10.47 1.99
N LYS A 78 3.71 10.36 0.72
CA LYS A 78 3.41 11.49 -0.21
C LYS A 78 1.98 11.36 -0.72
N ASP A 79 1.31 12.46 -0.93
CA ASP A 79 -0.08 12.40 -1.44
C ASP A 79 -0.10 11.79 -2.84
N GLY A 80 -0.25 10.50 -2.94
CA GLY A 80 -0.27 9.85 -4.27
C GLY A 80 0.72 8.68 -4.30
N VAL A 81 1.72 8.71 -3.45
CA VAL A 81 2.71 7.61 -3.44
C VAL A 81 3.07 7.27 -1.99
N ILE A 82 3.18 6.01 -1.67
CA ILE A 82 3.52 5.61 -0.29
C ILE A 82 4.64 4.57 -0.31
N GLU A 83 5.63 4.72 0.53
CA GLU A 83 6.75 3.73 0.56
C GLU A 83 7.02 3.31 2.00
N ILE A 84 6.82 2.07 2.32
CA ILE A 84 7.07 1.61 3.71
C ILE A 84 7.54 0.15 3.70
N GLN A 85 8.40 -0.21 4.62
CA GLN A 85 8.90 -1.62 4.65
C GLN A 85 7.78 -2.53 5.16
N GLY A 86 7.67 -3.70 4.60
CA GLY A 86 6.60 -4.64 5.06
C GLY A 86 6.49 -5.80 4.06
N ASP A 87 6.64 -7.01 4.53
CA ASP A 87 6.55 -8.18 3.61
C ASP A 87 5.23 -8.92 3.87
N LYS A 88 4.13 -8.22 3.87
CA LYS A 88 2.83 -8.89 4.12
C LYS A 88 1.82 -8.45 3.06
N ARG A 89 2.16 -8.58 1.80
CA ARG A 89 1.22 -8.17 0.72
C ARG A 89 -0.13 -8.85 0.94
N ASP A 90 -0.14 -9.99 1.57
CA ASP A 90 -1.42 -10.71 1.81
C ASP A 90 -2.30 -9.88 2.76
N LEU A 91 -1.76 -9.50 3.90
CA LEU A 91 -2.55 -8.69 4.86
C LEU A 91 -3.00 -7.39 4.18
N LEU A 92 -2.09 -6.71 3.54
CA LEU A 92 -2.46 -5.43 2.86
C LEU A 92 -3.64 -5.68 1.92
N LYS A 93 -3.64 -6.80 1.24
CA LYS A 93 -4.77 -7.11 0.31
C LYS A 93 -6.05 -7.34 1.11
N SER A 94 -5.94 -7.86 2.30
CA SER A 94 -7.14 -8.11 3.11
C SER A 94 -7.78 -6.78 3.53
N LEU A 95 -7.09 -5.99 4.29
CA LEU A 95 -7.64 -4.67 4.72
C LEU A 95 -8.16 -3.92 3.49
N LEU A 96 -7.46 -4.01 2.39
CA LEU A 96 -7.90 -3.29 1.17
C LEU A 96 -9.30 -3.78 0.76
N GLU A 97 -9.51 -5.07 0.78
CA GLU A 97 -10.85 -5.61 0.41
C GLU A 97 -11.87 -5.24 1.48
N ALA A 98 -11.41 -4.87 2.65
CA ALA A 98 -12.36 -4.50 3.74
C ALA A 98 -13.08 -3.21 3.37
N LYS A 99 -12.47 -2.37 2.58
CA LYS A 99 -13.12 -1.09 2.18
C LYS A 99 -14.02 -1.34 0.97
N GLY A 100 -13.84 -2.44 0.30
CA GLY A 100 -14.69 -2.74 -0.89
C GLY A 100 -14.05 -2.14 -2.14
N MET A 101 -12.76 -1.94 -2.12
CA MET A 101 -12.07 -1.36 -3.31
C MET A 101 -11.45 -2.48 -4.13
N LYS A 102 -10.96 -2.18 -5.30
CA LYS A 102 -10.35 -3.23 -6.16
C LYS A 102 -8.88 -3.41 -5.75
N VAL A 103 -8.27 -4.49 -6.19
CA VAL A 103 -6.85 -4.72 -5.82
C VAL A 103 -6.14 -5.46 -6.97
N LYS A 104 -5.07 -4.91 -7.47
CA LYS A 104 -4.34 -5.58 -8.59
C LYS A 104 -3.01 -6.13 -8.08
N LEU A 105 -3.04 -7.25 -7.41
CA LEU A 105 -1.77 -7.83 -6.88
C LEU A 105 -0.70 -7.80 -7.98
N ALA A 106 0.24 -6.90 -7.87
CA ALA A 106 1.32 -6.81 -8.90
C ALA A 106 2.59 -7.47 -8.37
N GLY A 107 3.52 -7.78 -9.23
CA GLY A 107 4.78 -8.41 -8.78
C GLY A 107 5.71 -8.63 -9.98
N GLY A 108 6.53 -9.64 -9.92
CA GLY A 108 7.46 -9.92 -11.06
C GLY A 108 6.64 -10.26 -12.31
N LEU A 109 7.15 -11.13 -13.14
CA LEU A 109 6.40 -11.51 -14.37
C LEU A 109 6.28 -13.03 -14.45
N GLU A 110 7.39 -13.72 -14.60
CA GLU A 110 7.33 -15.20 -14.69
C GLU A 110 7.43 -15.79 -13.28
N LYS A 28 -13.40 8.15 -15.56
CA LYS A 28 -11.99 8.26 -15.09
C LYS A 28 -11.89 7.69 -13.67
N GLY A 29 -12.31 8.44 -12.69
CA GLY A 29 -12.23 7.95 -11.29
C GLY A 29 -11.86 9.11 -10.35
N ASP A 30 -12.05 8.95 -9.08
CA ASP A 30 -11.71 10.03 -8.13
C ASP A 30 -10.97 9.45 -6.93
N GLY A 31 -9.93 8.69 -7.16
CA GLY A 31 -9.17 8.09 -6.03
C GLY A 31 -8.57 6.75 -6.46
N VAL A 32 -7.31 6.54 -6.22
CA VAL A 32 -6.67 5.26 -6.62
C VAL A 32 -5.39 5.05 -5.81
N VAL A 33 -5.22 3.89 -5.24
CA VAL A 33 -3.98 3.63 -4.44
C VAL A 33 -3.05 2.71 -5.24
N ARG A 34 -1.77 2.79 -4.97
CA ARG A 34 -0.81 1.93 -5.72
C ARG A 34 0.11 1.22 -4.72
N ILE A 35 -0.16 -0.03 -4.44
CA ILE A 35 0.70 -0.78 -3.47
C ILE A 35 1.63 -1.71 -4.25
N GLN A 36 2.91 -1.61 -4.01
CA GLN A 36 3.87 -2.49 -4.73
C GLN A 36 4.69 -3.29 -3.72
N ARG A 37 5.75 -3.90 -4.15
CA ARG A 37 6.60 -4.70 -3.21
C ARG A 37 8.04 -4.74 -3.73
N GLN A 38 8.99 -4.48 -2.87
CA GLN A 38 10.42 -4.51 -3.31
C GLN A 38 11.16 -5.60 -2.54
N THR A 39 11.55 -6.65 -3.20
CA THR A 39 12.29 -7.74 -2.50
C THR A 39 13.74 -7.74 -2.96
N SER A 40 14.60 -8.45 -2.26
CA SER A 40 16.03 -8.49 -2.65
C SER A 40 16.63 -9.85 -2.27
N GLY A 41 15.80 -10.84 -2.09
CA GLY A 41 16.32 -12.18 -1.70
C GLY A 41 15.15 -13.15 -1.54
N ARG A 42 15.27 -14.10 -0.65
CA ARG A 42 14.17 -15.08 -0.44
C ARG A 42 14.19 -15.57 1.01
N LYS A 43 13.31 -16.48 1.35
CA LYS A 43 13.28 -16.99 2.74
C LYS A 43 12.95 -15.85 3.70
N GLY A 44 12.28 -14.84 3.24
CA GLY A 44 11.94 -13.69 4.12
C GLY A 44 12.35 -12.38 3.45
N LYS A 45 12.52 -11.34 4.20
CA LYS A 45 12.91 -10.03 3.61
C LYS A 45 11.86 -9.61 2.58
N GLY A 46 11.14 -8.56 2.87
CA GLY A 46 10.09 -8.09 1.91
C GLY A 46 9.43 -6.83 2.46
N VAL A 47 9.30 -5.81 1.66
CA VAL A 47 8.67 -4.55 2.15
C VAL A 47 7.62 -4.09 1.14
N CYS A 48 6.56 -3.48 1.60
CA CYS A 48 5.50 -2.99 0.67
C CYS A 48 5.27 -1.50 0.89
N LEU A 49 5.50 -0.70 -0.10
CA LEU A 49 5.29 0.77 0.05
C LEU A 49 4.13 1.22 -0.84
N ILE A 50 3.28 2.08 -0.34
CA ILE A 50 2.13 2.55 -1.16
C ILE A 50 2.37 4.00 -1.58
N THR A 51 2.36 4.27 -2.86
CA THR A 51 2.59 5.67 -3.33
C THR A 51 1.78 5.91 -4.60
N GLY A 52 1.48 7.15 -4.89
CA GLY A 52 0.68 7.46 -6.10
C GLY A 52 -0.80 7.54 -5.73
N VAL A 53 -1.10 7.81 -4.49
CA VAL A 53 -2.52 7.90 -4.07
C VAL A 53 -3.08 9.28 -4.44
N ASP A 54 -4.04 9.32 -5.32
CA ASP A 54 -4.62 10.63 -5.72
C ASP A 54 -5.86 10.93 -4.87
N LEU A 55 -5.66 11.34 -3.64
CA LEU A 55 -6.83 11.64 -2.77
C LEU A 55 -6.48 12.81 -1.85
N ASP A 56 -7.41 13.24 -1.03
CA ASP A 56 -7.13 14.38 -0.13
C ASP A 56 -5.92 14.05 0.76
N ASP A 57 -5.28 15.06 1.28
CA ASP A 57 -4.08 14.80 2.15
C ASP A 57 -4.54 14.16 3.46
N ALA A 58 -5.54 14.72 4.09
CA ALA A 58 -6.02 14.14 5.38
C ALA A 58 -6.46 12.69 5.15
N GLU A 59 -7.00 12.40 4.00
CA GLU A 59 -7.44 11.01 3.71
C GLU A 59 -6.25 10.06 3.83
N LEU A 60 -5.19 10.33 3.13
CA LEU A 60 -4.00 9.44 3.20
C LEU A 60 -3.72 9.10 4.67
N THR A 61 -3.82 10.06 5.54
CA THR A 61 -3.57 9.78 6.99
C THR A 61 -4.54 8.71 7.47
N LYS A 62 -5.81 8.89 7.21
CA LYS A 62 -6.80 7.87 7.65
C LYS A 62 -6.36 6.49 7.15
N LEU A 63 -5.69 6.44 6.04
CA LEU A 63 -5.24 5.13 5.50
C LEU A 63 -4.16 4.56 6.40
N ALA A 64 -3.13 5.31 6.67
CA ALA A 64 -2.04 4.81 7.55
C ALA A 64 -2.64 4.29 8.86
N ALA A 65 -3.69 4.92 9.32
CA ALA A 65 -4.33 4.47 10.59
C ALA A 65 -5.05 3.14 10.35
N GLU A 66 -5.73 3.02 9.24
CA GLU A 66 -6.45 1.75 8.94
C GLU A 66 -5.44 0.62 8.78
N LEU A 67 -4.20 0.95 8.51
CA LEU A 67 -3.17 -0.11 8.32
C LEU A 67 -2.63 -0.53 9.69
N LYS A 68 -2.10 0.40 10.44
CA LYS A 68 -1.56 0.05 11.79
C LYS A 68 -2.68 -0.54 12.65
N LYS A 69 -3.91 -0.24 12.33
CA LYS A 69 -5.04 -0.78 13.13
C LYS A 69 -4.87 -2.30 13.30
N LYS A 70 -4.48 -2.98 12.26
CA LYS A 70 -4.31 -4.45 12.37
C LYS A 70 -2.93 -4.83 11.81
N CYS A 71 -1.88 -4.48 12.51
CA CYS A 71 -0.52 -4.81 12.02
C CYS A 71 0.38 -5.13 13.22
N GLY A 72 0.29 -4.36 14.27
CA GLY A 72 1.13 -4.62 15.47
C GLY A 72 2.02 -3.41 15.74
N CYS A 73 2.89 -3.08 14.82
CA CYS A 73 3.78 -1.91 15.02
C CYS A 73 4.80 -1.86 13.88
N GLY A 74 4.67 -0.93 12.98
CA GLY A 74 5.63 -0.82 11.85
C GLY A 74 5.00 -0.03 10.71
N GLY A 75 4.48 1.13 11.01
CA GLY A 75 3.85 1.97 9.95
C GLY A 75 4.60 3.29 9.81
N ALA A 76 5.19 3.53 8.67
CA ALA A 76 5.94 4.81 8.48
C ALA A 76 5.10 5.74 7.60
N VAL A 77 4.58 6.80 8.17
CA VAL A 77 3.75 7.74 7.37
C VAL A 77 4.65 8.74 6.64
N LYS A 78 5.17 8.38 5.51
CA LYS A 78 6.04 9.33 4.75
C LYS A 78 5.18 10.14 3.79
N ASP A 79 5.74 11.18 3.20
CA ASP A 79 4.93 12.01 2.26
C ASP A 79 4.45 11.13 1.09
N GLY A 80 3.17 10.91 1.00
CA GLY A 80 2.64 10.08 -0.11
C GLY A 80 3.39 8.75 -0.17
N VAL A 81 3.90 8.29 0.95
CA VAL A 81 4.64 7.01 0.94
C VAL A 81 4.32 6.23 2.23
N ILE A 82 3.28 5.44 2.21
CA ILE A 82 2.92 4.66 3.42
C ILE A 82 3.76 3.38 3.46
N GLU A 83 4.78 3.36 4.28
CA GLU A 83 5.64 2.13 4.37
C GLU A 83 4.99 1.12 5.31
N ILE A 84 4.80 -0.09 4.86
CA ILE A 84 4.19 -1.13 5.74
C ILE A 84 5.00 -2.43 5.63
N GLN A 85 5.69 -2.79 6.68
CA GLN A 85 6.50 -4.05 6.65
C GLN A 85 5.56 -5.26 6.69
N GLY A 86 5.72 -6.18 5.78
CA GLY A 86 4.85 -7.38 5.77
C GLY A 86 4.59 -7.82 4.33
N ASP A 87 4.66 -9.09 4.07
CA ASP A 87 4.42 -9.57 2.67
C ASP A 87 2.96 -10.01 2.54
N LYS A 88 2.08 -9.11 2.16
CA LYS A 88 0.65 -9.48 2.02
C LYS A 88 0.05 -8.69 0.85
N ARG A 89 0.65 -8.77 -0.31
CA ARG A 89 0.11 -8.03 -1.48
C ARG A 89 -1.27 -8.58 -1.85
N ASP A 90 -1.43 -9.88 -1.79
CA ASP A 90 -2.75 -10.49 -2.14
C ASP A 90 -3.85 -9.83 -1.29
N LEU A 91 -3.60 -9.65 -0.02
CA LEU A 91 -4.63 -9.02 0.85
C LEU A 91 -4.67 -7.51 0.58
N LEU A 92 -3.58 -6.94 0.12
CA LEU A 92 -3.58 -5.48 -0.16
C LEU A 92 -4.61 -5.16 -1.25
N LYS A 93 -4.68 -5.97 -2.27
CA LYS A 93 -5.66 -5.72 -3.36
C LYS A 93 -7.08 -5.91 -2.83
N SER A 94 -7.23 -6.73 -1.82
CA SER A 94 -8.60 -6.94 -1.25
C SER A 94 -9.06 -5.69 -0.52
N LEU A 95 -8.36 -5.30 0.51
CA LEU A 95 -8.77 -4.08 1.27
C LEU A 95 -8.87 -2.89 0.31
N LEU A 96 -8.07 -2.88 -0.72
CA LEU A 96 -8.12 -1.74 -1.69
C LEU A 96 -9.46 -1.78 -2.44
N GLU A 97 -9.84 -2.93 -2.93
CA GLU A 97 -11.13 -3.02 -3.69
C GLU A 97 -12.30 -2.84 -2.71
N ALA A 98 -12.05 -2.95 -1.43
CA ALA A 98 -13.14 -2.78 -0.44
C ALA A 98 -13.58 -1.32 -0.42
N LYS A 99 -12.83 -0.45 -1.01
CA LYS A 99 -13.20 0.99 -1.01
C LYS A 99 -14.16 1.27 -2.17
N GLY A 100 -13.94 0.64 -3.28
CA GLY A 100 -14.85 0.87 -4.45
C GLY A 100 -14.17 1.81 -5.45
N MET A 101 -12.87 1.89 -5.41
CA MET A 101 -12.15 2.80 -6.35
C MET A 101 -11.20 1.98 -7.22
N LYS A 102 -10.39 2.63 -8.01
CA LYS A 102 -9.45 1.89 -8.88
C LYS A 102 -8.15 1.59 -8.10
N VAL A 103 -7.37 0.66 -8.57
CA VAL A 103 -6.11 0.32 -7.85
C VAL A 103 -5.09 -0.23 -8.86
N LYS A 104 -3.83 -0.09 -8.57
CA LYS A 104 -2.79 -0.60 -9.51
C LYS A 104 -1.75 -1.42 -8.72
N LEU A 105 -1.97 -2.69 -8.58
CA LEU A 105 -0.99 -3.53 -7.83
C LEU A 105 0.40 -3.36 -8.43
N ALA A 106 0.48 -3.09 -9.71
CA ALA A 106 1.81 -2.91 -10.35
C ALA A 106 2.48 -4.28 -10.52
N GLY A 107 2.19 -4.95 -11.61
CA GLY A 107 2.81 -6.29 -11.84
C GLY A 107 3.72 -6.23 -13.07
N GLY A 108 4.84 -5.54 -12.96
CA GLY A 108 5.76 -5.44 -14.12
C GLY A 108 6.68 -6.67 -14.16
N LEU A 109 7.70 -6.63 -14.96
CA LEU A 109 8.63 -7.79 -15.03
C LEU A 109 10.00 -7.33 -15.54
N GLU A 110 11.04 -8.03 -15.19
CA GLU A 110 12.40 -7.61 -15.65
C GLU A 110 13.02 -8.76 -16.45
N LYS A 28 -11.70 13.35 -14.25
CA LYS A 28 -12.52 13.72 -13.06
C LYS A 28 -11.98 13.00 -11.82
N GLY A 29 -10.77 13.32 -11.42
CA GLY A 29 -10.19 12.65 -10.22
C GLY A 29 -8.78 13.18 -9.97
N ASP A 30 -8.25 12.95 -8.80
CA ASP A 30 -6.88 13.45 -8.49
C ASP A 30 -6.30 12.66 -7.32
N GLY A 31 -5.99 11.41 -7.54
CA GLY A 31 -5.42 10.58 -6.43
C GLY A 31 -5.34 9.12 -6.87
N VAL A 32 -4.17 8.55 -6.89
CA VAL A 32 -4.03 7.13 -7.31
C VAL A 32 -3.16 6.38 -6.30
N VAL A 33 -3.73 5.43 -5.61
CA VAL A 33 -2.94 4.66 -4.61
C VAL A 33 -2.11 3.58 -5.32
N ARG A 34 -1.08 3.10 -4.69
CA ARG A 34 -0.24 2.05 -5.34
C ARG A 34 0.28 1.08 -4.26
N ILE A 35 0.09 -0.19 -4.47
CA ILE A 35 0.56 -1.18 -3.47
C ILE A 35 1.31 -2.31 -4.18
N GLN A 36 2.60 -2.37 -4.02
CA GLN A 36 3.38 -3.44 -4.69
C GLN A 36 4.46 -3.96 -3.74
N ARG A 37 4.94 -5.16 -3.95
CA ARG A 37 6.00 -5.71 -3.05
C ARG A 37 7.37 -5.48 -3.69
N GLN A 38 8.33 -5.04 -2.91
CA GLN A 38 9.69 -4.80 -3.46
C GLN A 38 10.65 -5.88 -2.95
N THR A 39 10.85 -6.92 -3.73
CA THR A 39 11.77 -8.00 -3.29
C THR A 39 13.22 -7.53 -3.41
N SER A 40 14.15 -8.28 -2.90
CA SER A 40 15.58 -7.86 -2.99
C SER A 40 16.46 -8.96 -2.40
N GLY A 41 16.78 -9.97 -3.18
CA GLY A 41 17.64 -11.07 -2.66
C GLY A 41 16.97 -12.41 -2.96
N ARG A 42 17.47 -13.47 -2.37
CA ARG A 42 16.87 -14.81 -2.63
C ARG A 42 16.19 -15.32 -1.35
N LYS A 43 16.95 -15.64 -0.35
CA LYS A 43 16.35 -16.14 0.93
C LYS A 43 16.18 -14.97 1.90
N GLY A 44 15.09 -14.27 1.81
CA GLY A 44 14.87 -13.11 2.73
C GLY A 44 13.37 -12.90 2.94
N LYS A 45 12.99 -11.76 3.45
CA LYS A 45 11.54 -11.48 3.66
C LYS A 45 11.06 -10.46 2.63
N GLY A 46 9.77 -10.41 2.39
CA GLY A 46 9.23 -9.44 1.39
C GLY A 46 8.78 -8.18 2.12
N VAL A 47 8.32 -7.19 1.39
CA VAL A 47 7.85 -5.93 2.04
C VAL A 47 6.78 -5.28 1.16
N CYS A 48 5.92 -4.51 1.75
CA CYS A 48 4.86 -3.83 0.96
C CYS A 48 4.99 -2.31 1.08
N LEU A 49 5.38 -1.66 0.02
CA LEU A 49 5.54 -0.18 0.09
C LEU A 49 4.27 0.49 -0.47
N ILE A 50 3.74 1.46 0.24
CA ILE A 50 2.51 2.13 -0.25
C ILE A 50 2.76 3.65 -0.30
N THR A 51 2.74 4.22 -1.48
CA THR A 51 2.97 5.69 -1.60
C THR A 51 2.24 6.21 -2.84
N GLY A 52 2.19 7.51 -2.99
CA GLY A 52 1.48 8.09 -4.18
C GLY A 52 0.09 8.55 -3.77
N VAL A 53 -0.40 8.10 -2.65
CA VAL A 53 -1.75 8.51 -2.21
C VAL A 53 -1.83 10.04 -2.13
N ASP A 54 -2.53 10.66 -3.04
CA ASP A 54 -2.65 12.14 -3.00
C ASP A 54 -3.79 12.55 -2.07
N LEU A 55 -3.56 12.52 -0.79
CA LEU A 55 -4.63 12.92 0.17
C LEU A 55 -4.05 13.85 1.23
N ASP A 56 -4.88 14.61 1.89
CA ASP A 56 -4.38 15.53 2.94
C ASP A 56 -4.05 14.74 4.21
N ASP A 57 -3.20 15.26 5.04
CA ASP A 57 -2.85 14.54 6.30
C ASP A 57 -4.12 14.12 7.02
N ALA A 58 -3.99 13.48 8.15
CA ALA A 58 -5.20 13.04 8.91
C ALA A 58 -5.80 11.81 8.25
N GLU A 59 -6.53 11.99 7.18
CA GLU A 59 -7.14 10.82 6.50
C GLU A 59 -6.06 9.80 6.15
N LEU A 60 -4.90 10.26 5.77
CA LEU A 60 -3.80 9.31 5.42
C LEU A 60 -3.49 8.41 6.62
N THR A 61 -3.34 8.98 7.78
CA THR A 61 -3.05 8.15 8.98
C THR A 61 -4.21 7.19 9.23
N LYS A 62 -5.39 7.56 8.83
CA LYS A 62 -6.57 6.66 9.05
C LYS A 62 -6.43 5.42 8.17
N LEU A 63 -6.20 5.61 6.89
CA LEU A 63 -6.06 4.45 5.97
C LEU A 63 -4.87 3.60 6.42
N ALA A 64 -3.85 4.22 6.95
CA ALA A 64 -2.66 3.45 7.41
C ALA A 64 -3.07 2.52 8.56
N ALA A 65 -3.70 3.06 9.57
CA ALA A 65 -4.13 2.22 10.72
C ALA A 65 -5.18 1.21 10.24
N GLU A 66 -5.84 1.50 9.15
CA GLU A 66 -6.87 0.55 8.64
C GLU A 66 -6.19 -0.73 8.14
N LEU A 67 -5.23 -0.60 7.25
CA LEU A 67 -4.54 -1.81 6.74
C LEU A 67 -3.66 -2.40 7.84
N LYS A 68 -3.30 -1.61 8.81
CA LYS A 68 -2.46 -2.13 9.93
C LYS A 68 -3.28 -3.08 10.80
N LYS A 69 -4.53 -2.78 11.00
CA LYS A 69 -5.39 -3.65 11.84
C LYS A 69 -5.63 -4.97 11.11
N LYS A 70 -5.31 -5.03 9.85
CA LYS A 70 -5.52 -6.29 9.08
C LYS A 70 -4.44 -7.32 9.45
N CYS A 71 -3.33 -6.87 9.96
CA CYS A 71 -2.24 -7.82 10.33
C CYS A 71 -2.21 -8.01 11.85
N GLY A 72 -2.51 -6.98 12.60
CA GLY A 72 -2.47 -7.10 14.09
C GLY A 72 -1.01 -7.09 14.54
N CYS A 73 -0.17 -6.38 13.84
CA CYS A 73 1.27 -6.32 14.22
C CYS A 73 2.07 -5.70 13.08
N GLY A 74 3.16 -5.05 13.38
CA GLY A 74 3.98 -4.42 12.31
C GLY A 74 3.21 -3.25 11.69
N GLY A 75 3.80 -2.09 11.69
CA GLY A 75 3.10 -0.90 11.11
C GLY A 75 4.04 0.30 11.09
N ALA A 76 4.74 0.49 10.01
CA ALA A 76 5.68 1.66 9.93
C ALA A 76 5.05 2.74 9.05
N VAL A 77 4.89 3.93 9.57
CA VAL A 77 4.28 5.02 8.75
C VAL A 77 5.34 6.06 8.42
N LYS A 78 5.03 6.99 7.55
CA LYS A 78 6.03 8.04 7.19
C LYS A 78 5.29 9.24 6.59
N ASP A 79 5.96 10.35 6.47
CA ASP A 79 5.31 11.56 5.90
C ASP A 79 4.90 11.29 4.45
N GLY A 80 3.66 11.00 4.21
CA GLY A 80 3.20 10.73 2.82
C GLY A 80 3.69 9.34 2.38
N VAL A 81 4.33 8.62 3.25
CA VAL A 81 4.82 7.27 2.87
C VAL A 81 4.38 6.24 3.92
N ILE A 82 4.01 5.07 3.49
CA ILE A 82 3.57 4.02 4.46
C ILE A 82 4.29 2.71 4.16
N GLU A 83 4.37 1.82 5.12
CA GLU A 83 5.06 0.52 4.87
C GLU A 83 4.39 -0.56 5.72
N ILE A 84 4.21 -1.73 5.16
CA ILE A 84 3.57 -2.83 5.94
C ILE A 84 4.12 -4.18 5.46
N GLN A 85 5.02 -4.77 6.20
CA GLN A 85 5.59 -6.08 5.79
C GLN A 85 4.46 -7.07 5.49
N GLY A 86 4.26 -7.40 4.24
CA GLY A 86 3.17 -8.37 3.90
C GLY A 86 3.52 -9.07 2.59
N ASP A 87 2.63 -9.88 2.09
CA ASP A 87 2.90 -10.60 0.82
C ASP A 87 1.58 -10.96 0.14
N LYS A 88 0.69 -10.01 0.03
CA LYS A 88 -0.62 -10.29 -0.63
C LYS A 88 -1.00 -9.11 -1.54
N ARG A 89 -0.07 -8.64 -2.32
CA ARG A 89 -0.38 -7.49 -3.23
C ARG A 89 -1.64 -7.81 -4.03
N ASP A 90 -1.79 -9.02 -4.47
CA ASP A 90 -3.00 -9.39 -5.26
C ASP A 90 -4.26 -8.94 -4.50
N LEU A 91 -4.31 -9.20 -3.22
CA LEU A 91 -5.51 -8.78 -2.43
C LEU A 91 -5.55 -7.27 -2.33
N LEU A 92 -4.45 -6.65 -1.99
CA LEU A 92 -4.43 -5.16 -1.88
C LEU A 92 -4.95 -4.54 -3.18
N LYS A 93 -4.84 -5.25 -4.27
CA LYS A 93 -5.33 -4.70 -5.57
C LYS A 93 -6.83 -4.44 -5.48
N SER A 94 -7.62 -5.47 -5.32
CA SER A 94 -9.10 -5.27 -5.23
C SER A 94 -9.42 -4.47 -3.96
N LEU A 95 -8.50 -4.41 -3.04
CA LEU A 95 -8.76 -3.65 -1.79
C LEU A 95 -8.89 -2.16 -2.10
N LEU A 96 -7.89 -1.59 -2.73
CA LEU A 96 -7.96 -0.14 -3.08
C LEU A 96 -9.01 0.08 -4.17
N GLU A 97 -9.10 -0.82 -5.11
CA GLU A 97 -10.10 -0.66 -6.20
C GLU A 97 -11.50 -0.72 -5.62
N ALA A 98 -11.64 -1.26 -4.44
CA ALA A 98 -13.00 -1.36 -3.81
C ALA A 98 -13.50 0.06 -3.50
N LYS A 99 -12.62 0.96 -3.19
CA LYS A 99 -13.06 2.35 -2.87
C LYS A 99 -13.31 3.11 -4.17
N GLY A 100 -12.86 2.60 -5.28
CA GLY A 100 -13.08 3.29 -6.58
C GLY A 100 -11.81 4.03 -6.99
N MET A 101 -10.87 4.17 -6.09
CA MET A 101 -9.61 4.87 -6.43
C MET A 101 -8.83 4.06 -7.48
N LYS A 102 -8.12 4.73 -8.34
CA LYS A 102 -7.34 4.01 -9.38
C LYS A 102 -6.02 3.50 -8.79
N VAL A 103 -5.86 2.21 -8.72
CA VAL A 103 -4.58 1.66 -8.15
C VAL A 103 -3.76 1.04 -9.27
N LYS A 104 -2.46 0.96 -9.08
CA LYS A 104 -1.59 0.36 -10.14
C LYS A 104 -0.81 -0.82 -9.55
N LEU A 105 -1.37 -2.00 -9.63
CA LEU A 105 -0.66 -3.19 -9.06
C LEU A 105 0.75 -3.27 -9.67
N ALA A 106 1.72 -2.70 -9.02
CA ALA A 106 3.11 -2.76 -9.56
C ALA A 106 3.68 -4.17 -9.37
N GLY A 107 4.97 -4.30 -9.45
CA GLY A 107 5.59 -5.65 -9.27
C GLY A 107 5.67 -6.36 -10.63
N GLY A 108 6.84 -6.50 -11.17
CA GLY A 108 6.98 -7.18 -12.49
C GLY A 108 6.37 -6.31 -13.58
N LEU A 109 6.96 -5.17 -13.84
CA LEU A 109 6.41 -4.27 -14.90
C LEU A 109 7.39 -3.11 -15.14
N GLU A 110 7.66 -2.34 -14.13
CA GLU A 110 8.60 -1.19 -14.29
C GLU A 110 9.51 -1.09 -13.07
N LYS A 28 -13.14 8.78 -11.17
CA LYS A 28 -13.83 8.50 -12.45
C LYS A 28 -12.96 7.59 -13.32
N GLY A 29 -12.86 6.33 -12.98
CA GLY A 29 -12.02 5.40 -13.78
C GLY A 29 -11.59 4.23 -12.91
N ASP A 30 -11.37 3.08 -13.50
CA ASP A 30 -10.94 1.89 -12.70
C ASP A 30 -9.68 2.24 -11.91
N GLY A 31 -9.82 2.59 -10.66
CA GLY A 31 -8.63 2.93 -9.84
C GLY A 31 -7.68 1.73 -9.78
N VAL A 32 -6.41 1.97 -9.60
CA VAL A 32 -5.44 0.84 -9.54
C VAL A 32 -4.37 1.15 -8.49
N VAL A 33 -4.49 0.57 -7.32
CA VAL A 33 -3.48 0.84 -6.26
C VAL A 33 -2.33 -0.17 -6.38
N ARG A 34 -1.14 0.22 -6.00
CA ARG A 34 0.01 -0.72 -6.10
C ARG A 34 0.71 -0.82 -4.75
N ILE A 35 0.75 -1.98 -4.17
CA ILE A 35 1.42 -2.15 -2.84
C ILE A 35 2.61 -3.10 -2.98
N GLN A 36 3.79 -2.63 -2.72
CA GLN A 36 4.99 -3.52 -2.82
C GLN A 36 6.08 -3.02 -1.89
N ARG A 37 7.18 -3.73 -1.81
CA ARG A 37 8.28 -3.30 -0.92
C ARG A 37 9.42 -2.72 -1.76
N GLN A 38 10.03 -1.66 -1.31
CA GLN A 38 11.15 -1.05 -2.10
C GLN A 38 12.39 -0.95 -1.21
N THR A 39 12.85 -2.05 -0.68
CA THR A 39 14.06 -2.02 0.18
C THR A 39 15.31 -1.86 -0.68
N SER A 40 16.41 -1.52 -0.09
CA SER A 40 17.67 -1.36 -0.87
C SER A 40 18.83 -1.03 0.06
N GLY A 41 19.98 -1.63 -0.17
CA GLY A 41 21.14 -1.36 0.71
C GLY A 41 21.65 -2.67 1.31
N ARG A 42 20.78 -3.42 1.93
CA ARG A 42 21.21 -4.71 2.54
C ARG A 42 19.98 -5.53 2.94
N LYS A 43 20.13 -6.81 3.08
CA LYS A 43 18.96 -7.66 3.47
C LYS A 43 18.79 -7.61 4.99
N GLY A 44 17.62 -7.26 5.45
CA GLY A 44 17.39 -7.20 6.93
C GLY A 44 16.07 -6.49 7.21
N LYS A 45 15.82 -5.40 6.55
CA LYS A 45 14.54 -4.66 6.77
C LYS A 45 13.86 -4.39 5.44
N GLY A 46 12.71 -3.75 5.47
CA GLY A 46 11.99 -3.46 4.20
C GLY A 46 10.81 -2.53 4.48
N VAL A 47 10.48 -1.68 3.55
CA VAL A 47 9.33 -0.75 3.77
C VAL A 47 8.27 -0.99 2.71
N CYS A 48 7.04 -0.60 2.97
CA CYS A 48 5.96 -0.81 1.98
C CYS A 48 5.34 0.54 1.62
N LEU A 49 5.38 0.91 0.37
CA LEU A 49 4.79 2.21 -0.05
C LEU A 49 3.56 1.96 -0.91
N ILE A 50 2.60 2.85 -0.86
CA ILE A 50 1.36 2.67 -1.68
C ILE A 50 1.01 3.98 -2.37
N THR A 51 0.84 3.96 -3.66
CA THR A 51 0.50 5.20 -4.40
C THR A 51 -0.30 4.86 -5.65
N GLY A 52 -0.91 5.84 -6.26
CA GLY A 52 -1.71 5.55 -7.49
C GLY A 52 -3.17 5.30 -7.12
N VAL A 53 -3.55 5.65 -5.92
CA VAL A 53 -4.96 5.43 -5.49
C VAL A 53 -5.86 6.47 -6.15
N ASP A 54 -6.64 6.07 -7.12
CA ASP A 54 -7.55 7.04 -7.79
C ASP A 54 -8.93 6.99 -7.13
N LEU A 55 -9.12 7.70 -6.07
CA LEU A 55 -10.44 7.70 -5.38
C LEU A 55 -10.73 9.08 -4.81
N ASP A 56 -11.79 9.22 -4.06
CA ASP A 56 -12.13 10.55 -3.47
C ASP A 56 -11.08 10.92 -2.42
N ASP A 57 -10.84 12.19 -2.24
CA ASP A 57 -9.83 12.61 -1.22
C ASP A 57 -10.15 11.97 0.13
N ALA A 58 -11.39 12.01 0.53
CA ALA A 58 -11.77 11.39 1.83
C ALA A 58 -11.40 9.90 1.83
N GLU A 59 -11.71 9.21 0.77
CA GLU A 59 -11.38 7.76 0.70
C GLU A 59 -9.91 7.56 1.05
N LEU A 60 -9.06 8.48 0.69
CA LEU A 60 -7.61 8.33 1.00
C LEU A 60 -7.43 8.18 2.51
N THR A 61 -7.95 9.09 3.28
CA THR A 61 -7.80 9.00 4.76
C THR A 61 -8.53 7.75 5.26
N LYS A 62 -9.42 7.20 4.46
CA LYS A 62 -10.16 5.98 4.90
C LYS A 62 -9.22 4.77 4.85
N LEU A 63 -8.83 4.35 3.68
CA LEU A 63 -7.92 3.18 3.57
C LEU A 63 -6.70 3.40 4.47
N ALA A 64 -6.25 4.62 4.60
CA ALA A 64 -5.07 4.90 5.46
C ALA A 64 -5.40 4.50 6.90
N ALA A 65 -6.41 5.08 7.49
CA ALA A 65 -6.77 4.73 8.89
C ALA A 65 -7.00 3.22 9.00
N GLU A 66 -7.34 2.58 7.90
CA GLU A 66 -7.57 1.12 7.94
C GLU A 66 -6.25 0.39 8.22
N LEU A 67 -5.29 0.53 7.36
CA LEU A 67 -3.99 -0.15 7.58
C LEU A 67 -3.28 0.48 8.79
N LYS A 68 -3.76 1.61 9.24
CA LYS A 68 -3.11 2.26 10.41
C LYS A 68 -3.39 1.45 11.67
N LYS A 69 -4.55 0.87 11.77
CA LYS A 69 -4.88 0.05 12.97
C LYS A 69 -4.12 -1.28 12.91
N LYS A 70 -3.67 -1.65 11.74
CA LYS A 70 -2.92 -2.93 11.62
C LYS A 70 -1.60 -2.81 12.36
N CYS A 71 -1.06 -1.62 12.44
CA CYS A 71 0.24 -1.45 13.17
C CYS A 71 -0.05 -1.16 14.64
N GLY A 72 -1.16 -0.54 14.93
CA GLY A 72 -1.49 -0.23 16.35
C GLY A 72 -0.97 1.16 16.71
N CYS A 73 -0.04 1.68 15.96
CA CYS A 73 0.51 3.02 16.26
C CYS A 73 1.63 3.35 15.27
N GLY A 74 1.30 4.03 14.20
CA GLY A 74 2.35 4.38 13.21
C GLY A 74 1.72 4.44 11.82
N GLY A 75 2.26 5.25 10.94
CA GLY A 75 1.69 5.35 9.57
C GLY A 75 2.13 6.66 8.93
N ALA A 76 1.67 6.96 7.76
CA ALA A 76 2.07 8.23 7.09
C ALA A 76 1.39 8.34 5.73
N VAL A 77 0.51 9.29 5.57
CA VAL A 77 -0.19 9.46 4.27
C VAL A 77 0.12 10.84 3.71
N LYS A 78 0.16 10.97 2.41
CA LYS A 78 0.46 12.31 1.81
C LYS A 78 -0.23 12.43 0.45
N ASP A 79 -1.50 12.69 0.45
CA ASP A 79 -2.24 12.84 -0.83
C ASP A 79 -1.92 11.65 -1.75
N GLY A 80 -2.37 10.48 -1.42
CA GLY A 80 -2.10 9.30 -2.28
C GLY A 80 -0.72 8.72 -1.96
N VAL A 81 0.08 9.44 -1.20
CA VAL A 81 1.43 8.92 -0.87
C VAL A 81 1.40 8.27 0.51
N ILE A 82 1.12 7.00 0.58
CA ILE A 82 1.08 6.31 1.90
C ILE A 82 2.38 5.56 2.13
N GLU A 83 2.76 5.34 3.36
CA GLU A 83 4.02 4.61 3.64
C GLU A 83 3.89 3.83 4.94
N ILE A 84 3.71 2.54 4.86
CA ILE A 84 3.58 1.73 6.11
C ILE A 84 4.61 0.59 6.08
N GLN A 85 5.42 0.50 7.10
CA GLN A 85 6.44 -0.59 7.13
C GLN A 85 5.76 -1.94 7.24
N GLY A 86 6.40 -2.99 6.81
CA GLY A 86 5.77 -4.34 6.91
C GLY A 86 6.11 -5.15 5.65
N ASP A 87 6.39 -6.42 5.81
CA ASP A 87 6.74 -7.25 4.64
C ASP A 87 5.62 -8.28 4.39
N LYS A 88 4.40 -7.84 4.30
CA LYS A 88 3.28 -8.79 4.07
C LYS A 88 2.55 -8.41 2.78
N ARG A 89 3.28 -8.06 1.76
CA ARG A 89 2.63 -7.67 0.48
C ARG A 89 1.74 -8.81 -0.01
N ASP A 90 2.07 -10.03 0.35
CA ASP A 90 1.24 -11.19 -0.08
C ASP A 90 -0.20 -11.00 0.39
N LEU A 91 -0.38 -10.65 1.63
CA LEU A 91 -1.76 -10.45 2.15
C LEU A 91 -2.33 -9.13 1.61
N LEU A 92 -1.49 -8.15 1.42
CA LEU A 92 -1.99 -6.85 0.89
C LEU A 92 -2.72 -7.08 -0.43
N LYS A 93 -2.22 -7.96 -1.25
CA LYS A 93 -2.89 -8.22 -2.56
C LYS A 93 -4.36 -8.56 -2.32
N SER A 94 -4.64 -9.45 -1.41
CA SER A 94 -6.06 -9.81 -1.13
C SER A 94 -6.77 -8.63 -0.48
N LEU A 95 -6.04 -7.83 0.25
CA LEU A 95 -6.67 -6.65 0.91
C LEU A 95 -7.35 -5.77 -0.15
N LEU A 96 -6.62 -5.40 -1.17
CA LEU A 96 -7.21 -4.54 -2.23
C LEU A 96 -8.21 -5.37 -3.06
N GLU A 97 -7.94 -6.63 -3.22
CA GLU A 97 -8.86 -7.49 -4.02
C GLU A 97 -10.15 -7.72 -3.24
N ALA A 98 -10.15 -7.41 -1.97
CA ALA A 98 -11.38 -7.61 -1.15
C ALA A 98 -12.49 -6.69 -1.66
N LYS A 99 -12.13 -5.55 -2.18
CA LYS A 99 -13.16 -4.60 -2.69
C LYS A 99 -13.35 -4.82 -4.20
N GLY A 100 -12.38 -5.43 -4.84
CA GLY A 100 -12.52 -5.68 -6.30
C GLY A 100 -11.71 -4.63 -7.07
N MET A 101 -10.87 -3.90 -6.39
CA MET A 101 -10.06 -2.86 -7.08
C MET A 101 -8.88 -3.52 -7.79
N LYS A 102 -8.34 -2.89 -8.78
CA LYS A 102 -7.18 -3.48 -9.51
C LYS A 102 -5.89 -3.19 -8.75
N VAL A 103 -5.07 -4.19 -8.55
CA VAL A 103 -3.80 -3.97 -7.80
C VAL A 103 -2.64 -4.64 -8.55
N LYS A 104 -1.50 -4.01 -8.58
CA LYS A 104 -0.34 -4.61 -9.30
C LYS A 104 0.77 -4.93 -8.30
N LEU A 105 0.86 -6.16 -7.87
CA LEU A 105 1.92 -6.54 -6.89
C LEU A 105 3.26 -5.94 -7.34
N ALA A 106 3.42 -5.72 -8.62
CA ALA A 106 4.70 -5.15 -9.12
C ALA A 106 5.83 -6.15 -8.87
N GLY A 107 5.83 -7.25 -9.57
CA GLY A 107 6.91 -8.26 -9.37
C GLY A 107 8.28 -7.57 -9.47
N GLY A 108 8.59 -7.00 -10.60
CA GLY A 108 9.90 -6.31 -10.74
C GLY A 108 11.00 -7.36 -10.96
N LEU A 109 12.17 -6.93 -11.36
CA LEU A 109 13.28 -7.90 -11.58
C LEU A 109 12.99 -8.71 -12.86
N GLU A 110 13.99 -9.32 -13.42
CA GLU A 110 13.78 -10.13 -14.65
C GLU A 110 14.57 -11.44 -14.56
N LYS A 28 -20.33 9.38 -4.26
CA LYS A 28 -19.84 9.35 -2.85
C LYS A 28 -18.45 8.71 -2.80
N GLY A 29 -17.45 9.47 -2.47
CA GLY A 29 -16.07 8.91 -2.40
C GLY A 29 -15.06 10.03 -2.14
N ASP A 30 -13.87 9.68 -1.74
CA ASP A 30 -12.85 10.73 -1.45
C ASP A 30 -11.55 10.07 -1.02
N GLY A 31 -10.72 9.69 -1.95
CA GLY A 31 -9.43 9.03 -1.59
C GLY A 31 -9.14 7.89 -2.58
N VAL A 32 -8.05 7.97 -3.28
CA VAL A 32 -7.71 6.90 -4.26
C VAL A 32 -6.32 6.34 -3.94
N VAL A 33 -6.26 5.28 -3.19
CA VAL A 33 -4.95 4.68 -2.84
C VAL A 33 -4.52 3.70 -3.94
N ARG A 34 -3.26 3.36 -3.99
CA ARG A 34 -2.79 2.41 -5.03
C ARG A 34 -1.68 1.53 -4.46
N ILE A 35 -1.67 0.27 -4.80
CA ILE A 35 -0.62 -0.65 -4.27
C ILE A 35 -0.20 -1.62 -5.38
N GLN A 36 1.07 -1.67 -5.68
CA GLN A 36 1.55 -2.60 -6.73
C GLN A 36 2.96 -3.09 -6.39
N ARG A 37 3.13 -4.37 -6.22
CA ARG A 37 4.48 -4.90 -5.88
C ARG A 37 5.52 -4.26 -6.81
N GLN A 38 6.43 -3.50 -6.24
CA GLN A 38 7.47 -2.85 -7.08
C GLN A 38 8.63 -3.82 -7.31
N THR A 39 9.00 -4.05 -8.54
CA THR A 39 10.12 -4.99 -8.83
C THR A 39 11.42 -4.19 -9.00
N SER A 40 12.53 -4.87 -9.13
CA SER A 40 13.82 -4.16 -9.29
C SER A 40 14.98 -5.15 -9.16
N GLY A 41 15.28 -5.86 -10.21
CA GLY A 41 16.39 -6.85 -10.14
C GLY A 41 15.83 -8.26 -9.90
N ARG A 42 16.59 -9.27 -10.18
CA ARG A 42 16.09 -10.66 -9.97
C ARG A 42 17.04 -11.41 -9.03
N LYS A 43 17.23 -10.91 -7.85
CA LYS A 43 18.14 -11.59 -6.89
C LYS A 43 17.64 -11.39 -5.46
N GLY A 44 16.36 -11.23 -5.30
CA GLY A 44 15.79 -11.03 -3.93
C GLY A 44 14.27 -10.92 -4.01
N LYS A 45 13.62 -10.66 -2.91
CA LYS A 45 12.14 -10.54 -2.93
C LYS A 45 11.75 -9.11 -3.35
N GLY A 46 10.48 -8.84 -3.47
CA GLY A 46 10.04 -7.48 -3.88
C GLY A 46 9.53 -6.73 -2.65
N VAL A 47 8.70 -5.74 -2.86
CA VAL A 47 8.17 -4.96 -1.71
C VAL A 47 6.85 -4.29 -2.11
N CYS A 48 6.05 -3.91 -1.15
CA CYS A 48 4.75 -3.26 -1.48
C CYS A 48 4.92 -1.74 -1.44
N LEU A 49 4.72 -1.08 -2.55
CA LEU A 49 4.87 0.40 -2.58
C LEU A 49 3.48 1.04 -2.59
N ILE A 50 3.01 1.47 -1.45
CA ILE A 50 1.66 2.11 -1.40
C ILE A 50 1.82 3.64 -1.46
N THR A 51 1.15 4.28 -2.38
CA THR A 51 1.27 5.76 -2.50
C THR A 51 -0.09 6.35 -2.87
N GLY A 52 -0.10 7.48 -3.53
CA GLY A 52 -1.39 8.11 -3.92
C GLY A 52 -2.30 8.22 -2.70
N VAL A 53 -1.80 8.77 -1.62
CA VAL A 53 -2.65 8.91 -0.40
C VAL A 53 -2.87 10.39 -0.10
N ASP A 54 -3.21 11.16 -1.10
CA ASP A 54 -3.44 12.61 -0.86
C ASP A 54 -4.51 12.78 0.23
N LEU A 55 -4.09 12.88 1.47
CA LEU A 55 -5.07 13.05 2.57
C LEU A 55 -4.43 13.85 3.71
N ASP A 56 -5.22 14.48 4.52
CA ASP A 56 -4.65 15.27 5.66
C ASP A 56 -3.89 14.33 6.61
N ASP A 57 -2.97 14.87 7.36
CA ASP A 57 -2.19 14.02 8.30
C ASP A 57 -3.16 13.26 9.23
N ALA A 58 -2.65 12.35 10.00
CA ALA A 58 -3.52 11.56 10.94
C ALA A 58 -4.16 10.39 10.19
N GLU A 59 -4.63 10.62 8.99
CA GLU A 59 -5.26 9.51 8.21
C GLU A 59 -4.18 8.58 7.67
N LEU A 60 -3.32 9.08 6.83
CA LEU A 60 -2.25 8.22 6.26
C LEU A 60 -1.42 7.62 7.40
N THR A 61 -1.36 8.30 8.51
CA THR A 61 -0.57 7.78 9.66
C THR A 61 -1.31 6.59 10.29
N LYS A 62 -2.62 6.63 10.28
CA LYS A 62 -3.39 5.51 10.87
C LYS A 62 -3.32 4.29 9.94
N LEU A 63 -3.64 4.47 8.69
CA LEU A 63 -3.59 3.33 7.74
C LEU A 63 -2.19 2.71 7.75
N ALA A 64 -1.17 3.52 7.64
CA ALA A 64 0.21 2.97 7.64
C ALA A 64 0.47 2.21 8.95
N ALA A 65 0.37 2.88 10.06
CA ALA A 65 0.62 2.19 11.36
C ALA A 65 -0.08 0.83 11.37
N GLU A 66 -1.27 0.76 10.83
CA GLU A 66 -1.99 -0.54 10.81
C GLU A 66 -1.18 -1.57 10.01
N LEU A 67 -0.80 -1.23 8.81
CA LEU A 67 -0.01 -2.19 7.98
C LEU A 67 1.30 -2.52 8.69
N LYS A 68 1.73 -1.68 9.60
CA LYS A 68 3.01 -1.95 10.32
C LYS A 68 2.85 -3.21 11.18
N LYS A 69 1.72 -3.36 11.80
CA LYS A 69 1.50 -4.57 12.66
C LYS A 69 1.40 -5.81 11.77
N LYS A 70 1.05 -5.64 10.54
CA LYS A 70 0.92 -6.80 9.61
C LYS A 70 2.28 -7.47 9.42
N CYS A 71 3.34 -6.71 9.52
CA CYS A 71 4.70 -7.32 9.33
C CYS A 71 5.33 -7.60 10.70
N GLY A 72 5.21 -6.69 11.63
CA GLY A 72 5.80 -6.91 12.97
C GLY A 72 7.09 -6.09 13.09
N CYS A 73 7.70 -5.76 11.99
CA CYS A 73 8.96 -4.96 12.05
C CYS A 73 9.55 -4.83 10.64
N GLY A 74 9.41 -3.69 10.03
CA GLY A 74 9.97 -3.51 8.66
C GLY A 74 9.20 -2.42 7.93
N GLY A 75 7.92 -2.59 7.73
CA GLY A 75 7.12 -1.55 7.03
C GLY A 75 7.43 -0.18 7.62
N ALA A 76 7.93 0.73 6.81
CA ALA A 76 8.26 2.09 7.33
C ALA A 76 7.28 3.10 6.73
N VAL A 77 6.99 4.15 7.43
CA VAL A 77 6.05 5.17 6.91
C VAL A 77 6.82 6.38 6.39
N LYS A 78 6.27 7.07 5.43
CA LYS A 78 6.96 8.27 4.87
C LYS A 78 5.95 9.38 4.64
N ASP A 79 6.38 10.61 4.71
CA ASP A 79 5.44 11.74 4.50
C ASP A 79 5.01 11.79 3.03
N GLY A 80 3.93 11.13 2.70
CA GLY A 80 3.46 11.14 1.29
C GLY A 80 3.69 9.77 0.65
N VAL A 81 4.39 8.90 1.33
CA VAL A 81 4.65 7.54 0.75
C VAL A 81 4.59 6.49 1.87
N ILE A 82 4.26 5.28 1.54
CA ILE A 82 4.18 4.22 2.56
C ILE A 82 4.84 2.94 2.03
N GLU A 83 5.74 2.36 2.78
CA GLU A 83 6.40 1.12 2.31
C GLU A 83 6.09 -0.04 3.26
N ILE A 84 5.58 -1.12 2.73
CA ILE A 84 5.23 -2.28 3.60
C ILE A 84 5.68 -3.57 2.91
N GLN A 85 6.60 -4.28 3.50
CA GLN A 85 7.08 -5.55 2.88
C GLN A 85 5.96 -6.61 2.96
N GLY A 86 6.02 -7.59 2.11
CA GLY A 86 4.96 -8.64 2.13
C GLY A 86 4.75 -9.18 0.71
N ASP A 87 4.77 -8.32 -0.26
CA ASP A 87 4.57 -8.78 -1.67
C ASP A 87 3.22 -9.50 -1.78
N LYS A 88 2.17 -8.85 -1.36
CA LYS A 88 0.82 -9.50 -1.45
C LYS A 88 -0.19 -8.50 -2.00
N ARG A 89 0.09 -7.93 -3.14
CA ARG A 89 -0.86 -6.94 -3.73
C ARG A 89 -2.28 -7.51 -3.69
N ASP A 90 -2.41 -8.81 -3.70
CA ASP A 90 -3.77 -9.42 -3.66
C ASP A 90 -4.47 -9.02 -2.36
N LEU A 91 -3.89 -9.34 -1.23
CA LEU A 91 -4.52 -8.96 0.06
C LEU A 91 -4.57 -7.44 0.20
N LEU A 92 -3.75 -6.75 -0.54
CA LEU A 92 -3.75 -5.26 -0.45
C LEU A 92 -5.07 -4.72 -0.98
N LYS A 93 -5.46 -5.11 -2.16
CA LYS A 93 -6.75 -4.62 -2.73
C LYS A 93 -7.91 -5.09 -1.85
N SER A 94 -7.69 -6.10 -1.05
CA SER A 94 -8.78 -6.61 -0.18
C SER A 94 -8.99 -5.63 0.98
N LEU A 95 -7.96 -5.33 1.72
CA LEU A 95 -8.10 -4.39 2.85
C LEU A 95 -8.47 -3.00 2.33
N LEU A 96 -8.07 -2.69 1.13
CA LEU A 96 -8.40 -1.36 0.55
C LEU A 96 -9.91 -1.26 0.31
N GLU A 97 -10.46 -2.22 -0.38
CA GLU A 97 -11.93 -2.18 -0.65
C GLU A 97 -12.70 -2.43 0.65
N ALA A 98 -12.04 -2.95 1.65
CA ALA A 98 -12.73 -3.21 2.94
C ALA A 98 -13.12 -1.89 3.59
N LYS A 99 -12.48 -0.82 3.22
CA LYS A 99 -12.82 0.50 3.81
C LYS A 99 -13.74 1.27 2.86
N GLY A 100 -13.78 0.87 1.61
CA GLY A 100 -14.67 1.58 0.63
C GLY A 100 -13.81 2.46 -0.26
N MET A 101 -12.56 2.64 0.07
CA MET A 101 -11.67 3.50 -0.76
C MET A 101 -11.47 2.84 -2.13
N LYS A 102 -11.36 3.62 -3.17
CA LYS A 102 -11.17 3.04 -4.52
C LYS A 102 -9.68 2.80 -4.77
N VAL A 103 -9.19 1.62 -4.47
CA VAL A 103 -7.75 1.33 -4.68
C VAL A 103 -7.53 0.79 -6.10
N LYS A 104 -6.41 1.08 -6.69
CA LYS A 104 -6.15 0.59 -8.08
C LYS A 104 -4.96 -0.37 -8.05
N LEU A 105 -5.20 -1.63 -8.31
CA LEU A 105 -4.09 -2.63 -8.30
C LEU A 105 -2.91 -2.06 -9.08
N ALA A 106 -2.91 -2.22 -10.38
CA ALA A 106 -1.79 -1.70 -11.20
C ALA A 106 -1.84 -2.31 -12.60
N GLY A 107 -1.95 -3.61 -12.68
CA GLY A 107 -2.02 -4.27 -14.01
C GLY A 107 -0.75 -5.10 -14.23
N GLY A 108 -0.07 -4.90 -15.32
CA GLY A 108 1.17 -5.68 -15.58
C GLY A 108 1.07 -6.34 -16.96
N LEU A 109 2.17 -6.86 -17.45
CA LEU A 109 2.13 -7.52 -18.79
C LEU A 109 3.50 -8.13 -19.08
N GLU A 110 3.68 -8.68 -20.26
CA GLU A 110 5.00 -9.29 -20.61
C GLU A 110 5.28 -9.09 -22.10
N LYS A 28 -19.17 0.64 -10.99
CA LYS A 28 -18.06 0.76 -11.98
C LYS A 28 -16.72 0.88 -11.24
N GLY A 29 -16.49 1.99 -10.61
CA GLY A 29 -15.20 2.17 -9.87
C GLY A 29 -15.08 3.62 -9.40
N ASP A 30 -14.02 3.94 -8.70
CA ASP A 30 -13.85 5.33 -8.22
C ASP A 30 -12.51 5.45 -7.47
N GLY A 31 -12.14 4.44 -6.74
CA GLY A 31 -10.85 4.50 -6.00
C GLY A 31 -9.94 3.35 -6.46
N VAL A 32 -8.64 3.54 -6.38
CA VAL A 32 -7.71 2.46 -6.82
C VAL A 32 -6.37 2.63 -6.11
N VAL A 33 -6.07 1.79 -5.15
CA VAL A 33 -4.78 1.91 -4.43
C VAL A 33 -3.71 1.07 -5.14
N ARG A 34 -2.51 1.58 -5.22
CA ARG A 34 -1.43 0.82 -5.91
C ARG A 34 -0.46 0.26 -4.87
N ILE A 35 -0.50 -1.03 -4.65
CA ILE A 35 0.43 -1.64 -3.65
C ILE A 35 1.61 -2.29 -4.37
N GLN A 36 2.81 -1.94 -4.00
CA GLN A 36 3.99 -2.54 -4.67
C GLN A 36 5.14 -2.68 -3.65
N ARG A 37 6.27 -3.16 -4.08
CA ARG A 37 7.42 -3.32 -3.14
C ARG A 37 8.69 -2.80 -3.80
N GLN A 38 9.26 -1.74 -3.28
CA GLN A 38 10.50 -1.19 -3.89
C GLN A 38 11.71 -1.89 -3.27
N THR A 39 12.59 -2.41 -4.08
CA THR A 39 13.79 -3.11 -3.55
C THR A 39 14.92 -2.08 -3.34
N SER A 40 15.88 -2.40 -2.51
CA SER A 40 17.00 -1.45 -2.26
C SER A 40 18.24 -2.23 -1.84
N GLY A 41 18.39 -3.44 -2.32
CA GLY A 41 19.59 -4.24 -1.96
C GLY A 41 19.22 -5.73 -1.95
N ARG A 42 20.10 -6.57 -2.40
CA ARG A 42 19.81 -8.03 -2.42
C ARG A 42 20.09 -8.62 -1.04
N LYS A 43 19.20 -8.47 -0.10
CA LYS A 43 19.42 -9.02 1.25
C LYS A 43 18.15 -8.86 2.09
N GLY A 44 17.66 -7.66 2.20
CA GLY A 44 16.42 -7.43 3.00
C GLY A 44 15.93 -5.99 2.79
N LYS A 45 15.65 -5.29 3.86
CA LYS A 45 15.17 -3.88 3.73
C LYS A 45 14.01 -3.84 2.73
N GLY A 46 12.85 -4.28 3.14
CA GLY A 46 11.68 -4.26 2.22
C GLY A 46 10.69 -3.20 2.68
N VAL A 47 10.03 -2.53 1.76
CA VAL A 47 9.04 -1.50 2.16
C VAL A 47 7.87 -1.51 1.17
N CYS A 48 6.71 -1.11 1.61
CA CYS A 48 5.53 -1.10 0.70
C CYS A 48 5.15 0.35 0.38
N LEU A 49 5.24 0.74 -0.86
CA LEU A 49 4.89 2.13 -1.24
C LEU A 49 3.44 2.17 -1.76
N ILE A 50 2.76 3.25 -1.53
CA ILE A 50 1.35 3.35 -2.03
C ILE A 50 1.12 4.73 -2.65
N THR A 51 0.66 4.77 -3.86
CA THR A 51 0.41 6.08 -4.53
C THR A 51 -0.60 5.91 -5.66
N GLY A 52 -1.09 6.99 -6.20
CA GLY A 52 -2.09 6.88 -7.31
C GLY A 52 -3.50 6.93 -6.74
N VAL A 53 -3.66 6.56 -5.49
CA VAL A 53 -5.02 6.58 -4.88
C VAL A 53 -5.68 7.95 -5.15
N ASP A 54 -6.64 7.99 -6.02
CA ASP A 54 -7.32 9.29 -6.32
C ASP A 54 -8.65 9.35 -5.57
N LEU A 55 -8.60 9.65 -4.30
CA LEU A 55 -9.87 9.74 -3.51
C LEU A 55 -9.83 10.96 -2.60
N ASP A 56 -10.80 11.11 -1.74
CA ASP A 56 -10.80 12.28 -0.82
C ASP A 56 -9.66 12.14 0.18
N ASP A 57 -8.97 13.22 0.47
CA ASP A 57 -7.84 13.15 1.44
C ASP A 57 -8.31 12.45 2.72
N ALA A 58 -9.56 12.59 3.06
CA ALA A 58 -10.08 11.94 4.30
C ALA A 58 -10.01 10.41 4.12
N GLU A 59 -10.39 9.91 2.98
CA GLU A 59 -10.34 8.44 2.76
C GLU A 59 -8.89 7.97 2.76
N LEU A 60 -8.00 8.76 2.26
CA LEU A 60 -6.56 8.36 2.24
C LEU A 60 -6.07 8.11 3.66
N THR A 61 -6.38 8.99 4.56
CA THR A 61 -5.94 8.81 5.97
C THR A 61 -6.73 7.67 6.61
N LYS A 62 -7.88 7.36 6.07
CA LYS A 62 -8.70 6.26 6.65
C LYS A 62 -8.04 4.92 6.32
N LEU A 63 -7.56 4.76 5.12
CA LEU A 63 -6.90 3.47 4.75
C LEU A 63 -5.52 3.41 5.39
N ALA A 64 -4.86 4.53 5.51
CA ALA A 64 -3.50 4.53 6.13
C ALA A 64 -3.61 4.04 7.58
N ALA A 65 -4.45 4.66 8.36
CA ALA A 65 -4.60 4.24 9.78
C ALA A 65 -5.17 2.82 9.81
N GLU A 66 -6.09 2.52 8.95
CA GLU A 66 -6.69 1.15 8.93
C GLU A 66 -5.57 0.12 8.80
N LEU A 67 -4.57 0.40 8.01
CA LEU A 67 -3.44 -0.56 7.84
C LEU A 67 -2.47 -0.41 9.01
N LYS A 68 -2.46 0.72 9.65
CA LYS A 68 -1.52 0.92 10.79
C LYS A 68 -1.98 0.07 11.97
N LYS A 69 -3.24 -0.29 12.01
CA LYS A 69 -3.76 -1.12 13.13
C LYS A 69 -3.32 -2.57 12.93
N LYS A 70 -2.60 -2.85 11.89
CA LYS A 70 -2.14 -4.25 11.64
C LYS A 70 -0.61 -4.31 11.66
N CYS A 71 0.02 -3.30 12.20
CA CYS A 71 1.50 -3.29 12.25
C CYS A 71 1.96 -3.37 13.70
N GLY A 72 1.22 -2.79 14.61
CA GLY A 72 1.62 -2.84 16.05
C GLY A 72 2.55 -1.66 16.35
N CYS A 73 3.48 -1.39 15.48
CA CYS A 73 4.42 -0.25 15.72
C CYS A 73 5.01 0.21 14.39
N GLY A 74 4.68 1.40 13.97
CA GLY A 74 5.23 1.92 12.69
C GLY A 74 4.08 2.36 11.78
N GLY A 75 4.40 2.89 10.62
CA GLY A 75 3.32 3.35 9.69
C GLY A 75 3.42 4.86 9.51
N ALA A 76 3.79 5.30 8.34
CA ALA A 76 3.90 6.77 8.10
C ALA A 76 3.01 7.17 6.93
N VAL A 77 2.08 8.07 7.16
CA VAL A 77 1.18 8.52 6.06
C VAL A 77 1.52 9.95 5.68
N LYS A 78 1.52 10.27 4.41
CA LYS A 78 1.85 11.66 3.99
C LYS A 78 0.78 12.17 3.03
N ASP A 79 0.34 13.39 3.21
CA ASP A 79 -0.70 13.95 2.31
C ASP A 79 -0.22 13.84 0.86
N GLY A 80 -0.53 12.75 0.21
CA GLY A 80 -0.10 12.58 -1.21
C GLY A 80 0.42 11.16 -1.42
N VAL A 81 1.23 10.67 -0.52
CA VAL A 81 1.76 9.29 -0.67
C VAL A 81 1.71 8.57 0.69
N ILE A 82 1.59 7.28 0.68
CA ILE A 82 1.54 6.52 1.96
C ILE A 82 2.64 5.45 1.97
N GLU A 83 3.26 5.26 3.10
CA GLU A 83 4.34 4.22 3.18
C GLU A 83 4.07 3.31 4.37
N ILE A 84 4.28 2.02 4.21
CA ILE A 84 4.03 1.08 5.33
C ILE A 84 4.89 -0.17 5.14
N GLN A 85 5.53 -0.63 6.20
CA GLN A 85 6.37 -1.85 6.08
C GLN A 85 5.49 -3.10 6.18
N GLY A 86 5.36 -3.83 5.11
CA GLY A 86 4.52 -5.06 5.15
C GLY A 86 5.25 -6.20 4.43
N ASP A 87 5.90 -5.91 3.34
CA ASP A 87 6.63 -6.98 2.60
C ASP A 87 5.73 -8.21 2.46
N LYS A 88 4.46 -8.01 2.26
CA LYS A 88 3.53 -9.15 2.12
C LYS A 88 2.54 -8.88 0.98
N ARG A 89 3.03 -8.55 -0.18
CA ARG A 89 2.11 -8.26 -1.32
C ARG A 89 1.09 -9.39 -1.45
N ASP A 90 1.43 -10.56 -1.00
CA ASP A 90 0.47 -11.71 -1.10
C ASP A 90 -0.83 -11.34 -0.38
N LEU A 91 -0.74 -10.93 0.85
CA LEU A 91 -1.98 -10.55 1.60
C LEU A 91 -2.51 -9.23 1.06
N LEU A 92 -1.65 -8.35 0.64
CA LEU A 92 -2.11 -7.03 0.12
C LEU A 92 -3.00 -7.27 -1.10
N LYS A 93 -2.79 -8.35 -1.80
CA LYS A 93 -3.63 -8.63 -3.00
C LYS A 93 -5.09 -8.84 -2.57
N SER A 94 -5.36 -9.88 -1.83
CA SER A 94 -6.75 -10.14 -1.37
C SER A 94 -7.22 -8.99 -0.47
N LEU A 95 -6.30 -8.18 -0.01
CA LEU A 95 -6.70 -7.04 0.87
C LEU A 95 -7.41 -5.98 0.03
N LEU A 96 -6.77 -5.48 -0.99
CA LEU A 96 -7.42 -4.44 -1.84
C LEU A 96 -8.63 -5.05 -2.55
N GLU A 97 -8.56 -6.32 -2.88
CA GLU A 97 -9.69 -6.97 -3.59
C GLU A 97 -10.90 -7.05 -2.64
N ALA A 98 -10.65 -7.12 -1.37
CA ALA A 98 -11.78 -7.21 -0.39
C ALA A 98 -12.61 -5.91 -0.46
N LYS A 99 -11.98 -4.81 -0.73
CA LYS A 99 -12.73 -3.52 -0.82
C LYS A 99 -13.42 -3.42 -2.18
N GLY A 100 -13.04 -4.25 -3.12
CA GLY A 100 -13.67 -4.20 -4.46
C GLY A 100 -13.07 -3.04 -5.27
N MET A 101 -12.00 -2.47 -4.80
CA MET A 101 -11.37 -1.34 -5.53
C MET A 101 -10.39 -1.90 -6.57
N LYS A 102 -10.11 -1.13 -7.59
CA LYS A 102 -9.16 -1.62 -8.64
C LYS A 102 -7.72 -1.42 -8.17
N VAL A 103 -7.05 -2.49 -7.84
CA VAL A 103 -5.64 -2.36 -7.36
C VAL A 103 -4.68 -2.74 -8.49
N LYS A 104 -3.50 -2.18 -8.49
CA LYS A 104 -2.52 -2.51 -9.57
C LYS A 104 -1.32 -3.23 -8.96
N LEU A 105 -1.44 -4.49 -8.69
CA LEU A 105 -0.30 -5.25 -8.10
C LEU A 105 0.98 -4.92 -8.87
N ALA A 106 1.80 -4.05 -8.35
CA ALA A 106 3.06 -3.70 -9.05
C ALA A 106 4.22 -4.48 -8.44
N GLY A 107 5.02 -5.11 -9.28
CA GLY A 107 6.17 -5.89 -8.74
C GLY A 107 7.45 -5.48 -9.46
N GLY A 108 7.68 -5.98 -10.64
CA GLY A 108 8.91 -5.60 -11.39
C GLY A 108 9.90 -6.76 -11.37
N LEU A 109 10.64 -6.90 -10.30
CA LEU A 109 11.62 -8.03 -10.23
C LEU A 109 12.83 -7.72 -11.11
N GLU A 110 13.24 -6.48 -11.14
CA GLU A 110 14.42 -6.10 -11.99
C GLU A 110 15.63 -5.83 -11.09
N LYS A 28 -20.47 6.48 -4.88
CA LYS A 28 -20.29 5.51 -3.76
C LYS A 28 -18.86 4.96 -3.79
N GLY A 29 -17.88 5.81 -3.57
CA GLY A 29 -16.47 5.33 -3.58
C GLY A 29 -15.53 6.52 -3.40
N ASP A 30 -15.55 7.13 -2.24
CA ASP A 30 -14.65 8.29 -2.00
C ASP A 30 -13.36 7.82 -1.33
N GLY A 31 -12.76 6.77 -1.84
CA GLY A 31 -11.51 6.26 -1.23
C GLY A 31 -10.88 5.21 -2.15
N VAL A 32 -9.81 5.54 -2.81
CA VAL A 32 -9.15 4.57 -3.72
C VAL A 32 -7.71 4.34 -3.28
N VAL A 33 -7.22 3.15 -3.42
CA VAL A 33 -5.81 2.86 -3.01
C VAL A 33 -5.01 2.39 -4.21
N ARG A 34 -3.84 2.93 -4.41
CA ARG A 34 -3.00 2.51 -5.57
C ARG A 34 -1.82 1.66 -5.08
N ILE A 35 -1.93 0.36 -5.13
CA ILE A 35 -0.82 -0.50 -4.67
C ILE A 35 0.02 -0.96 -5.88
N GLN A 36 1.30 -1.10 -5.70
CA GLN A 36 2.17 -1.54 -6.84
C GLN A 36 3.61 -1.64 -6.37
N ARG A 37 4.21 -2.79 -6.50
CA ARG A 37 5.63 -2.95 -6.06
C ARG A 37 6.55 -2.85 -7.28
N GLN A 38 7.59 -2.07 -7.18
CA GLN A 38 8.54 -1.94 -8.33
C GLN A 38 9.94 -2.36 -7.89
N THR A 39 10.72 -2.90 -8.80
CA THR A 39 12.10 -3.33 -8.43
C THR A 39 13.04 -2.13 -8.58
N SER A 40 14.01 -2.03 -7.70
CA SER A 40 14.97 -0.89 -7.78
C SER A 40 16.30 -1.39 -8.38
N GLY A 41 16.89 -2.37 -7.76
CA GLY A 41 18.19 -2.89 -8.29
C GLY A 41 19.31 -2.57 -7.29
N ARG A 42 19.10 -1.63 -6.43
CA ARG A 42 20.16 -1.27 -5.44
C ARG A 42 19.76 -1.82 -4.06
N LYS A 43 18.84 -1.18 -3.40
CA LYS A 43 18.42 -1.66 -2.05
C LYS A 43 16.91 -1.91 -2.05
N GLY A 44 16.50 -3.13 -2.22
CA GLY A 44 15.04 -3.43 -2.22
C GLY A 44 14.78 -4.68 -3.08
N LYS A 45 15.17 -4.64 -4.33
CA LYS A 45 14.93 -5.82 -5.20
C LYS A 45 13.46 -6.19 -5.19
N GLY A 46 12.59 -5.22 -5.04
CA GLY A 46 11.13 -5.52 -5.01
C GLY A 46 10.50 -4.92 -3.77
N VAL A 47 10.15 -3.65 -3.80
CA VAL A 47 9.54 -3.01 -2.62
C VAL A 47 8.10 -2.64 -2.93
N CYS A 48 7.27 -2.49 -1.92
CA CYS A 48 5.85 -2.14 -2.17
C CYS A 48 5.62 -0.67 -1.78
N LEU A 49 5.14 0.13 -2.70
CA LEU A 49 4.90 1.56 -2.38
C LEU A 49 3.40 1.86 -2.49
N ILE A 50 2.75 2.09 -1.39
CA ILE A 50 1.29 2.38 -1.43
C ILE A 50 1.08 3.90 -1.39
N THR A 51 0.43 4.43 -2.39
CA THR A 51 0.19 5.91 -2.42
C THR A 51 -1.25 6.18 -2.84
N GLY A 52 -1.58 7.42 -3.12
CA GLY A 52 -2.97 7.74 -3.53
C GLY A 52 -3.93 7.42 -2.39
N VAL A 53 -3.60 7.83 -1.19
CA VAL A 53 -4.50 7.56 -0.03
C VAL A 53 -5.40 8.77 0.22
N ASP A 54 -6.69 8.59 0.19
CA ASP A 54 -7.61 9.73 0.43
C ASP A 54 -8.21 9.62 1.83
N LEU A 55 -7.46 9.96 2.84
CA LEU A 55 -8.00 9.87 4.23
C LEU A 55 -7.63 11.14 5.01
N ASP A 56 -8.24 11.37 6.13
CA ASP A 56 -7.93 12.58 6.93
C ASP A 56 -6.48 12.50 7.43
N ASP A 57 -6.23 11.67 8.40
CA ASP A 57 -4.85 11.54 8.94
C ASP A 57 -4.79 10.40 9.95
N ALA A 58 -5.67 10.40 10.91
CA ALA A 58 -5.66 9.30 11.93
C ALA A 58 -5.95 7.96 11.24
N GLU A 59 -6.75 7.98 10.21
CA GLU A 59 -7.07 6.71 9.50
C GLU A 59 -5.83 6.22 8.75
N LEU A 60 -4.99 7.12 8.32
CA LEU A 60 -3.75 6.72 7.59
C LEU A 60 -2.79 6.04 8.56
N THR A 61 -2.59 6.62 9.71
CA THR A 61 -1.65 6.02 10.69
C THR A 61 -2.16 4.63 11.10
N LYS A 62 -3.44 4.51 11.35
CA LYS A 62 -4.00 3.20 11.75
C LYS A 62 -3.75 2.17 10.64
N LEU A 63 -4.13 2.50 9.43
CA LEU A 63 -3.92 1.55 8.31
C LEU A 63 -2.48 1.03 8.34
N ALA A 64 -1.52 1.92 8.50
CA ALA A 64 -0.10 1.48 8.54
C ALA A 64 0.07 0.48 9.69
N ALA A 65 -0.52 0.74 10.82
CA ALA A 65 -0.39 -0.19 11.98
C ALA A 65 -1.06 -1.52 11.62
N GLU A 66 -1.99 -1.50 10.71
CA GLU A 66 -2.68 -2.77 10.34
C GLU A 66 -1.75 -3.61 9.45
N LEU A 67 -1.02 -2.97 8.58
CA LEU A 67 -0.09 -3.74 7.70
C LEU A 67 1.04 -4.33 8.54
N LYS A 68 1.57 -3.56 9.46
CA LYS A 68 2.67 -4.08 10.31
C LYS A 68 2.21 -5.35 11.02
N LYS A 69 1.01 -5.34 11.55
CA LYS A 69 0.49 -6.54 12.25
C LYS A 69 0.65 -7.77 11.34
N LYS A 70 0.51 -7.59 10.06
CA LYS A 70 0.63 -8.74 9.13
C LYS A 70 1.84 -8.54 8.20
N CYS A 71 2.99 -8.32 8.75
CA CYS A 71 4.20 -8.11 7.89
C CYS A 71 5.40 -8.81 8.52
N GLY A 72 5.51 -8.78 9.82
CA GLY A 72 6.67 -9.44 10.49
C GLY A 72 7.81 -8.44 10.65
N CYS A 73 7.83 -7.42 9.83
CA CYS A 73 8.91 -6.40 9.94
C CYS A 73 8.92 -5.55 8.67
N GLY A 74 9.00 -4.25 8.82
CA GLY A 74 9.01 -3.36 7.63
C GLY A 74 7.68 -2.60 7.54
N GLY A 75 7.73 -1.30 7.70
CA GLY A 75 6.47 -0.51 7.63
C GLY A 75 6.79 0.97 7.89
N ALA A 76 7.34 1.63 6.92
CA ALA A 76 7.69 3.08 7.10
C ALA A 76 6.44 3.93 6.83
N VAL A 77 6.36 5.07 7.47
CA VAL A 77 5.18 5.95 7.24
C VAL A 77 5.65 7.30 6.68
N LYS A 78 4.90 7.88 5.78
CA LYS A 78 5.30 9.18 5.21
C LYS A 78 4.06 10.02 4.88
N ASP A 79 4.25 11.25 4.53
CA ASP A 79 3.07 12.12 4.20
C ASP A 79 2.36 11.57 2.97
N GLY A 80 1.25 10.90 3.17
CA GLY A 80 0.50 10.35 2.00
C GLY A 80 1.35 9.31 1.29
N VAL A 81 2.27 8.69 1.98
CA VAL A 81 3.13 7.66 1.33
C VAL A 81 3.47 6.57 2.34
N ILE A 82 3.15 5.34 2.03
CA ILE A 82 3.45 4.23 2.97
C ILE A 82 4.43 3.24 2.31
N GLU A 83 5.37 2.75 3.05
CA GLU A 83 6.36 1.79 2.48
C GLU A 83 6.20 0.43 3.15
N ILE A 84 6.12 -0.61 2.38
CA ILE A 84 5.95 -1.98 2.98
C ILE A 84 7.00 -2.91 2.39
N GLN A 85 7.60 -3.72 3.22
CA GLN A 85 8.64 -4.67 2.70
C GLN A 85 7.99 -6.04 2.46
N GLY A 86 7.85 -6.42 1.21
CA GLY A 86 7.22 -7.74 0.91
C GLY A 86 6.84 -7.79 -0.56
N ASP A 87 6.53 -8.96 -1.07
CA ASP A 87 6.14 -9.08 -2.50
C ASP A 87 4.83 -9.84 -2.62
N LYS A 88 3.77 -9.31 -2.07
CA LYS A 88 2.46 -10.01 -2.15
C LYS A 88 1.41 -9.05 -2.71
N ARG A 89 1.67 -8.44 -3.83
CA ARG A 89 0.69 -7.50 -4.42
C ARG A 89 -0.67 -8.19 -4.54
N ASP A 90 -0.68 -9.46 -4.83
CA ASP A 90 -1.97 -10.19 -4.96
C ASP A 90 -2.73 -10.11 -3.63
N LEU A 91 -2.04 -10.31 -2.54
CA LEU A 91 -2.72 -10.25 -1.21
C LEU A 91 -3.18 -8.82 -0.93
N LEU A 92 -2.43 -7.84 -1.37
CA LEU A 92 -2.84 -6.44 -1.13
C LEU A 92 -4.17 -6.16 -1.83
N LYS A 93 -4.36 -6.68 -3.00
CA LYS A 93 -5.64 -6.45 -3.73
C LYS A 93 -6.79 -7.07 -2.94
N SER A 94 -6.51 -8.09 -2.17
CA SER A 94 -7.60 -8.74 -1.38
C SER A 94 -7.95 -7.86 -0.18
N LEU A 95 -7.00 -7.61 0.68
CA LEU A 95 -7.28 -6.76 1.88
C LEU A 95 -7.92 -5.44 1.42
N LEU A 96 -7.53 -4.95 0.27
CA LEU A 96 -8.11 -3.68 -0.23
C LEU A 96 -9.58 -3.89 -0.58
N GLU A 97 -9.88 -4.85 -1.41
CA GLU A 97 -11.29 -5.10 -1.80
C GLU A 97 -12.08 -5.55 -0.58
N ALA A 98 -11.40 -5.88 0.50
CA ALA A 98 -12.11 -6.33 1.72
C ALA A 98 -12.94 -5.18 2.28
N LYS A 99 -12.52 -3.96 2.05
CA LYS A 99 -13.28 -2.79 2.58
C LYS A 99 -14.21 -2.27 1.47
N GLY A 100 -13.88 -2.50 0.24
CA GLY A 100 -14.75 -2.01 -0.88
C GLY A 100 -14.11 -0.77 -1.51
N MET A 101 -12.87 -0.51 -1.22
CA MET A 101 -12.19 0.68 -1.80
C MET A 101 -11.83 0.39 -3.26
N LYS A 102 -11.84 1.40 -4.09
CA LYS A 102 -11.50 1.18 -5.52
C LYS A 102 -9.98 1.13 -5.68
N VAL A 103 -9.38 -0.02 -5.52
CA VAL A 103 -7.91 -0.12 -5.66
C VAL A 103 -7.55 -0.33 -7.13
N LYS A 104 -6.59 0.40 -7.62
CA LYS A 104 -6.19 0.24 -9.05
C LYS A 104 -4.90 -0.59 -9.14
N LEU A 105 -5.01 -1.88 -9.15
CA LEU A 105 -3.79 -2.74 -9.23
C LEU A 105 -2.93 -2.28 -10.41
N ALA A 106 -1.95 -1.46 -10.16
CA ALA A 106 -1.07 -0.98 -11.26
C ALA A 106 0.18 -1.85 -11.33
N GLY A 107 0.68 -2.10 -12.51
CA GLY A 107 1.90 -2.94 -12.64
C GLY A 107 2.73 -2.46 -13.83
N GLY A 108 2.35 -2.82 -15.02
CA GLY A 108 3.12 -2.39 -16.23
C GLY A 108 2.60 -1.03 -16.70
N LEU A 109 2.82 -0.69 -17.93
CA LEU A 109 2.34 0.61 -18.45
C LEU A 109 2.57 0.69 -19.97
N GLU A 110 2.00 1.66 -20.61
CA GLU A 110 2.18 1.78 -22.08
C GLU A 110 2.16 3.25 -22.49
N LYS A 28 -18.11 11.77 -3.83
CA LYS A 28 -17.21 12.95 -3.73
C LYS A 28 -15.94 12.57 -2.98
N GLY A 29 -15.27 11.53 -3.42
CA GLY A 29 -14.03 11.10 -2.73
C GLY A 29 -13.42 9.91 -3.46
N ASP A 30 -12.76 10.15 -4.57
CA ASP A 30 -12.14 9.02 -5.32
C ASP A 30 -10.68 8.85 -4.89
N GLY A 31 -10.38 7.73 -4.28
CA GLY A 31 -8.97 7.50 -3.83
C GLY A 31 -8.32 6.44 -4.72
N VAL A 32 -7.02 6.30 -4.64
CA VAL A 32 -6.33 5.28 -5.47
C VAL A 32 -5.08 4.78 -4.75
N VAL A 33 -5.19 3.70 -4.03
CA VAL A 33 -4.01 3.16 -3.30
C VAL A 33 -3.18 2.29 -4.24
N ARG A 34 -2.04 2.75 -4.67
CA ARG A 34 -1.19 1.94 -5.59
C ARG A 34 -0.35 0.97 -4.76
N ILE A 35 -0.50 -0.31 -5.00
CA ILE A 35 0.28 -1.31 -4.24
C ILE A 35 1.15 -2.13 -5.21
N GLN A 36 2.44 -2.04 -5.09
CA GLN A 36 3.34 -2.82 -6.00
C GLN A 36 4.57 -3.28 -5.23
N ARG A 37 5.14 -4.38 -5.63
CA ARG A 37 6.35 -4.89 -4.91
C ARG A 37 7.61 -4.41 -5.64
N GLN A 38 8.47 -3.71 -4.96
CA GLN A 38 9.71 -3.22 -5.62
C GLN A 38 10.78 -4.33 -5.61
N THR A 39 10.83 -5.11 -4.56
CA THR A 39 11.84 -6.20 -4.50
C THR A 39 13.23 -5.62 -4.73
N SER A 40 13.61 -4.65 -3.95
CA SER A 40 14.97 -4.04 -4.13
C SER A 40 15.83 -4.35 -2.90
N GLY A 41 16.91 -5.07 -3.09
CA GLY A 41 17.79 -5.40 -1.94
C GLY A 41 17.85 -6.91 -1.75
N ARG A 42 18.61 -7.37 -0.80
CA ARG A 42 18.70 -8.85 -0.58
C ARG A 42 18.83 -9.12 0.92
N LYS A 43 18.13 -8.39 1.73
CA LYS A 43 18.21 -8.61 3.20
C LYS A 43 16.86 -9.14 3.71
N GLY A 44 16.09 -9.73 2.85
CA GLY A 44 14.77 -10.27 3.30
C GLY A 44 14.14 -11.07 2.15
N LYS A 45 13.48 -10.40 1.25
CA LYS A 45 12.85 -11.13 0.10
C LYS A 45 12.16 -10.12 -0.82
N GLY A 46 11.19 -9.39 -0.32
CA GLY A 46 10.49 -8.39 -1.17
C GLY A 46 9.98 -7.24 -0.30
N VAL A 47 9.45 -6.22 -0.91
CA VAL A 47 8.93 -5.07 -0.11
C VAL A 47 7.68 -4.51 -0.78
N CYS A 48 6.84 -3.84 -0.04
CA CYS A 48 5.60 -3.28 -0.63
C CYS A 48 5.62 -1.75 -0.51
N LEU A 49 5.75 -1.06 -1.60
CA LEU A 49 5.77 0.44 -1.54
C LEU A 49 4.37 0.98 -1.76
N ILE A 50 3.87 1.76 -0.84
CA ILE A 50 2.50 2.32 -1.00
C ILE A 50 2.60 3.83 -1.28
N THR A 51 2.27 4.25 -2.46
CA THR A 51 2.35 5.70 -2.79
C THR A 51 1.44 6.01 -3.98
N GLY A 52 0.95 7.21 -4.08
CA GLY A 52 0.06 7.57 -5.22
C GLY A 52 -1.39 7.52 -4.76
N VAL A 53 -1.71 8.20 -3.69
CA VAL A 53 -3.12 8.20 -3.20
C VAL A 53 -3.69 9.62 -3.26
N ASP A 54 -4.46 9.91 -4.28
CA ASP A 54 -5.04 11.28 -4.40
C ASP A 54 -6.22 11.42 -3.44
N LEU A 55 -6.02 12.08 -2.32
CA LEU A 55 -7.13 12.25 -1.35
C LEU A 55 -6.94 13.56 -0.58
N ASP A 56 -7.51 13.67 0.58
CA ASP A 56 -7.36 14.91 1.38
C ASP A 56 -5.97 14.94 2.03
N ASP A 57 -5.84 14.35 3.19
CA ASP A 57 -4.51 14.33 3.86
C ASP A 57 -4.61 13.54 5.16
N ALA A 58 -5.63 13.79 5.95
CA ALA A 58 -5.78 13.04 7.23
C ALA A 58 -6.33 11.64 6.93
N GLU A 59 -6.99 11.49 5.82
CA GLU A 59 -7.54 10.15 5.47
C GLU A 59 -6.39 9.17 5.19
N LEU A 60 -5.28 9.67 4.74
CA LEU A 60 -4.12 8.78 4.44
C LEU A 60 -3.60 8.18 5.75
N THR A 61 -3.68 8.93 6.82
CA THR A 61 -3.18 8.40 8.13
C THR A 61 -4.13 7.30 8.62
N LYS A 62 -5.42 7.50 8.46
CA LYS A 62 -6.39 6.47 8.93
C LYS A 62 -6.23 5.20 8.08
N LEU A 63 -5.99 5.36 6.81
CA LEU A 63 -5.82 4.17 5.92
C LEU A 63 -4.57 3.39 6.35
N ALA A 64 -3.46 4.07 6.48
CA ALA A 64 -2.22 3.37 6.89
C ALA A 64 -2.39 2.79 8.30
N ALA A 65 -3.25 3.39 9.08
CA ALA A 65 -3.47 2.88 10.46
C ALA A 65 -4.30 1.60 10.39
N GLU A 66 -5.22 1.52 9.47
CA GLU A 66 -6.06 0.30 9.34
C GLU A 66 -5.25 -0.82 8.70
N LEU A 67 -4.26 -0.48 7.91
CA LEU A 67 -3.43 -1.52 7.25
C LEU A 67 -2.43 -2.08 8.26
N LYS A 68 -1.90 -1.25 9.11
CA LYS A 68 -0.91 -1.73 10.12
C LYS A 68 -1.62 -2.66 11.11
N LYS A 69 -2.90 -2.51 11.26
CA LYS A 69 -3.64 -3.39 12.21
C LYS A 69 -3.41 -4.86 11.86
N LYS A 70 -3.19 -5.15 10.60
CA LYS A 70 -2.94 -6.56 10.20
C LYS A 70 -1.71 -6.62 9.30
N CYS A 71 -0.61 -6.08 9.74
CA CYS A 71 0.62 -6.12 8.90
C CYS A 71 1.64 -7.06 9.55
N GLY A 72 1.61 -7.20 10.84
CA GLY A 72 2.57 -8.11 11.53
C GLY A 72 3.93 -7.41 11.64
N CYS A 73 4.01 -6.17 11.26
CA CYS A 73 5.31 -5.43 11.35
C CYS A 73 5.13 -4.02 10.80
N GLY A 74 5.47 -3.02 11.57
CA GLY A 74 5.33 -1.62 11.08
C GLY A 74 6.70 -1.07 10.67
N GLY A 75 6.76 -0.35 9.58
CA GLY A 75 8.07 0.21 9.12
C GLY A 75 8.02 1.74 9.21
N ALA A 76 7.82 2.39 8.11
CA ALA A 76 7.77 3.88 8.13
C ALA A 76 6.38 4.35 7.66
N VAL A 77 5.79 5.26 8.37
CA VAL A 77 4.44 5.75 7.98
C VAL A 77 4.47 7.27 7.82
N LYS A 78 4.58 7.75 6.61
CA LYS A 78 4.60 9.22 6.39
C LYS A 78 3.36 9.63 5.59
N ASP A 79 2.79 10.76 5.90
CA ASP A 79 1.58 11.21 5.15
C ASP A 79 1.93 11.39 3.68
N GLY A 80 1.60 10.43 2.86
CA GLY A 80 1.91 10.54 1.41
C GLY A 80 2.79 9.36 0.98
N VAL A 81 3.64 8.90 1.87
CA VAL A 81 4.53 7.76 1.51
C VAL A 81 4.49 6.73 2.64
N ILE A 82 4.04 5.53 2.35
CA ILE A 82 3.97 4.49 3.41
C ILE A 82 4.77 3.26 2.96
N GLU A 83 5.73 2.84 3.74
CA GLU A 83 6.53 1.64 3.35
C GLU A 83 6.12 0.45 4.22
N ILE A 84 5.75 -0.64 3.61
CA ILE A 84 5.34 -1.83 4.41
C ILE A 84 6.32 -2.97 4.15
N GLN A 85 6.60 -3.75 5.15
CA GLN A 85 7.55 -4.89 4.97
C GLN A 85 6.80 -6.21 5.12
N GLY A 86 6.69 -6.97 4.06
CA GLY A 86 5.97 -8.27 4.15
C GLY A 86 5.97 -8.94 2.77
N ASP A 87 4.87 -9.55 2.41
CA ASP A 87 4.81 -10.22 1.08
C ASP A 87 3.41 -10.79 0.86
N LYS A 88 2.47 -9.97 0.49
CA LYS A 88 1.08 -10.48 0.26
C LYS A 88 0.34 -9.54 -0.68
N ARG A 89 1.00 -9.05 -1.70
CA ARG A 89 0.34 -8.12 -2.66
C ARG A 89 -1.02 -8.71 -3.07
N ASP A 90 -1.13 -10.00 -3.11
CA ASP A 90 -2.42 -10.63 -3.50
C ASP A 90 -3.53 -10.15 -2.56
N LEU A 91 -3.33 -10.29 -1.28
CA LEU A 91 -4.37 -9.84 -0.30
C LEU A 91 -4.54 -8.32 -0.41
N LEU A 92 -3.49 -7.62 -0.73
CA LEU A 92 -3.60 -6.13 -0.84
C LEU A 92 -4.64 -5.78 -1.90
N LYS A 93 -4.64 -6.48 -3.00
CA LYS A 93 -5.63 -6.19 -4.08
C LYS A 93 -7.04 -6.46 -3.56
N SER A 94 -7.17 -7.36 -2.62
CA SER A 94 -8.53 -7.67 -2.08
C SER A 94 -9.00 -6.52 -1.18
N LEU A 95 -8.29 -6.27 -0.11
CA LEU A 95 -8.70 -5.16 0.80
C LEU A 95 -8.90 -3.88 -0.01
N LEU A 96 -8.16 -3.72 -1.07
CA LEU A 96 -8.30 -2.49 -1.90
C LEU A 96 -9.65 -2.52 -2.63
N GLU A 97 -9.95 -3.61 -3.29
CA GLU A 97 -11.24 -3.70 -4.03
C GLU A 97 -12.40 -3.67 -3.03
N ALA A 98 -12.11 -3.87 -1.77
CA ALA A 98 -13.20 -3.86 -0.74
C ALA A 98 -13.67 -2.42 -0.52
N LYS A 99 -12.80 -1.46 -0.73
CA LYS A 99 -13.20 -0.03 -0.53
C LYS A 99 -13.82 0.51 -1.82
N GLY A 100 -13.66 -0.20 -2.91
CA GLY A 100 -14.23 0.28 -4.20
C GLY A 100 -13.40 1.44 -4.74
N MET A 101 -12.13 1.45 -4.45
CA MET A 101 -11.26 2.55 -4.94
C MET A 101 -10.53 2.12 -6.22
N LYS A 102 -9.94 3.03 -6.93
CA LYS A 102 -9.23 2.67 -8.18
C LYS A 102 -7.79 2.25 -7.84
N VAL A 103 -7.56 0.98 -7.65
CA VAL A 103 -6.18 0.52 -7.32
C VAL A 103 -5.37 0.36 -8.61
N LYS A 104 -4.15 0.81 -8.61
CA LYS A 104 -3.31 0.68 -9.84
C LYS A 104 -2.27 -0.42 -9.63
N LEU A 105 -2.59 -1.64 -9.98
CA LEU A 105 -1.63 -2.75 -9.80
C LEU A 105 -0.33 -2.42 -10.55
N ALA A 106 0.62 -1.85 -9.89
CA ALA A 106 1.90 -1.51 -10.57
C ALA A 106 2.80 -2.75 -10.62
N GLY A 107 3.14 -3.21 -11.80
CA GLY A 107 4.02 -4.41 -11.90
C GLY A 107 4.73 -4.40 -13.25
N GLY A 108 5.32 -5.50 -13.63
CA GLY A 108 6.04 -5.56 -14.93
C GLY A 108 6.99 -6.75 -14.94
N LEU A 109 7.41 -7.17 -16.11
CA LEU A 109 8.34 -8.34 -16.19
C LEU A 109 8.92 -8.43 -17.60
N GLU A 110 10.09 -8.99 -17.74
CA GLU A 110 10.71 -9.11 -19.09
C GLU A 110 11.72 -10.25 -19.09
N LYS A 28 -19.97 13.34 -4.43
CA LYS A 28 -19.86 12.23 -3.44
C LYS A 28 -18.39 12.00 -3.09
N GLY A 29 -17.67 11.29 -3.92
CA GLY A 29 -16.23 11.03 -3.63
C GLY A 29 -15.81 9.72 -4.27
N ASP A 30 -14.61 9.28 -4.02
CA ASP A 30 -14.13 8.00 -4.61
C ASP A 30 -12.71 7.70 -4.11
N GLY A 31 -12.42 6.45 -3.87
CA GLY A 31 -11.06 6.08 -3.38
C GLY A 31 -10.46 5.00 -4.28
N VAL A 32 -9.36 5.30 -4.92
CA VAL A 32 -8.73 4.28 -5.82
C VAL A 32 -7.27 4.07 -5.39
N VAL A 33 -7.02 3.14 -4.52
CA VAL A 33 -5.62 2.88 -4.07
C VAL A 33 -5.04 1.71 -4.86
N ARG A 34 -3.74 1.55 -4.85
CA ARG A 34 -3.12 0.44 -5.61
C ARG A 34 -1.86 -0.03 -4.87
N ILE A 35 -1.81 -1.28 -4.49
CA ILE A 35 -0.60 -1.78 -3.77
C ILE A 35 0.08 -2.86 -4.63
N GLN A 36 1.06 -2.48 -5.40
CA GLN A 36 1.76 -3.48 -6.25
C GLN A 36 3.15 -3.75 -5.67
N ARG A 37 3.94 -4.55 -6.34
CA ARG A 37 5.31 -4.85 -5.83
C ARG A 37 6.35 -4.45 -6.87
N GLN A 38 7.46 -3.92 -6.43
CA GLN A 38 8.52 -3.51 -7.41
C GLN A 38 9.67 -4.51 -7.37
N THR A 39 9.74 -5.38 -8.34
CA THR A 39 10.84 -6.39 -8.36
C THR A 39 11.57 -6.31 -9.71
N SER A 40 12.87 -6.42 -9.69
CA SER A 40 13.63 -6.36 -10.97
C SER A 40 15.10 -6.72 -10.70
N GLY A 41 15.72 -7.43 -11.61
CA GLY A 41 17.15 -7.80 -11.40
C GLY A 41 17.25 -8.84 -10.29
N ARG A 42 18.45 -9.21 -9.91
CA ARG A 42 18.60 -10.22 -8.83
C ARG A 42 19.04 -9.52 -7.54
N LYS A 43 19.19 -10.26 -6.47
CA LYS A 43 19.62 -9.63 -5.18
C LYS A 43 18.48 -8.75 -4.65
N GLY A 44 17.39 -9.34 -4.26
CA GLY A 44 16.25 -8.54 -3.73
C GLY A 44 15.10 -9.47 -3.35
N LYS A 45 14.36 -9.14 -2.33
CA LYS A 45 13.21 -9.99 -1.92
C LYS A 45 11.92 -9.41 -2.47
N GLY A 46 11.87 -8.12 -2.69
CA GLY A 46 10.63 -7.49 -3.21
C GLY A 46 10.05 -6.55 -2.16
N VAL A 47 9.45 -5.47 -2.59
CA VAL A 47 8.87 -4.51 -1.59
C VAL A 47 7.51 -4.02 -2.10
N CYS A 48 6.71 -3.46 -1.24
CA CYS A 48 5.37 -2.97 -1.66
C CYS A 48 5.35 -1.44 -1.57
N LEU A 49 4.77 -0.79 -2.54
CA LEU A 49 4.71 0.71 -2.52
C LEU A 49 3.28 1.16 -2.83
N ILE A 50 2.63 1.76 -1.87
CA ILE A 50 1.23 2.23 -2.11
C ILE A 50 1.27 3.63 -2.73
N THR A 51 0.55 3.84 -3.79
CA THR A 51 0.54 5.18 -4.44
C THR A 51 -0.87 5.51 -4.93
N GLY A 52 -1.03 6.61 -5.62
CA GLY A 52 -2.37 6.98 -6.14
C GLY A 52 -3.38 6.94 -4.99
N VAL A 53 -3.09 7.60 -3.91
CA VAL A 53 -4.03 7.61 -2.75
C VAL A 53 -4.89 8.87 -2.79
N ASP A 54 -6.15 8.74 -3.07
CA ASP A 54 -7.03 9.94 -3.13
C ASP A 54 -7.78 10.08 -1.80
N LEU A 55 -7.12 10.59 -0.80
CA LEU A 55 -7.77 10.77 0.52
C LEU A 55 -7.86 12.26 0.86
N ASP A 56 -8.18 12.58 2.08
CA ASP A 56 -8.28 14.02 2.46
C ASP A 56 -6.96 14.45 3.13
N ASP A 57 -6.62 13.84 4.23
CA ASP A 57 -5.35 14.22 4.91
C ASP A 57 -5.23 13.42 6.22
N ALA A 58 -6.22 13.49 7.06
CA ALA A 58 -6.16 12.74 8.35
C ALA A 58 -6.41 11.26 8.08
N GLU A 59 -7.07 10.94 6.99
CA GLU A 59 -7.35 9.51 6.68
C GLU A 59 -6.07 8.84 6.18
N LEU A 60 -5.24 9.57 5.49
CA LEU A 60 -3.97 8.97 4.97
C LEU A 60 -3.07 8.61 6.15
N THR A 61 -2.95 9.49 7.11
CA THR A 61 -2.09 9.19 8.29
C THR A 61 -2.72 8.07 9.11
N LYS A 62 -4.03 7.98 9.11
CA LYS A 62 -4.69 6.92 9.90
C LYS A 62 -4.43 5.55 9.25
N LEU A 63 -4.37 5.51 7.96
CA LEU A 63 -4.11 4.21 7.27
C LEU A 63 -2.66 3.79 7.47
N ALA A 64 -1.74 4.61 7.03
CA ALA A 64 -0.30 4.27 7.21
C ALA A 64 -0.04 3.84 8.65
N ALA A 65 -0.56 4.57 9.60
CA ALA A 65 -0.35 4.21 11.02
C ALA A 65 -0.99 2.85 11.30
N GLU A 66 -2.15 2.61 10.77
CA GLU A 66 -2.83 1.30 11.00
C GLU A 66 -1.93 0.16 10.49
N LEU A 67 -1.19 0.41 9.45
CA LEU A 67 -0.30 -0.65 8.90
C LEU A 67 1.01 -0.69 9.71
N LYS A 68 1.34 0.39 10.36
CA LYS A 68 2.60 0.43 11.16
C LYS A 68 2.41 -0.37 12.46
N LYS A 69 1.20 -0.57 12.87
CA LYS A 69 0.96 -1.33 14.12
C LYS A 69 1.22 -2.83 13.91
N LYS A 70 1.32 -3.25 12.68
CA LYS A 70 1.57 -4.70 12.41
C LYS A 70 2.46 -4.85 11.18
N CYS A 71 3.41 -3.97 11.01
CA CYS A 71 4.30 -4.06 9.82
C CYS A 71 5.62 -4.73 10.22
N GLY A 72 6.38 -4.11 11.08
CA GLY A 72 7.67 -4.71 11.51
C GLY A 72 8.82 -3.81 11.06
N CYS A 73 8.55 -2.57 10.77
CA CYS A 73 9.62 -1.64 10.32
C CYS A 73 9.00 -0.41 9.68
N GLY A 74 8.78 0.62 10.44
CA GLY A 74 8.18 1.87 9.87
C GLY A 74 9.05 2.37 8.71
N GLY A 75 8.64 2.10 7.50
CA GLY A 75 9.44 2.57 6.33
C GLY A 75 9.19 4.07 6.11
N ALA A 76 9.45 4.55 4.92
CA ALA A 76 9.22 6.00 4.64
C ALA A 76 7.71 6.25 4.52
N VAL A 77 7.26 7.40 4.92
CA VAL A 77 5.80 7.71 4.83
C VAL A 77 5.61 9.12 4.27
N LYS A 78 5.45 9.25 2.98
CA LYS A 78 5.25 10.60 2.38
C LYS A 78 3.78 10.76 1.96
N ASP A 79 3.31 11.96 1.86
CA ASP A 79 1.88 12.18 1.45
C ASP A 79 1.73 11.85 -0.03
N GLY A 80 1.20 10.69 -0.34
CA GLY A 80 1.02 10.31 -1.76
C GLY A 80 1.86 9.07 -2.08
N VAL A 81 2.74 8.70 -1.18
CA VAL A 81 3.60 7.51 -1.43
C VAL A 81 4.02 6.90 -0.09
N ILE A 82 3.62 5.68 0.18
CA ILE A 82 4.00 5.05 1.47
C ILE A 82 4.75 3.74 1.20
N GLU A 83 5.93 3.62 1.72
CA GLU A 83 6.72 2.37 1.50
C GLU A 83 6.44 1.39 2.65
N ILE A 84 6.24 0.14 2.34
CA ILE A 84 5.96 -0.86 3.41
C ILE A 84 6.85 -2.09 3.20
N GLN A 85 7.96 -2.14 3.87
CA GLN A 85 8.87 -3.32 3.72
C GLN A 85 8.10 -4.60 4.05
N GLY A 86 8.23 -5.61 3.23
CA GLY A 86 7.51 -6.88 3.49
C GLY A 86 7.06 -7.49 2.16
N ASP A 87 6.51 -8.68 2.21
CA ASP A 87 6.06 -9.33 0.95
C ASP A 87 4.73 -10.05 1.20
N LYS A 88 3.64 -9.33 1.18
CA LYS A 88 2.31 -9.98 1.42
C LYS A 88 1.25 -9.28 0.58
N ARG A 89 1.51 -9.10 -0.69
CA ARG A 89 0.52 -8.43 -1.58
C ARG A 89 -0.86 -9.05 -1.35
N ASP A 90 -0.92 -10.34 -1.14
CA ASP A 90 -2.23 -11.00 -0.92
C ASP A 90 -2.94 -10.33 0.27
N LEU A 91 -2.26 -10.16 1.37
CA LEU A 91 -2.89 -9.53 2.55
C LEU A 91 -3.33 -8.11 2.19
N LEU A 92 -2.50 -7.38 1.50
CA LEU A 92 -2.88 -5.98 1.11
C LEU A 92 -4.19 -6.01 0.32
N LYS A 93 -4.40 -7.03 -0.46
CA LYS A 93 -5.65 -7.12 -1.25
C LYS A 93 -6.85 -7.15 -0.30
N SER A 94 -6.94 -8.17 0.52
CA SER A 94 -8.09 -8.25 1.47
C SER A 94 -8.04 -7.06 2.44
N LEU A 95 -6.95 -6.36 2.48
CA LEU A 95 -6.84 -5.19 3.39
C LEU A 95 -7.69 -4.04 2.84
N LEU A 96 -7.36 -3.55 1.68
CA LEU A 96 -8.15 -2.43 1.09
C LEU A 96 -9.60 -2.89 0.86
N GLU A 97 -9.80 -4.14 0.58
CA GLU A 97 -11.18 -4.65 0.36
C GLU A 97 -11.93 -4.69 1.69
N ALA A 98 -11.22 -4.82 2.77
CA ALA A 98 -11.88 -4.88 4.11
C ALA A 98 -12.50 -3.50 4.42
N LYS A 99 -11.94 -2.46 3.88
CA LYS A 99 -12.48 -1.10 4.15
C LYS A 99 -13.62 -0.80 3.17
N GLY A 100 -13.48 -1.20 1.94
CA GLY A 100 -14.55 -0.93 0.93
C GLY A 100 -14.01 -0.04 -0.18
N MET A 101 -12.72 0.11 -0.25
CA MET A 101 -12.13 0.97 -1.32
C MET A 101 -11.70 0.11 -2.49
N LYS A 102 -11.65 0.68 -3.68
CA LYS A 102 -11.24 -0.12 -4.87
C LYS A 102 -9.71 -0.21 -4.92
N VAL A 103 -9.17 -1.39 -4.85
CA VAL A 103 -7.69 -1.54 -4.89
C VAL A 103 -7.30 -2.30 -6.17
N LYS A 104 -6.30 -1.83 -6.86
CA LYS A 104 -5.86 -2.52 -8.10
C LYS A 104 -4.60 -3.35 -7.82
N LEU A 105 -4.76 -4.62 -7.58
CA LEU A 105 -3.57 -5.48 -7.30
C LEU A 105 -2.47 -5.17 -8.31
N ALA A 106 -2.84 -4.78 -9.50
CA ALA A 106 -1.80 -4.47 -10.53
C ALA A 106 -0.99 -5.73 -10.84
N GLY A 107 -0.02 -5.62 -11.70
CA GLY A 107 0.81 -6.82 -12.04
C GLY A 107 1.27 -6.72 -13.49
N GLY A 108 1.27 -7.80 -14.20
CA GLY A 108 1.71 -7.78 -15.63
C GLY A 108 1.09 -6.56 -16.33
N LEU A 109 1.89 -5.78 -17.00
CA LEU A 109 1.35 -4.58 -17.70
C LEU A 109 2.47 -3.94 -18.53
N GLU A 110 2.29 -3.85 -19.82
CA GLU A 110 3.34 -3.23 -20.67
C GLU A 110 2.69 -2.20 -21.60
N LYS A 28 -13.77 12.04 -9.37
CA LYS A 28 -14.68 11.94 -8.19
C LYS A 28 -15.68 10.80 -8.42
N GLY A 29 -15.27 9.58 -8.22
CA GLY A 29 -16.20 8.44 -8.43
C GLY A 29 -15.45 7.12 -8.19
N ASP A 30 -14.57 6.75 -9.09
CA ASP A 30 -13.81 5.48 -8.92
C ASP A 30 -12.49 5.78 -8.21
N GLY A 31 -11.99 4.85 -7.45
CA GLY A 31 -10.71 5.06 -6.73
C GLY A 31 -9.70 3.98 -7.12
N VAL A 32 -8.45 4.32 -7.19
CA VAL A 32 -7.42 3.30 -7.57
C VAL A 32 -6.25 3.38 -6.59
N VAL A 33 -5.75 2.25 -6.17
CA VAL A 33 -4.60 2.26 -5.22
C VAL A 33 -3.32 1.85 -5.95
N ARG A 34 -2.18 2.13 -5.38
CA ARG A 34 -0.90 1.76 -6.04
C ARG A 34 0.05 1.15 -5.01
N ILE A 35 0.27 -0.13 -5.08
CA ILE A 35 1.18 -0.78 -4.10
C ILE A 35 2.39 -1.37 -4.83
N GLN A 36 3.58 -1.05 -4.41
CA GLN A 36 4.79 -1.58 -5.08
C GLN A 36 5.97 -1.57 -4.10
N ARG A 37 6.92 -2.45 -4.31
CA ARG A 37 8.10 -2.48 -3.39
C ARG A 37 9.31 -1.89 -4.10
N GLN A 38 10.14 -1.18 -3.38
CA GLN A 38 11.35 -0.56 -4.00
C GLN A 38 12.59 -1.29 -3.51
N THR A 39 12.80 -2.51 -3.94
CA THR A 39 14.01 -3.27 -3.50
C THR A 39 15.27 -2.47 -3.84
N SER A 40 16.31 -2.64 -3.08
CA SER A 40 17.57 -1.89 -3.37
C SER A 40 18.77 -2.70 -2.87
N GLY A 41 18.91 -3.91 -3.33
CA GLY A 41 20.06 -4.75 -2.88
C GLY A 41 19.69 -6.23 -2.98
N ARG A 42 20.67 -7.10 -2.94
CA ARG A 42 20.36 -8.55 -3.04
C ARG A 42 20.01 -9.09 -1.65
N LYS A 43 18.79 -9.50 -1.46
CA LYS A 43 18.38 -10.04 -0.13
C LYS A 43 18.85 -9.08 0.96
N GLY A 44 18.34 -7.88 0.97
CA GLY A 44 18.75 -6.90 2.01
C GLY A 44 17.55 -6.53 2.88
N LYS A 45 16.49 -6.06 2.27
CA LYS A 45 15.28 -5.68 3.06
C LYS A 45 14.15 -5.31 2.10
N GLY A 46 12.98 -5.84 2.31
CA GLY A 46 11.84 -5.52 1.41
C GLY A 46 11.00 -4.39 2.02
N VAL A 47 10.83 -3.31 1.31
CA VAL A 47 10.03 -2.18 1.85
C VAL A 47 8.85 -1.89 0.90
N CYS A 48 7.71 -1.54 1.43
CA CYS A 48 6.54 -1.26 0.57
C CYS A 48 5.99 0.13 0.89
N LEU A 49 5.71 0.91 -0.11
CA LEU A 49 5.18 2.28 0.14
C LEU A 49 3.83 2.45 -0.58
N ILE A 50 2.79 2.72 0.15
CA ILE A 50 1.46 2.89 -0.49
C ILE A 50 1.25 4.37 -0.86
N THR A 51 1.07 4.64 -2.12
CA THR A 51 0.86 6.06 -2.55
C THR A 51 -0.01 6.09 -3.80
N GLY A 52 -0.63 7.21 -4.08
CA GLY A 52 -1.49 7.30 -5.30
C GLY A 52 -2.96 7.33 -4.89
N VAL A 53 -3.30 6.70 -3.80
CA VAL A 53 -4.71 6.70 -3.34
C VAL A 53 -5.28 8.12 -3.43
N ASP A 54 -6.23 8.34 -4.31
CA ASP A 54 -6.81 9.70 -4.46
C ASP A 54 -8.28 9.67 -4.03
N LEU A 55 -8.53 9.63 -2.75
CA LEU A 55 -9.95 9.60 -2.27
C LEU A 55 -10.15 10.68 -1.21
N ASP A 56 -11.12 10.51 -0.36
CA ASP A 56 -11.37 11.52 0.71
C ASP A 56 -10.20 11.52 1.70
N ASP A 57 -9.83 12.66 2.20
CA ASP A 57 -8.70 12.72 3.17
C ASP A 57 -9.01 11.83 4.37
N ALA A 58 -10.26 11.78 4.78
CA ALA A 58 -10.62 10.94 5.96
C ALA A 58 -10.63 9.47 5.54
N GLU A 59 -10.98 9.18 4.31
CA GLU A 59 -11.02 7.77 3.85
C GLU A 59 -9.58 7.25 3.70
N LEU A 60 -8.65 8.13 3.45
CA LEU A 60 -7.23 7.68 3.29
C LEU A 60 -6.67 7.26 4.65
N THR A 61 -6.70 8.14 5.61
CA THR A 61 -6.16 7.79 6.96
C THR A 61 -6.88 6.55 7.48
N LYS A 62 -8.08 6.30 7.02
CA LYS A 62 -8.82 5.10 7.49
C LYS A 62 -8.24 3.84 6.85
N LEU A 63 -8.01 3.87 5.57
CA LEU A 63 -7.44 2.67 4.88
C LEU A 63 -6.07 2.34 5.49
N ALA A 64 -5.24 3.33 5.66
CA ALA A 64 -3.89 3.08 6.26
C ALA A 64 -4.05 2.61 7.71
N ALA A 65 -4.99 3.17 8.42
CA ALA A 65 -5.19 2.76 9.84
C ALA A 65 -5.51 1.25 9.89
N GLU A 66 -6.24 0.76 8.93
CA GLU A 66 -6.58 -0.69 8.92
C GLU A 66 -5.35 -1.49 8.49
N LEU A 67 -4.58 -0.96 7.57
CA LEU A 67 -3.37 -1.69 7.09
C LEU A 67 -2.47 -2.02 8.28
N LYS A 68 -2.12 -1.03 9.06
CA LYS A 68 -1.24 -1.28 10.23
C LYS A 68 -1.98 -2.14 11.25
N LYS A 69 -3.27 -1.98 11.36
CA LYS A 69 -4.04 -2.79 12.33
C LYS A 69 -3.89 -4.28 12.00
N LYS A 70 -3.54 -4.59 10.79
CA LYS A 70 -3.38 -6.03 10.41
C LYS A 70 -1.97 -6.50 10.77
N CYS A 71 -0.99 -5.66 10.63
CA CYS A 71 0.40 -6.08 10.96
C CYS A 71 0.73 -5.67 12.40
N GLY A 72 0.77 -4.39 12.66
CA GLY A 72 1.08 -3.92 14.04
C GLY A 72 2.36 -3.09 14.01
N CYS A 73 2.90 -2.84 12.84
CA CYS A 73 4.14 -2.03 12.74
C CYS A 73 4.27 -1.48 11.33
N GLY A 74 4.35 -0.18 11.18
CA GLY A 74 4.48 0.42 9.82
C GLY A 74 5.65 1.39 9.79
N GLY A 75 5.37 2.67 9.76
CA GLY A 75 6.47 3.68 9.74
C GLY A 75 5.89 5.07 9.88
N ALA A 76 4.85 5.37 9.14
CA ALA A 76 4.23 6.73 9.24
C ALA A 76 3.03 6.81 8.29
N VAL A 77 1.86 7.05 8.83
CA VAL A 77 0.65 7.14 7.96
C VAL A 77 0.30 8.62 7.74
N LYS A 78 0.70 9.17 6.63
CA LYS A 78 0.40 10.60 6.35
C LYS A 78 -0.69 10.70 5.29
N ASP A 79 -1.59 11.65 5.45
CA ASP A 79 -2.68 11.80 4.45
C ASP A 79 -2.08 12.04 3.07
N GLY A 80 -1.95 11.01 2.28
CA GLY A 80 -1.36 11.18 0.92
C GLY A 80 -0.21 10.19 0.72
N VAL A 81 0.60 10.01 1.72
CA VAL A 81 1.74 9.06 1.58
C VAL A 81 1.80 8.15 2.81
N ILE A 82 1.74 6.85 2.60
CA ILE A 82 1.79 5.91 3.74
C ILE A 82 2.99 4.97 3.57
N GLU A 83 3.77 4.80 4.60
CA GLU A 83 4.95 3.90 4.49
C GLU A 83 4.71 2.64 5.33
N ILE A 84 5.06 1.50 4.80
CA ILE A 84 4.85 0.24 5.57
C ILE A 84 6.13 -0.61 5.51
N GLN A 85 6.67 -0.96 6.64
CA GLN A 85 7.92 -1.78 6.65
C GLN A 85 7.55 -3.26 6.72
N GLY A 86 7.67 -3.97 5.62
CA GLY A 86 7.33 -5.41 5.62
C GLY A 86 7.53 -5.98 4.21
N ASP A 87 6.97 -7.13 3.95
CA ASP A 87 7.12 -7.74 2.59
C ASP A 87 5.93 -8.63 2.30
N LYS A 88 4.78 -8.06 2.07
CA LYS A 88 3.57 -8.88 1.78
C LYS A 88 2.79 -8.25 0.62
N ARG A 89 3.45 -7.93 -0.46
CA ARG A 89 2.75 -7.32 -1.61
C ARG A 89 1.67 -8.28 -2.12
N ASP A 90 1.91 -9.56 -2.04
CA ASP A 90 0.89 -10.54 -2.52
C ASP A 90 -0.44 -10.28 -1.80
N LEU A 91 -0.42 -10.31 -0.49
CA LEU A 91 -1.68 -10.07 0.27
C LEU A 91 -2.19 -8.67 -0.02
N LEU A 92 -1.31 -7.74 -0.28
CA LEU A 92 -1.74 -6.35 -0.57
C LEU A 92 -2.67 -6.35 -1.79
N LYS A 93 -2.31 -7.06 -2.82
CA LYS A 93 -3.17 -7.10 -4.04
C LYS A 93 -4.53 -7.70 -3.68
N SER A 94 -4.57 -8.61 -2.74
CA SER A 94 -5.86 -9.22 -2.35
C SER A 94 -6.73 -8.18 -1.65
N LEU A 95 -6.36 -7.78 -0.46
CA LEU A 95 -7.18 -6.78 0.27
C LEU A 95 -7.58 -5.66 -0.69
N LEU A 96 -6.72 -5.28 -1.59
CA LEU A 96 -7.06 -4.20 -2.55
C LEU A 96 -8.23 -4.64 -3.42
N GLU A 97 -8.18 -5.83 -3.95
CA GLU A 97 -9.30 -6.31 -4.80
C GLU A 97 -10.54 -6.55 -3.94
N ALA A 98 -10.37 -6.61 -2.65
CA ALA A 98 -11.55 -6.83 -1.76
C ALA A 98 -12.44 -5.58 -1.76
N LYS A 99 -11.86 -4.43 -1.98
CA LYS A 99 -12.67 -3.19 -2.00
C LYS A 99 -13.27 -2.98 -3.40
N GLY A 100 -12.75 -3.65 -4.38
CA GLY A 100 -13.28 -3.50 -5.77
C GLY A 100 -12.61 -2.30 -6.43
N MET A 101 -11.53 -1.81 -5.87
CA MET A 101 -10.84 -0.64 -6.47
C MET A 101 -9.83 -1.14 -7.51
N LYS A 102 -9.24 -0.24 -8.25
CA LYS A 102 -8.25 -0.66 -9.29
C LYS A 102 -6.89 -0.91 -8.62
N VAL A 103 -6.01 -1.57 -9.30
CA VAL A 103 -4.66 -1.85 -8.71
C VAL A 103 -3.58 -1.65 -9.77
N LYS A 104 -2.60 -0.84 -9.48
CA LYS A 104 -1.52 -0.61 -10.47
C LYS A 104 -0.24 -1.33 -10.02
N LEU A 105 -0.28 -2.63 -9.95
CA LEU A 105 0.93 -3.39 -9.51
C LEU A 105 2.18 -2.81 -10.19
N ALA A 106 2.94 -2.03 -9.47
CA ALA A 106 4.16 -1.44 -10.08
C ALA A 106 5.38 -2.31 -9.74
N GLY A 107 5.22 -3.23 -8.83
CA GLY A 107 6.36 -4.11 -8.45
C GLY A 107 6.20 -5.48 -9.11
N GLY A 108 7.26 -6.03 -9.64
CA GLY A 108 7.15 -7.36 -10.30
C GLY A 108 8.14 -7.42 -11.47
N LEU A 109 8.66 -8.59 -11.76
CA LEU A 109 9.63 -8.72 -12.89
C LEU A 109 8.91 -9.33 -14.10
N GLU A 110 9.43 -9.11 -15.27
CA GLU A 110 8.78 -9.67 -16.49
C GLU A 110 9.85 -10.24 -17.42
N LYS A 28 -17.18 13.02 -7.88
CA LYS A 28 -16.09 14.00 -7.61
C LYS A 28 -15.10 13.41 -6.60
N GLY A 29 -14.09 12.74 -7.08
CA GLY A 29 -13.09 12.14 -6.14
C GLY A 29 -11.96 11.49 -6.95
N ASP A 30 -12.28 10.55 -7.79
CA ASP A 30 -11.22 9.88 -8.61
C ASP A 30 -10.08 9.43 -7.69
N GLY A 31 -10.33 8.46 -6.85
CA GLY A 31 -9.26 7.98 -5.93
C GLY A 31 -8.64 6.70 -6.50
N VAL A 32 -7.35 6.57 -6.41
CA VAL A 32 -6.68 5.35 -6.95
C VAL A 32 -5.51 4.97 -6.03
N VAL A 33 -5.53 3.77 -5.50
CA VAL A 33 -4.41 3.34 -4.60
C VAL A 33 -3.43 2.48 -5.39
N ARG A 34 -2.19 2.46 -4.99
CA ARG A 34 -1.18 1.64 -5.73
C ARG A 34 -0.26 0.95 -4.71
N ILE A 35 -0.25 -0.35 -4.70
CA ILE A 35 0.64 -1.07 -3.74
C ILE A 35 1.52 -2.06 -4.49
N GLN A 36 2.81 -1.86 -4.46
CA GLN A 36 3.72 -2.79 -5.18
C GLN A 36 5.04 -2.92 -4.41
N ARG A 37 5.92 -3.78 -4.85
CA ARG A 37 7.22 -3.95 -4.14
C ARG A 37 8.31 -3.23 -4.90
N GLN A 38 9.31 -2.75 -4.22
CA GLN A 38 10.43 -2.03 -4.91
C GLN A 38 11.76 -2.50 -4.33
N THR A 39 12.51 -3.26 -5.09
CA THR A 39 13.82 -3.74 -4.59
C THR A 39 14.80 -2.56 -4.49
N SER A 40 16.02 -2.81 -4.08
CA SER A 40 17.00 -1.71 -3.96
C SER A 40 18.41 -2.26 -4.22
N GLY A 41 18.80 -3.27 -3.50
CA GLY A 41 20.16 -3.84 -3.71
C GLY A 41 20.10 -4.93 -4.79
N ARG A 42 20.28 -6.16 -4.41
CA ARG A 42 20.23 -7.26 -5.41
C ARG A 42 19.23 -8.34 -4.95
N LYS A 43 19.32 -8.74 -3.72
CA LYS A 43 18.38 -9.78 -3.20
C LYS A 43 17.93 -9.41 -1.79
N GLY A 44 16.80 -9.91 -1.37
CA GLY A 44 16.30 -9.58 0.00
C GLY A 44 16.11 -8.07 0.13
N LYS A 45 15.81 -7.60 1.31
CA LYS A 45 15.60 -6.14 1.50
C LYS A 45 14.48 -5.66 0.57
N GLY A 46 13.36 -6.34 0.57
CA GLY A 46 12.24 -5.91 -0.30
C GLY A 46 11.12 -5.30 0.55
N VAL A 47 10.58 -4.19 0.12
CA VAL A 47 9.49 -3.53 0.91
C VAL A 47 8.35 -3.16 -0.03
N CYS A 48 7.22 -2.78 0.52
CA CYS A 48 6.07 -2.40 -0.35
C CYS A 48 5.67 -0.96 -0.05
N LEU A 49 5.78 -0.09 -1.02
CA LEU A 49 5.41 1.34 -0.81
C LEU A 49 3.95 1.55 -1.20
N ILE A 50 3.17 2.15 -0.35
CA ILE A 50 1.74 2.39 -0.68
C ILE A 50 1.51 3.88 -0.89
N THR A 51 1.22 4.27 -2.11
CA THR A 51 0.98 5.72 -2.39
C THR A 51 -0.20 5.87 -3.33
N GLY A 52 -0.61 7.08 -3.63
CA GLY A 52 -1.76 7.28 -4.55
C GLY A 52 -3.02 7.57 -3.73
N VAL A 53 -2.99 7.30 -2.45
CA VAL A 53 -4.18 7.56 -1.61
C VAL A 53 -4.58 9.03 -1.73
N ASP A 54 -5.79 9.29 -2.15
CA ASP A 54 -6.24 10.71 -2.29
C ASP A 54 -7.52 10.92 -1.47
N LEU A 55 -7.41 10.94 -0.17
CA LEU A 55 -8.61 11.15 0.68
C LEU A 55 -8.51 12.49 1.40
N ASP A 56 -9.42 12.77 2.29
CA ASP A 56 -9.37 14.07 3.02
C ASP A 56 -8.12 14.11 3.90
N ASP A 57 -8.20 13.54 5.08
CA ASP A 57 -7.01 13.55 5.98
C ASP A 57 -7.13 12.38 6.97
N ALA A 58 -8.15 12.37 7.77
CA ALA A 58 -8.31 11.26 8.75
C ALA A 58 -8.53 9.94 8.00
N GLU A 59 -9.07 10.01 6.81
CA GLU A 59 -9.31 8.76 6.03
C GLU A 59 -7.98 8.07 5.74
N LEU A 60 -6.98 8.83 5.38
CA LEU A 60 -5.66 8.22 5.09
C LEU A 60 -5.19 7.42 6.30
N THR A 61 -5.04 8.06 7.43
CA THR A 61 -4.59 7.33 8.65
C THR A 61 -5.58 6.21 8.97
N LYS A 62 -6.78 6.30 8.46
CA LYS A 62 -7.79 5.24 8.75
C LYS A 62 -7.42 3.97 8.00
N LEU A 63 -7.56 3.97 6.70
CA LEU A 63 -7.21 2.76 5.91
C LEU A 63 -5.83 2.24 6.33
N ALA A 64 -4.94 3.11 6.72
CA ALA A 64 -3.59 2.66 7.14
C ALA A 64 -3.69 1.85 8.44
N ALA A 65 -4.36 2.36 9.43
CA ALA A 65 -4.48 1.62 10.72
C ALA A 65 -5.17 0.27 10.47
N GLU A 66 -6.01 0.18 9.48
CA GLU A 66 -6.71 -1.10 9.21
C GLU A 66 -5.76 -2.08 8.52
N LEU A 67 -4.87 -1.58 7.70
CA LEU A 67 -3.92 -2.48 6.99
C LEU A 67 -2.89 -3.02 7.99
N LYS A 68 -2.39 -2.19 8.85
CA LYS A 68 -1.39 -2.68 9.85
C LYS A 68 -2.09 -3.54 10.90
N LYS A 69 -3.39 -3.64 10.82
CA LYS A 69 -4.13 -4.46 11.83
C LYS A 69 -3.91 -5.95 11.55
N LYS A 70 -3.54 -6.30 10.34
CA LYS A 70 -3.32 -7.73 10.01
C LYS A 70 -2.11 -7.87 9.08
N CYS A 71 -0.96 -7.42 9.52
CA CYS A 71 0.25 -7.51 8.66
C CYS A 71 1.43 -8.03 9.48
N GLY A 72 1.26 -8.25 10.75
CA GLY A 72 2.38 -8.75 11.59
C GLY A 72 3.43 -7.65 11.78
N CYS A 73 3.16 -6.47 11.26
CA CYS A 73 4.14 -5.35 11.42
C CYS A 73 3.45 -4.03 11.11
N GLY A 74 4.20 -2.96 10.97
CA GLY A 74 3.59 -1.64 10.68
C GLY A 74 4.46 -0.88 9.68
N GLY A 75 5.00 0.24 10.10
CA GLY A 75 5.86 1.04 9.18
C GLY A 75 5.63 2.54 9.45
N ALA A 76 6.18 3.39 8.63
CA ALA A 76 6.00 4.86 8.84
C ALA A 76 4.72 5.32 8.14
N VAL A 77 3.83 5.96 8.85
CA VAL A 77 2.57 6.42 8.21
C VAL A 77 2.70 7.91 7.86
N LYS A 78 3.20 8.21 6.69
CA LYS A 78 3.34 9.64 6.30
C LYS A 78 2.08 10.09 5.55
N ASP A 79 1.71 11.33 5.67
CA ASP A 79 0.49 11.83 4.98
C ASP A 79 0.76 11.89 3.47
N GLY A 80 0.49 10.83 2.76
CA GLY A 80 0.73 10.82 1.29
C GLY A 80 1.65 9.67 0.92
N VAL A 81 2.25 9.05 1.89
CA VAL A 81 3.18 7.91 1.60
C VAL A 81 3.28 7.00 2.83
N ILE A 82 2.93 5.75 2.69
CA ILE A 82 3.00 4.82 3.84
C ILE A 82 3.97 3.68 3.53
N GLU A 83 4.93 3.45 4.39
CA GLU A 83 5.91 2.35 4.14
C GLU A 83 5.42 1.08 4.82
N ILE A 84 5.20 0.04 4.07
CA ILE A 84 4.72 -1.23 4.67
C ILE A 84 5.64 -2.39 4.26
N GLN A 85 6.84 -2.41 4.76
CA GLN A 85 7.78 -3.51 4.38
C GLN A 85 7.09 -4.86 4.57
N GLY A 86 7.59 -5.89 3.94
CA GLY A 86 6.96 -7.23 4.08
C GLY A 86 6.67 -7.80 2.69
N ASP A 87 5.78 -8.75 2.60
CA ASP A 87 5.45 -9.35 1.29
C ASP A 87 4.01 -9.86 1.29
N LYS A 88 3.08 -9.05 0.85
CA LYS A 88 1.65 -9.49 0.84
C LYS A 88 0.90 -8.76 -0.27
N ARG A 89 1.59 -8.39 -1.32
CA ARG A 89 0.92 -7.66 -2.43
C ARG A 89 -0.36 -8.42 -2.84
N ASP A 90 -0.30 -9.73 -2.84
CA ASP A 90 -1.51 -10.52 -3.22
C ASP A 90 -2.69 -10.11 -2.34
N LEU A 91 -2.54 -10.22 -1.05
CA LEU A 91 -3.65 -9.84 -0.13
C LEU A 91 -3.96 -8.34 -0.29
N LEU A 92 -3.02 -7.59 -0.79
CA LEU A 92 -3.24 -6.13 -0.97
C LEU A 92 -4.27 -5.91 -2.08
N LYS A 93 -4.16 -6.63 -3.15
CA LYS A 93 -5.14 -6.47 -4.27
C LYS A 93 -6.51 -6.97 -3.83
N SER A 94 -6.56 -7.84 -2.86
CA SER A 94 -7.87 -8.36 -2.39
C SER A 94 -8.57 -7.30 -1.55
N LEU A 95 -7.99 -6.90 -0.45
CA LEU A 95 -8.63 -5.86 0.40
C LEU A 95 -8.94 -4.62 -0.44
N LEU A 96 -8.09 -4.31 -1.39
CA LEU A 96 -8.34 -3.12 -2.25
C LEU A 96 -9.63 -3.33 -3.05
N GLU A 97 -9.73 -4.43 -3.74
CA GLU A 97 -10.96 -4.69 -4.55
C GLU A 97 -12.17 -4.79 -3.60
N ALA A 98 -11.93 -4.98 -2.34
CA ALA A 98 -13.06 -5.09 -1.38
C ALA A 98 -13.81 -3.76 -1.30
N LYS A 99 -13.09 -2.66 -1.39
CA LYS A 99 -13.75 -1.34 -1.34
C LYS A 99 -14.35 -1.00 -2.71
N GLY A 100 -13.65 -1.34 -3.76
CA GLY A 100 -14.18 -1.03 -5.13
C GLY A 100 -13.35 0.09 -5.75
N MET A 101 -12.20 0.38 -5.19
CA MET A 101 -11.35 1.46 -5.76
C MET A 101 -10.40 0.86 -6.79
N LYS A 102 -9.88 1.67 -7.69
CA LYS A 102 -8.96 1.15 -8.72
C LYS A 102 -7.55 1.01 -8.13
N VAL A 103 -7.02 -0.17 -8.13
CA VAL A 103 -5.65 -0.38 -7.55
C VAL A 103 -4.70 -0.83 -8.67
N LYS A 104 -3.48 -0.38 -8.63
CA LYS A 104 -2.50 -0.78 -9.69
C LYS A 104 -1.39 -1.63 -9.06
N LEU A 105 -1.62 -2.90 -8.89
CA LEU A 105 -0.59 -3.78 -8.28
C LEU A 105 0.77 -3.46 -8.91
N ALA A 106 0.78 -2.98 -10.12
CA ALA A 106 2.07 -2.66 -10.79
C ALA A 106 2.86 -3.95 -11.03
N GLY A 107 4.10 -3.83 -11.41
CA GLY A 107 4.93 -5.05 -11.67
C GLY A 107 5.33 -5.09 -13.14
N GLY A 108 5.81 -6.22 -13.59
CA GLY A 108 6.23 -6.33 -15.02
C GLY A 108 7.17 -7.52 -15.19
N LEU A 109 7.77 -7.65 -16.34
CA LEU A 109 8.71 -8.79 -16.56
C LEU A 109 9.78 -8.79 -15.47
N GLU A 110 9.64 -9.66 -14.50
CA GLU A 110 10.65 -9.71 -13.40
C GLU A 110 11.40 -11.04 -13.47
N LYS A 28 -10.81 18.60 -11.83
CA LYS A 28 -10.54 17.14 -11.99
C LYS A 28 -10.44 16.48 -10.62
N GLY A 29 -10.87 15.26 -10.51
CA GLY A 29 -10.80 14.55 -9.19
C GLY A 29 -10.60 13.05 -9.42
N ASP A 30 -9.81 12.42 -8.60
CA ASP A 30 -9.58 10.95 -8.77
C ASP A 30 -8.73 10.43 -7.62
N GLY A 31 -8.29 9.20 -7.71
CA GLY A 31 -7.44 8.64 -6.62
C GLY A 31 -7.11 7.18 -6.93
N VAL A 32 -5.86 6.81 -6.85
CA VAL A 32 -5.47 5.40 -7.14
C VAL A 32 -4.21 5.05 -6.36
N VAL A 33 -4.31 4.13 -5.44
CA VAL A 33 -3.12 3.74 -4.64
C VAL A 33 -2.39 2.58 -5.34
N ARG A 34 -1.08 2.57 -5.31
CA ARG A 34 -0.33 1.48 -5.97
C ARG A 34 0.48 0.71 -4.92
N ILE A 35 0.09 -0.50 -4.63
CA ILE A 35 0.84 -1.29 -3.61
C ILE A 35 1.62 -2.41 -4.31
N GLN A 36 2.86 -2.17 -4.63
CA GLN A 36 3.68 -3.21 -5.31
C GLN A 36 4.26 -4.16 -4.27
N ARG A 37 5.00 -5.14 -4.70
CA ARG A 37 5.61 -6.10 -3.73
C ARG A 37 7.00 -6.52 -4.21
N GLN A 38 8.02 -5.97 -3.62
CA GLN A 38 9.40 -6.33 -4.05
C GLN A 38 9.88 -7.54 -3.25
N THR A 39 10.36 -8.55 -3.93
CA THR A 39 10.85 -9.76 -3.21
C THR A 39 12.24 -10.14 -3.72
N SER A 40 13.07 -10.69 -2.87
CA SER A 40 14.43 -11.07 -3.31
C SER A 40 14.57 -12.59 -3.28
N GLY A 41 15.30 -13.15 -4.21
CA GLY A 41 15.47 -14.63 -4.24
C GLY A 41 14.10 -15.31 -4.13
N ARG A 42 14.08 -16.54 -3.72
CA ARG A 42 12.77 -17.26 -3.59
C ARG A 42 12.28 -17.16 -2.14
N LYS A 43 11.14 -16.55 -1.93
CA LYS A 43 10.61 -16.42 -0.54
C LYS A 43 11.74 -15.96 0.39
N GLY A 44 11.53 -16.07 1.68
CA GLY A 44 12.59 -15.64 2.64
C GLY A 44 12.19 -14.31 3.27
N LYS A 45 11.46 -13.49 2.55
CA LYS A 45 11.06 -12.17 3.09
C LYS A 45 10.08 -11.49 2.13
N GLY A 46 9.54 -10.37 2.50
CA GLY A 46 8.58 -9.66 1.61
C GLY A 46 8.44 -8.21 2.05
N VAL A 47 8.28 -7.31 1.11
CA VAL A 47 8.13 -5.87 1.48
C VAL A 47 7.01 -5.24 0.66
N CYS A 48 6.39 -4.22 1.16
CA CYS A 48 5.28 -3.57 0.40
C CYS A 48 5.50 -2.06 0.37
N LEU A 49 5.43 -1.46 -0.79
CA LEU A 49 5.63 0.01 -0.88
C LEU A 49 4.36 0.68 -1.42
N ILE A 50 3.67 1.40 -0.59
CA ILE A 50 2.42 2.07 -1.06
C ILE A 50 2.71 3.54 -1.37
N THR A 51 2.46 3.96 -2.57
CA THR A 51 2.73 5.38 -2.93
C THR A 51 1.88 5.77 -4.16
N GLY A 52 1.80 7.03 -4.45
CA GLY A 52 1.00 7.47 -5.64
C GLY A 52 -0.47 7.59 -5.23
N VAL A 53 -0.75 8.24 -4.13
CA VAL A 53 -2.17 8.39 -3.69
C VAL A 53 -2.65 9.81 -4.00
N ASP A 54 -3.64 9.93 -4.84
CA ASP A 54 -4.16 11.29 -5.19
C ASP A 54 -5.16 11.73 -4.12
N LEU A 55 -4.68 12.23 -3.01
CA LEU A 55 -5.61 12.69 -1.93
C LEU A 55 -4.94 13.82 -1.14
N ASP A 56 -5.66 14.41 -0.23
CA ASP A 56 -5.07 15.51 0.58
C ASP A 56 -3.82 15.01 1.29
N ASP A 57 -3.03 15.90 1.83
CA ASP A 57 -1.79 15.47 2.54
C ASP A 57 -2.17 14.86 3.88
N ALA A 58 -3.18 15.38 4.53
CA ALA A 58 -3.59 14.82 5.84
C ALA A 58 -4.34 13.51 5.63
N GLU A 59 -5.02 13.37 4.51
CA GLU A 59 -5.77 12.12 4.25
C GLU A 59 -4.78 10.97 4.06
N LEU A 60 -3.64 11.23 3.49
CA LEU A 60 -2.64 10.15 3.28
C LEU A 60 -2.11 9.68 4.64
N THR A 61 -1.80 10.60 5.51
CA THR A 61 -1.29 10.20 6.85
C THR A 61 -2.36 9.37 7.57
N LYS A 62 -3.59 9.79 7.52
CA LYS A 62 -4.67 9.02 8.20
C LYS A 62 -4.69 7.59 7.64
N LEU A 63 -4.69 7.44 6.35
CA LEU A 63 -4.71 6.07 5.76
C LEU A 63 -3.53 5.27 6.29
N ALA A 64 -2.38 5.88 6.41
CA ALA A 64 -1.19 5.15 6.93
C ALA A 64 -1.46 4.69 8.36
N ALA A 65 -2.14 5.50 9.13
CA ALA A 65 -2.42 5.12 10.55
C ALA A 65 -3.44 3.97 10.57
N GLU A 66 -4.33 3.95 9.61
CA GLU A 66 -5.36 2.86 9.57
C GLU A 66 -4.69 1.54 9.18
N LEU A 67 -3.75 1.59 8.30
CA LEU A 67 -3.06 0.34 7.87
C LEU A 67 -2.21 -0.20 9.03
N LYS A 68 -1.33 0.61 9.55
CA LYS A 68 -0.48 0.13 10.68
C LYS A 68 -1.36 -0.42 11.78
N LYS A 69 -2.47 0.22 12.06
CA LYS A 69 -3.38 -0.28 13.12
C LYS A 69 -3.60 -1.79 12.95
N LYS A 70 -3.90 -2.21 11.74
CA LYS A 70 -4.11 -3.67 11.50
C LYS A 70 -2.93 -4.23 10.71
N CYS A 71 -1.74 -4.10 11.23
CA CYS A 71 -0.55 -4.62 10.51
C CYS A 71 0.28 -5.49 11.44
N GLY A 72 1.02 -4.87 12.33
CA GLY A 72 1.87 -5.67 13.27
C GLY A 72 3.31 -5.16 13.18
N CYS A 73 3.49 -3.86 13.28
CA CYS A 73 4.84 -3.21 13.20
C CYS A 73 4.92 -2.39 11.91
N GLY A 74 4.82 -1.10 12.02
CA GLY A 74 4.89 -0.23 10.80
C GLY A 74 6.36 0.02 10.44
N GLY A 75 6.67 0.06 9.17
CA GLY A 75 8.08 0.32 8.75
C GLY A 75 8.33 1.82 8.67
N ALA A 76 7.93 2.44 7.59
CA ALA A 76 8.15 3.91 7.45
C ALA A 76 6.84 4.60 7.06
N VAL A 77 6.41 5.57 7.82
CA VAL A 77 5.15 6.28 7.50
C VAL A 77 5.41 7.77 7.42
N LYS A 78 5.66 8.29 6.25
CA LYS A 78 5.93 9.75 6.12
C LYS A 78 4.90 10.38 5.16
N ASP A 79 4.47 11.57 5.45
CA ASP A 79 3.48 12.25 4.56
C ASP A 79 4.02 12.28 3.14
N GLY A 80 3.65 11.32 2.32
CA GLY A 80 4.14 11.30 0.92
C GLY A 80 4.28 9.85 0.45
N VAL A 81 4.87 9.01 1.25
CA VAL A 81 5.04 7.59 0.84
C VAL A 81 4.86 6.68 2.06
N ILE A 82 4.60 5.42 1.85
CA ILE A 82 4.41 4.48 2.98
C ILE A 82 5.11 3.16 2.69
N GLU A 83 5.58 2.49 3.70
CA GLU A 83 6.28 1.19 3.46
C GLU A 83 6.02 0.26 4.64
N ILE A 84 5.43 -0.88 4.40
CA ILE A 84 5.15 -1.83 5.51
C ILE A 84 5.87 -3.15 5.25
N GLN A 85 6.78 -3.53 6.10
CA GLN A 85 7.52 -4.80 5.90
C GLN A 85 6.59 -5.99 6.19
N GLY A 86 6.28 -6.77 5.19
CA GLY A 86 5.38 -7.93 5.41
C GLY A 86 5.01 -8.56 4.06
N ASP A 87 3.78 -8.93 3.89
CA ASP A 87 3.36 -9.56 2.59
C ASP A 87 1.86 -9.83 2.62
N LYS A 88 1.07 -8.83 2.92
CA LYS A 88 -0.40 -9.02 2.97
C LYS A 88 -1.05 -8.38 1.73
N ARG A 89 -0.42 -8.49 0.60
CA ARG A 89 -0.99 -7.88 -0.64
C ARG A 89 -2.45 -8.29 -0.77
N ASP A 90 -2.79 -9.49 -0.38
CA ASP A 90 -4.20 -9.95 -0.49
C ASP A 90 -5.11 -9.02 0.32
N LEU A 91 -4.69 -8.66 1.51
CA LEU A 91 -5.52 -7.75 2.34
C LEU A 91 -5.40 -6.33 1.81
N LEU A 92 -4.36 -6.04 1.07
CA LEU A 92 -4.19 -4.66 0.52
C LEU A 92 -5.26 -4.40 -0.54
N LYS A 93 -5.50 -5.36 -1.39
CA LYS A 93 -6.53 -5.16 -2.46
C LYS A 93 -7.91 -5.08 -1.82
N SER A 94 -8.07 -5.65 -0.65
CA SER A 94 -9.40 -5.61 0.03
C SER A 94 -9.63 -4.22 0.61
N LEU A 95 -8.79 -3.78 1.51
CA LEU A 95 -8.97 -2.42 2.09
C LEU A 95 -9.05 -1.39 0.98
N LEU A 96 -8.34 -1.58 -0.09
CA LEU A 96 -8.38 -0.60 -1.21
C LEU A 96 -9.77 -0.63 -1.86
N GLU A 97 -10.27 -1.79 -2.13
CA GLU A 97 -11.63 -1.89 -2.77
C GLU A 97 -12.68 -1.38 -1.79
N ALA A 98 -12.35 -1.27 -0.53
CA ALA A 98 -13.33 -0.77 0.47
C ALA A 98 -13.64 0.70 0.19
N LYS A 99 -12.66 1.45 -0.22
CA LYS A 99 -12.90 2.90 -0.51
C LYS A 99 -13.48 3.04 -1.92
N GLY A 100 -13.02 2.26 -2.85
CA GLY A 100 -13.54 2.36 -4.24
C GLY A 100 -12.50 3.02 -5.13
N MET A 101 -11.25 2.99 -4.73
CA MET A 101 -10.20 3.63 -5.57
C MET A 101 -9.60 2.58 -6.51
N LYS A 102 -8.98 3.02 -7.58
CA LYS A 102 -8.38 2.05 -8.54
C LYS A 102 -7.00 1.62 -8.03
N VAL A 103 -6.88 0.41 -7.55
CA VAL A 103 -5.57 -0.07 -7.05
C VAL A 103 -4.73 -0.60 -8.21
N LYS A 104 -3.45 -0.40 -8.17
CA LYS A 104 -2.58 -0.90 -9.29
C LYS A 104 -1.66 -1.99 -8.75
N LEU A 105 -2.13 -3.21 -8.70
CA LEU A 105 -1.28 -4.32 -8.20
C LEU A 105 0.10 -4.22 -8.83
N ALA A 106 0.20 -3.67 -10.00
CA ALA A 106 1.52 -3.54 -10.67
C ALA A 106 2.13 -4.94 -10.85
N GLY A 107 1.68 -5.67 -11.83
CA GLY A 107 2.24 -7.03 -12.07
C GLY A 107 1.94 -7.46 -13.50
N GLY A 108 2.43 -8.61 -13.90
CA GLY A 108 2.18 -9.08 -15.29
C GLY A 108 3.08 -10.27 -15.60
N LEU A 109 3.15 -10.69 -16.83
CA LEU A 109 4.02 -11.84 -17.19
C LEU A 109 5.48 -11.49 -16.90
N GLU A 110 6.25 -12.43 -16.45
CA GLU A 110 7.68 -12.15 -16.15
C GLU A 110 7.77 -10.99 -15.15
#